data_7KMA
#
_entry.id   7KMA
#
_cell.length_a   71.200
_cell.length_b   155.540
_cell.length_c   140.110
_cell.angle_alpha   90.000
_cell.angle_beta   103.893
_cell.angle_gamma   90.000
#
_symmetry.space_group_name_H-M   'P 1 21 1'
#
loop_
_entity.id
_entity.type
_entity.pdbx_description
1 polymer 'Translation initiation factor eIF-2B subunit alpha'
2 non-polymer 6-O-phosphono-alpha-D-mannopyranose
3 non-polymer 'ACETATE ION'
4 water water
#
_entity_poly.entity_id   1
_entity_poly.type   'polypeptide(L)'
_entity_poly.pdbx_seq_one_letter_code
;MDDKELIEYFKSQMKEDPDMASAVAAIRTLLEFLKRDKGETIQGLRANLTSAIETLCGVDSSVAVSSGGELFLRFISLAS
LEYSDYSKCKKIMIERGELFLRRISLSRNKIADLCHTFIKDGATILTHAYSRVVLRVLEAAVAAKKRFSVYVTESQPDLS
GKKMAKALCHLNVPVTVVLDAAVGYIMEKADLVIVGAEGVVENGGIINKIGTNQMAVCAKAQNKPFYVVAESFKFVRLFP
LNQQDVPDKFKYKADTLKVAQTGQDLKEEHPWVDYTAPSLITLLFTDLGVLTPSAVSDELIKLYLGGENLYFQ
;
_entity_poly.pdbx_strand_id   A,B,C,D,E,F,G,H
#
# COMPACT_ATOMS: atom_id res chain seq x y z
N ASP A 2 1.45 -49.13 -14.69
CA ASP A 2 2.33 -49.62 -13.65
C ASP A 2 3.40 -48.58 -13.32
N ASP A 3 3.97 -48.68 -12.11
CA ASP A 3 4.88 -47.65 -11.65
C ASP A 3 6.10 -47.53 -12.55
N LYS A 4 6.69 -48.65 -12.97
CA LYS A 4 8.03 -48.57 -13.56
C LYS A 4 8.03 -47.83 -14.89
N GLU A 5 6.99 -48.01 -15.70
CA GLU A 5 6.82 -47.20 -16.90
C GLU A 5 5.83 -46.07 -16.70
N LEU A 6 5.32 -45.91 -15.47
CA LEU A 6 4.87 -44.59 -15.02
C LEU A 6 6.07 -43.66 -14.79
N ILE A 7 7.14 -44.21 -14.22
CA ILE A 7 8.36 -43.45 -14.01
C ILE A 7 9.05 -43.17 -15.34
N GLU A 8 9.22 -44.20 -16.17
CA GLU A 8 9.90 -44.01 -17.44
C GLU A 8 9.19 -42.98 -18.31
N TYR A 9 7.85 -43.00 -18.30
CA TYR A 9 7.11 -41.96 -19.01
C TYR A 9 7.54 -40.58 -18.52
N PHE A 10 7.47 -40.37 -17.21
CA PHE A 10 7.91 -39.13 -16.59
C PHE A 10 9.34 -38.76 -16.99
N LYS A 11 10.31 -39.59 -16.58
CA LYS A 11 11.69 -39.35 -16.97
C LYS A 11 11.82 -39.11 -18.46
N SER A 12 11.14 -39.92 -19.27
CA SER A 12 11.22 -39.76 -20.72
C SER A 12 10.66 -38.41 -21.14
N GLN A 13 9.53 -38.01 -20.56
CA GLN A 13 8.97 -36.69 -20.88
C GLN A 13 9.95 -35.58 -20.52
N MET A 14 10.75 -35.78 -19.47
CA MET A 14 11.74 -34.79 -19.08
C MET A 14 12.99 -34.88 -19.95
N LYS A 15 13.41 -36.11 -20.31
CA LYS A 15 14.64 -36.26 -21.08
C LYS A 15 14.50 -35.70 -22.49
N GLU A 16 13.32 -35.80 -23.09
CA GLU A 16 13.14 -35.33 -24.46
C GLU A 16 12.95 -33.82 -24.53
N ASP A 17 12.33 -33.20 -23.52
CA ASP A 17 12.25 -31.75 -23.41
C ASP A 17 12.93 -31.32 -22.12
N PRO A 18 14.17 -30.82 -22.18
CA PRO A 18 14.84 -30.44 -20.92
C PRO A 18 14.23 -29.19 -20.32
N ASP A 19 13.99 -28.17 -21.12
N ASP A 19 13.97 -28.17 -21.12
CA ASP A 19 13.44 -26.91 -20.62
CA ASP A 19 13.42 -26.90 -20.67
C ASP A 19 12.00 -27.02 -20.14
C ASP A 19 12.04 -27.05 -20.04
N MET A 20 11.43 -28.22 -20.10
CA MET A 20 10.10 -28.43 -19.51
C MET A 20 10.23 -28.56 -18.00
N ALA A 21 9.42 -27.80 -17.26
CA ALA A 21 9.47 -27.84 -15.81
C ALA A 21 9.16 -29.24 -15.31
N SER A 22 9.87 -29.64 -14.24
CA SER A 22 9.63 -30.96 -13.67
C SER A 22 8.16 -31.13 -13.29
N ALA A 23 7.54 -30.07 -12.75
CA ALA A 23 6.12 -30.14 -12.42
C ALA A 23 5.30 -30.51 -13.64
N VAL A 24 5.32 -29.65 -14.66
CA VAL A 24 4.50 -29.87 -15.85
C VAL A 24 4.72 -31.27 -16.41
N ALA A 25 5.98 -31.73 -16.41
CA ALA A 25 6.24 -33.10 -16.83
C ALA A 25 5.42 -34.09 -16.02
N ALA A 26 5.35 -33.88 -14.70
CA ALA A 26 4.59 -34.80 -13.85
C ALA A 26 3.10 -34.70 -14.12
N ILE A 27 2.59 -33.49 -14.41
CA ILE A 27 1.17 -33.35 -14.69
C ILE A 27 0.80 -34.16 -15.93
N ARG A 28 1.62 -34.09 -16.98
CA ARG A 28 1.33 -34.85 -18.18
C ARG A 28 1.45 -36.34 -17.92
N THR A 29 2.39 -36.75 -17.07
CA THR A 29 2.48 -38.14 -16.67
C THR A 29 1.29 -38.55 -15.82
N LEU A 30 0.78 -37.63 -14.99
CA LEU A 30 -0.44 -37.91 -14.26
C LEU A 30 -1.65 -37.91 -15.18
N LEU A 31 -1.72 -36.92 -16.09
CA LEU A 31 -2.77 -36.90 -17.09
C LEU A 31 -2.77 -38.19 -17.90
N GLU A 32 -1.63 -38.53 -18.50
CA GLU A 32 -1.55 -39.75 -19.31
C GLU A 32 -1.90 -40.98 -18.48
N PHE A 33 -1.40 -41.05 -17.24
CA PHE A 33 -1.77 -42.16 -16.37
C PHE A 33 -3.28 -42.24 -16.20
N LEU A 34 -3.92 -41.10 -15.94
CA LEU A 34 -5.37 -41.08 -15.81
C LEU A 34 -6.04 -41.59 -17.08
N LYS A 35 -5.47 -41.27 -18.24
CA LYS A 35 -6.05 -41.75 -19.49
C LYS A 35 -5.96 -43.27 -19.58
N ARG A 36 -4.76 -43.83 -19.40
CA ARG A 36 -4.55 -45.27 -19.54
C ARG A 36 -5.12 -46.08 -18.39
N ASP A 37 -5.67 -45.44 -17.36
CA ASP A 37 -6.23 -46.19 -16.24
C ASP A 37 -7.42 -47.04 -16.71
N LYS A 38 -7.25 -48.37 -16.61
CA LYS A 38 -8.28 -49.31 -17.03
C LYS A 38 -9.18 -49.74 -15.87
N GLY A 39 -9.22 -48.97 -14.79
CA GLY A 39 -10.04 -49.30 -13.66
C GLY A 39 -11.52 -49.17 -13.97
N GLU A 40 -12.34 -49.48 -12.94
CA GLU A 40 -13.79 -49.39 -13.08
C GLU A 40 -14.45 -48.82 -11.83
N THR A 41 -13.72 -48.11 -10.99
CA THR A 41 -14.25 -47.55 -9.76
C THR A 41 -13.73 -46.12 -9.60
N ILE A 42 -14.64 -45.16 -9.42
CA ILE A 42 -14.27 -43.80 -9.07
C ILE A 42 -13.26 -43.80 -7.94
N GLN A 43 -13.30 -44.84 -7.12
CA GLN A 43 -12.67 -45.05 -5.82
C GLN A 43 -11.26 -45.60 -5.97
N GLY A 44 -11.11 -46.67 -6.74
CA GLY A 44 -9.79 -47.20 -7.03
C GLY A 44 -8.99 -46.31 -7.94
N LEU A 45 -9.68 -45.53 -8.79
CA LEU A 45 -9.01 -44.50 -9.57
C LEU A 45 -8.41 -43.44 -8.66
N ARG A 46 -9.22 -42.91 -7.75
CA ARG A 46 -8.74 -41.88 -6.82
C ARG A 46 -7.49 -42.36 -6.09
N ALA A 47 -7.52 -43.57 -5.54
CA ALA A 47 -6.37 -44.09 -4.81
C ALA A 47 -5.15 -44.20 -5.71
N ASN A 48 -5.29 -44.86 -6.87
CA ASN A 48 -4.14 -45.08 -7.74
C ASN A 48 -3.53 -43.77 -8.19
N LEU A 49 -4.33 -42.71 -8.32
CA LEU A 49 -3.77 -41.40 -8.64
C LEU A 49 -2.96 -40.87 -7.45
N THR A 50 -3.48 -41.03 -6.23
CA THR A 50 -2.71 -40.64 -5.06
C THR A 50 -1.47 -41.50 -4.91
N SER A 51 -1.47 -42.73 -5.42
CA SER A 51 -0.25 -43.53 -5.45
C SER A 51 0.69 -43.10 -6.56
N ALA A 52 0.15 -42.67 -7.70
CA ALA A 52 0.99 -42.24 -8.81
C ALA A 52 1.72 -40.94 -8.47
N ILE A 53 0.98 -39.93 -8.02
CA ILE A 53 1.60 -38.67 -7.61
C ILE A 53 2.77 -38.94 -6.68
N GLU A 54 2.54 -39.77 -5.67
CA GLU A 54 3.59 -40.05 -4.69
C GLU A 54 4.76 -40.78 -5.34
N THR A 55 4.48 -41.82 -6.12
CA THR A 55 5.54 -42.50 -6.85
C THR A 55 6.37 -41.51 -7.65
N LEU A 56 5.73 -40.51 -8.23
CA LEU A 56 6.44 -39.47 -8.97
C LEU A 56 7.28 -38.61 -8.04
N CYS A 57 6.74 -38.28 -6.87
CA CYS A 57 7.46 -37.43 -5.93
C CYS A 57 8.70 -38.11 -5.37
N GLY A 58 8.79 -39.43 -5.45
CA GLY A 58 9.96 -40.13 -4.97
C GLY A 58 11.14 -40.03 -5.90
N VAL A 59 10.89 -40.20 -7.20
CA VAL A 59 11.98 -40.20 -8.18
C VAL A 59 12.55 -38.80 -8.34
N ASP A 60 11.70 -37.79 -8.35
CA ASP A 60 12.12 -36.39 -8.40
C ASP A 60 11.43 -35.68 -7.26
N SER A 61 12.18 -35.34 -6.21
CA SER A 61 11.62 -34.69 -5.03
C SER A 61 11.89 -33.19 -5.03
N SER A 62 11.75 -32.54 -6.17
CA SER A 62 11.67 -31.09 -6.17
C SER A 62 10.36 -30.65 -5.53
N VAL A 63 10.38 -29.52 -4.84
CA VAL A 63 9.18 -29.05 -4.16
C VAL A 63 8.08 -28.70 -5.16
N ALA A 64 8.44 -28.38 -6.41
CA ALA A 64 7.42 -27.98 -7.37
C ALA A 64 6.62 -29.16 -7.89
N VAL A 65 7.22 -30.34 -7.98
CA VAL A 65 6.45 -31.50 -8.43
C VAL A 65 5.49 -31.96 -7.33
N SER A 66 5.82 -31.68 -6.07
CA SER A 66 4.89 -31.95 -4.99
C SER A 66 3.73 -30.94 -5.00
N SER A 67 4.04 -29.65 -4.94
CA SER A 67 3.00 -28.63 -4.89
C SER A 67 2.18 -28.63 -6.18
N GLY A 68 2.85 -28.64 -7.33
CA GLY A 68 2.13 -28.77 -8.58
C GLY A 68 1.25 -30.02 -8.62
N GLY A 69 1.78 -31.14 -8.14
CA GLY A 69 0.96 -32.33 -8.05
C GLY A 69 -0.26 -32.13 -7.16
N GLU A 70 -0.05 -31.51 -6.00
CA GLU A 70 -1.17 -31.24 -5.10
C GLU A 70 -2.20 -30.33 -5.77
N LEU A 71 -1.73 -29.31 -6.47
CA LEU A 71 -2.67 -28.36 -7.08
C LEU A 71 -3.45 -28.99 -8.21
N PHE A 72 -2.78 -29.80 -9.05
CA PHE A 72 -3.47 -30.42 -10.17
C PHE A 72 -4.54 -31.39 -9.68
N LEU A 73 -4.18 -32.24 -8.71
CA LEU A 73 -5.16 -33.15 -8.12
C LEU A 73 -6.28 -32.39 -7.43
N ARG A 74 -5.97 -31.25 -6.84
CA ARG A 74 -7.02 -30.40 -6.27
C ARG A 74 -7.97 -29.93 -7.35
N PHE A 75 -7.43 -29.40 -8.46
CA PHE A 75 -8.25 -28.95 -9.56
C PHE A 75 -9.15 -30.05 -10.13
N ILE A 76 -8.78 -31.31 -9.93
CA ILE A 76 -9.59 -32.43 -10.41
C ILE A 76 -10.57 -32.79 -9.30
N SER A 77 -11.78 -32.23 -9.37
CA SER A 77 -12.79 -32.47 -8.35
C SER A 77 -14.18 -32.69 -8.97
N ASP A 85 -20.42 -42.66 -11.18
CA ASP A 85 -20.65 -42.25 -12.59
C ASP A 85 -19.31 -42.28 -13.32
N TYR A 86 -18.38 -43.12 -12.85
CA TYR A 86 -16.97 -43.30 -13.34
C TYR A 86 -16.79 -42.98 -14.83
N SER A 87 -17.59 -43.58 -15.72
CA SER A 87 -17.49 -43.27 -17.16
C SER A 87 -17.50 -41.74 -17.36
N LYS A 88 -18.54 -41.07 -16.87
CA LYS A 88 -18.67 -39.61 -17.04
C LYS A 88 -17.51 -38.89 -16.35
N CYS A 89 -17.50 -38.94 -15.02
CA CYS A 89 -16.53 -38.33 -14.11
C CYS A 89 -15.14 -38.37 -14.70
N LYS A 90 -14.61 -39.57 -14.92
CA LYS A 90 -13.26 -39.73 -15.46
C LYS A 90 -13.02 -38.77 -16.62
N LYS A 91 -13.94 -38.72 -17.57
CA LYS A 91 -13.71 -37.95 -18.79
C LYS A 91 -13.51 -36.47 -18.47
N ILE A 92 -14.42 -35.86 -17.71
CA ILE A 92 -14.29 -34.42 -17.46
C ILE A 92 -13.13 -34.14 -16.51
N MET A 93 -12.80 -35.08 -15.61
CA MET A 93 -11.56 -34.95 -14.84
C MET A 93 -10.40 -34.71 -15.78
N ILE A 94 -10.30 -35.50 -16.84
CA ILE A 94 -9.23 -35.34 -17.81
C ILE A 94 -9.33 -33.99 -18.50
N GLU A 95 -10.55 -33.50 -18.73
CA GLU A 95 -10.73 -32.23 -19.41
C GLU A 95 -10.42 -31.06 -18.48
N ARG A 96 -10.77 -31.18 -17.19
CA ARG A 96 -10.28 -30.20 -16.22
C ARG A 96 -8.75 -30.26 -16.14
N GLY A 97 -8.19 -31.47 -16.08
CA GLY A 97 -6.75 -31.61 -15.98
C GLY A 97 -6.04 -31.04 -17.18
N GLU A 98 -6.60 -31.22 -18.37
CA GLU A 98 -6.00 -30.64 -19.56
C GLU A 98 -6.23 -29.14 -19.66
N LEU A 99 -7.30 -28.64 -19.03
CA LEU A 99 -7.46 -27.20 -18.89
C LEU A 99 -6.42 -26.63 -17.93
N PHE A 100 -6.24 -27.27 -16.78
CA PHE A 100 -5.21 -26.85 -15.83
C PHE A 100 -3.84 -26.86 -16.48
N LEU A 101 -3.52 -27.94 -17.21
CA LEU A 101 -2.23 -28.00 -17.90
C LEU A 101 -2.11 -26.88 -18.94
N ARG A 102 -3.21 -26.56 -19.62
CA ARG A 102 -3.16 -25.49 -20.61
C ARG A 102 -2.83 -24.15 -19.96
N ARG A 103 -3.31 -23.94 -18.71
CA ARG A 103 -3.12 -22.65 -18.07
C ARG A 103 -1.68 -22.46 -17.61
N ILE A 104 -1.11 -23.49 -16.95
CA ILE A 104 0.27 -23.37 -16.48
C ILE A 104 1.29 -23.40 -17.60
N SER A 105 0.84 -23.53 -18.83
CA SER A 105 1.71 -23.54 -19.99
C SER A 105 1.93 -22.14 -20.55
N LEU A 106 1.11 -21.18 -20.17
CA LEU A 106 1.35 -19.77 -20.50
C LEU A 106 2.03 -19.03 -19.36
N SER A 107 2.29 -19.70 -18.24
CA SER A 107 2.78 -19.02 -17.05
C SER A 107 4.13 -18.34 -17.32
N ARG A 108 5.04 -19.05 -17.97
CA ARG A 108 6.35 -18.49 -18.25
C ARG A 108 6.24 -17.24 -19.12
N ASN A 109 5.32 -17.24 -20.08
CA ASN A 109 5.18 -16.08 -20.96
C ASN A 109 4.70 -14.86 -20.18
N LYS A 110 3.62 -15.00 -19.40
CA LYS A 110 3.09 -13.85 -18.67
C LYS A 110 4.12 -13.29 -17.70
N ILE A 111 4.97 -14.13 -17.14
CA ILE A 111 6.05 -13.64 -16.28
C ILE A 111 7.02 -12.80 -17.09
N ALA A 112 7.48 -13.32 -18.22
CA ALA A 112 8.38 -12.57 -19.09
C ALA A 112 7.84 -11.17 -19.36
N ASP A 113 6.58 -11.07 -19.79
CA ASP A 113 5.98 -9.76 -20.04
C ASP A 113 6.04 -8.90 -18.78
N LEU A 114 5.66 -9.46 -17.64
CA LEU A 114 5.59 -8.69 -16.41
C LEU A 114 6.96 -8.15 -16.00
N CYS A 115 7.96 -9.04 -15.88
CA CYS A 115 9.20 -8.67 -15.22
C CYS A 115 10.10 -7.82 -16.09
N HIS A 116 10.15 -8.09 -17.40
CA HIS A 116 11.17 -7.48 -18.25
C HIS A 116 11.03 -5.95 -18.34
N THR A 117 9.91 -5.39 -17.89
CA THR A 117 9.77 -3.93 -17.88
C THR A 117 10.55 -3.27 -16.76
N PHE A 118 10.92 -4.02 -15.73
CA PHE A 118 11.69 -3.48 -14.60
C PHE A 118 13.18 -3.43 -14.89
N ILE A 119 13.60 -3.73 -16.11
CA ILE A 119 15.00 -3.73 -16.50
C ILE A 119 15.23 -2.42 -17.23
N LYS A 120 15.90 -1.48 -16.56
CA LYS A 120 16.29 -0.23 -17.19
C LYS A 120 17.41 -0.47 -18.21
N ASP A 121 17.44 0.35 -19.24
CA ASP A 121 18.50 0.28 -20.23
C ASP A 121 19.85 0.47 -19.54
N GLY A 122 20.88 -0.22 -20.05
CA GLY A 122 22.18 -0.15 -19.45
C GLY A 122 22.28 -0.76 -18.07
N ALA A 123 21.24 -1.45 -17.62
CA ALA A 123 21.29 -2.15 -16.35
C ALA A 123 22.30 -3.30 -16.41
N THR A 124 22.89 -3.62 -15.26
N THR A 124 22.94 -3.64 -15.35
CA THR A 124 23.69 -4.83 -15.11
CA THR A 124 23.73 -4.85 -15.20
C THR A 124 22.99 -5.69 -14.07
C THR A 124 23.03 -5.71 -14.16
N ILE A 125 22.56 -6.88 -14.49
CA ILE A 125 21.75 -7.78 -13.69
C ILE A 125 22.62 -8.88 -13.13
N LEU A 126 22.44 -9.18 -11.85
CA LEU A 126 23.13 -10.28 -11.18
C LEU A 126 22.12 -11.40 -10.95
N THR A 127 22.48 -12.61 -11.32
CA THR A 127 21.62 -13.76 -11.13
C THR A 127 22.44 -14.94 -10.60
N HIS A 128 21.74 -16.00 -10.23
CA HIS A 128 22.32 -17.16 -9.57
C HIS A 128 21.96 -18.40 -10.36
N ALA A 129 22.96 -19.16 -10.76
CA ALA A 129 22.70 -20.49 -11.30
C ALA A 129 21.86 -20.41 -12.57
N TYR A 130 21.15 -21.48 -12.89
CA TYR A 130 20.38 -21.56 -14.12
C TYR A 130 18.90 -21.52 -13.76
N SER A 131 18.18 -20.58 -14.34
CA SER A 131 16.72 -20.52 -14.21
C SER A 131 16.15 -20.37 -15.60
N ARG A 132 15.30 -21.32 -16.00
CA ARG A 132 14.64 -21.22 -17.30
C ARG A 132 13.70 -20.02 -17.34
N VAL A 133 13.16 -19.63 -16.18
CA VAL A 133 12.27 -18.47 -16.15
C VAL A 133 13.06 -17.17 -16.26
N VAL A 134 14.18 -17.07 -15.54
CA VAL A 134 15.01 -15.87 -15.68
C VAL A 134 15.41 -15.67 -17.13
N LEU A 135 15.81 -16.76 -17.80
CA LEU A 135 16.29 -16.65 -19.17
C LEU A 135 15.19 -16.20 -20.11
N ARG A 136 13.95 -16.65 -19.86
CA ARG A 136 12.82 -16.19 -20.66
C ARG A 136 12.58 -14.70 -20.45
N VAL A 137 12.72 -14.21 -19.21
CA VAL A 137 12.61 -12.78 -18.94
C VAL A 137 13.68 -12.02 -19.73
N LEU A 138 14.94 -12.42 -19.57
CA LEU A 138 16.02 -11.70 -20.25
C LEU A 138 15.87 -11.79 -21.76
N GLU A 139 15.36 -12.92 -22.26
CA GLU A 139 15.01 -13.01 -23.67
C GLU A 139 13.98 -11.94 -24.03
N ALA A 140 12.97 -11.75 -23.18
CA ALA A 140 11.94 -10.75 -23.47
C ALA A 140 12.51 -9.34 -23.45
N ALA A 141 13.50 -9.08 -22.59
CA ALA A 141 14.16 -7.78 -22.61
C ALA A 141 14.92 -7.57 -23.91
N VAL A 142 15.58 -8.62 -24.42
CA VAL A 142 16.23 -8.51 -25.73
C VAL A 142 15.19 -8.29 -26.82
N ALA A 143 14.05 -8.99 -26.72
CA ALA A 143 12.98 -8.79 -27.69
C ALA A 143 12.52 -7.33 -27.68
N ALA A 144 12.41 -6.73 -26.50
CA ALA A 144 12.03 -5.35 -26.32
C ALA A 144 13.16 -4.37 -26.62
N LYS A 145 14.26 -4.84 -27.21
CA LYS A 145 15.34 -3.95 -27.65
C LYS A 145 15.96 -3.20 -26.47
N LYS A 146 16.09 -3.89 -25.34
CA LYS A 146 16.76 -3.33 -24.17
C LYS A 146 18.18 -3.86 -24.09
N ARG A 147 19.11 -2.97 -23.74
CA ARG A 147 20.52 -3.30 -23.64
C ARG A 147 20.90 -3.44 -22.17
N PHE A 148 21.53 -4.58 -21.84
CA PHE A 148 21.88 -4.88 -20.46
C PHE A 148 23.02 -5.88 -20.44
N SER A 149 23.62 -6.04 -19.26
CA SER A 149 24.69 -7.00 -19.05
C SER A 149 24.33 -7.83 -17.84
N VAL A 150 25.07 -8.93 -17.63
CA VAL A 150 24.70 -9.90 -16.61
C VAL A 150 25.95 -10.42 -15.91
N TYR A 151 25.84 -10.58 -14.60
CA TYR A 151 26.75 -11.41 -13.81
C TYR A 151 25.95 -12.62 -13.33
N VAL A 152 26.57 -13.79 -13.37
CA VAL A 152 25.94 -15.00 -12.88
C VAL A 152 26.95 -15.82 -12.10
N THR A 153 26.48 -16.41 -10.99
CA THR A 153 27.36 -17.25 -10.18
C THR A 153 27.58 -18.58 -10.88
N GLU A 154 28.82 -19.09 -10.84
CA GLU A 154 29.07 -20.40 -11.44
C GLU A 154 28.24 -21.46 -10.76
N SER A 155 27.97 -21.30 -9.46
CA SER A 155 27.00 -22.10 -8.72
C SER A 155 27.37 -23.57 -8.62
N GLN A 156 28.29 -23.90 -7.71
CA GLN A 156 28.61 -25.29 -7.42
C GLN A 156 27.37 -25.99 -6.88
N PRO A 157 27.30 -27.33 -7.01
CA PRO A 157 28.33 -28.21 -7.56
C PRO A 157 28.21 -28.52 -9.05
N ASP A 158 27.01 -28.40 -9.61
CA ASP A 158 26.80 -28.75 -11.01
C ASP A 158 27.22 -27.66 -11.99
N LEU A 159 27.60 -26.48 -11.49
CA LEU A 159 28.02 -25.36 -12.33
C LEU A 159 26.95 -24.97 -13.34
N SER A 160 25.70 -24.91 -12.89
CA SER A 160 24.62 -24.40 -13.74
C SER A 160 24.94 -23.02 -14.32
N GLY A 161 25.78 -22.25 -13.65
CA GLY A 161 25.96 -20.87 -14.07
C GLY A 161 26.55 -20.73 -15.45
N LYS A 162 27.51 -21.58 -15.80
CA LYS A 162 28.07 -21.53 -17.14
C LYS A 162 27.02 -21.91 -18.18
N LYS A 163 26.15 -22.87 -17.84
CA LYS A 163 25.01 -23.18 -18.69
C LYS A 163 24.18 -21.93 -18.99
N MET A 164 23.96 -21.08 -17.98
CA MET A 164 23.21 -19.85 -18.20
C MET A 164 24.01 -18.84 -19.02
N ALA A 165 25.30 -18.69 -18.71
CA ALA A 165 26.13 -17.76 -19.48
C ALA A 165 26.16 -18.15 -20.95
N LYS A 166 26.38 -19.43 -21.25
CA LYS A 166 26.41 -19.88 -22.64
C LYS A 166 25.06 -19.62 -23.32
N ALA A 167 23.96 -19.99 -22.66
CA ALA A 167 22.64 -19.64 -23.17
C ALA A 167 22.53 -18.13 -23.40
N LEU A 168 23.10 -17.33 -22.49
CA LEU A 168 22.93 -15.90 -22.56
C LEU A 168 23.79 -15.26 -23.64
N CYS A 169 24.96 -15.83 -23.94
CA CYS A 169 25.78 -15.30 -25.01
C CYS A 169 25.19 -15.57 -26.38
N HIS A 170 24.33 -16.59 -26.50
CA HIS A 170 23.68 -16.88 -27.78
C HIS A 170 22.75 -15.76 -28.22
N LEU A 171 22.31 -14.90 -27.30
CA LEU A 171 21.55 -13.71 -27.61
C LEU A 171 22.41 -12.46 -27.57
N ASN A 172 23.73 -12.64 -27.45
CA ASN A 172 24.70 -11.55 -27.51
C ASN A 172 24.43 -10.51 -26.42
N VAL A 173 24.23 -10.97 -25.20
CA VAL A 173 24.27 -10.12 -24.01
C VAL A 173 25.61 -10.33 -23.31
N PRO A 174 26.31 -9.27 -22.94
CA PRO A 174 27.54 -9.45 -22.15
C PRO A 174 27.26 -10.10 -20.81
N VAL A 175 27.89 -11.27 -20.59
CA VAL A 175 27.70 -12.03 -19.36
C VAL A 175 29.08 -12.42 -18.82
N THR A 176 29.23 -12.32 -17.50
CA THR A 176 30.46 -12.72 -16.82
C THR A 176 30.11 -13.72 -15.72
N VAL A 177 30.83 -14.83 -15.68
CA VAL A 177 30.64 -15.83 -14.64
C VAL A 177 31.62 -15.54 -13.51
N VAL A 178 31.11 -15.53 -12.28
CA VAL A 178 31.92 -15.34 -11.09
C VAL A 178 31.79 -16.57 -10.21
N LEU A 179 32.76 -16.74 -9.32
CA LEU A 179 32.68 -17.79 -8.32
C LEU A 179 31.55 -17.50 -7.34
N ASP A 180 30.94 -18.57 -6.83
CA ASP A 180 29.97 -18.42 -5.73
C ASP A 180 30.53 -17.51 -4.64
N ALA A 181 31.81 -17.64 -4.34
CA ALA A 181 32.42 -16.86 -3.28
C ALA A 181 32.54 -15.37 -3.59
N ALA A 182 32.33 -14.96 -4.83
CA ALA A 182 32.58 -13.59 -5.24
C ALA A 182 31.31 -12.74 -5.30
N VAL A 183 30.19 -13.25 -4.82
CA VAL A 183 28.94 -12.48 -4.92
C VAL A 183 29.03 -11.22 -4.07
N GLY A 184 29.55 -11.33 -2.85
CA GLY A 184 29.74 -10.13 -2.05
C GLY A 184 30.68 -9.14 -2.70
N TYR A 185 31.66 -9.65 -3.45
CA TYR A 185 32.64 -8.79 -4.11
C TYR A 185 32.02 -8.08 -5.31
N ILE A 186 31.12 -8.73 -6.02
CA ILE A 186 30.56 -8.20 -7.26
C ILE A 186 29.29 -7.40 -7.05
N MET A 187 28.71 -7.44 -5.84
CA MET A 187 27.41 -6.83 -5.62
C MET A 187 27.39 -5.35 -6.00
N GLU A 188 28.47 -4.62 -5.71
CA GLU A 188 28.46 -3.18 -5.95
C GLU A 188 28.32 -2.84 -7.42
N LYS A 189 28.67 -3.76 -8.31
CA LYS A 189 28.59 -3.49 -9.74
C LYS A 189 27.20 -3.72 -10.32
N ALA A 190 26.32 -4.39 -9.58
CA ALA A 190 25.00 -4.73 -10.09
C ALA A 190 24.00 -3.63 -9.75
N ASP A 191 22.96 -3.51 -10.57
CA ASP A 191 21.86 -2.60 -10.30
C ASP A 191 20.64 -3.30 -9.75
N LEU A 192 20.56 -4.62 -9.91
CA LEU A 192 19.42 -5.39 -9.41
C LEU A 192 19.74 -6.87 -9.56
N VAL A 193 19.05 -7.68 -8.77
CA VAL A 193 19.22 -9.12 -8.76
C VAL A 193 17.91 -9.78 -9.17
N ILE A 194 17.98 -10.69 -10.13
CA ILE A 194 16.84 -11.50 -10.55
C ILE A 194 17.21 -12.96 -10.38
N VAL A 195 16.32 -13.73 -9.75
CA VAL A 195 16.49 -15.16 -9.59
C VAL A 195 15.14 -15.84 -9.77
N GLY A 196 15.19 -17.14 -10.05
CA GLY A 196 14.02 -17.99 -9.98
C GLY A 196 13.88 -18.66 -8.63
N ALA A 197 12.99 -19.64 -8.57
CA ALA A 197 12.78 -20.38 -7.34
C ALA A 197 12.25 -21.78 -7.65
N GLU A 198 12.63 -22.75 -6.81
CA GLU A 198 12.00 -24.06 -6.85
C GLU A 198 10.62 -24.02 -6.19
N GLY A 199 10.44 -23.23 -5.14
CA GLY A 199 9.15 -23.10 -4.49
C GLY A 199 8.98 -21.74 -3.85
N VAL A 200 7.74 -21.27 -3.82
CA VAL A 200 7.36 -20.05 -3.13
C VAL A 200 6.53 -20.48 -1.92
N VAL A 201 6.94 -20.04 -0.74
CA VAL A 201 6.33 -20.48 0.50
C VAL A 201 5.33 -19.44 0.98
N GLU A 202 4.60 -19.78 2.05
CA GLU A 202 3.41 -19.00 2.42
C GLU A 202 3.78 -17.61 2.92
N ASN A 203 4.92 -17.47 3.58
CA ASN A 203 5.30 -16.16 4.11
C ASN A 203 5.88 -15.25 3.03
N GLY A 204 5.95 -15.70 1.79
CA GLY A 204 6.44 -14.89 0.70
C GLY A 204 7.89 -15.13 0.32
N GLY A 205 8.62 -15.90 1.12
CA GLY A 205 9.97 -16.26 0.80
C GLY A 205 10.01 -17.39 -0.20
N ILE A 206 11.23 -17.84 -0.50
CA ILE A 206 11.44 -18.77 -1.60
C ILE A 206 12.46 -19.83 -1.24
N ILE A 207 12.40 -20.92 -2.01
CA ILE A 207 13.32 -22.04 -1.91
C ILE A 207 14.03 -22.12 -3.27
N ASN A 208 15.35 -22.00 -3.26
CA ASN A 208 16.08 -21.92 -4.51
C ASN A 208 17.50 -22.42 -4.30
N LYS A 209 18.18 -22.66 -5.42
CA LYS A 209 19.53 -23.22 -5.41
C LYS A 209 20.39 -22.65 -4.30
N ILE A 210 21.16 -23.52 -3.65
CA ILE A 210 22.04 -23.12 -2.56
C ILE A 210 22.91 -21.96 -3.02
N GLY A 211 22.97 -20.93 -2.20
CA GLY A 211 23.60 -19.68 -2.56
C GLY A 211 22.63 -18.53 -2.74
N THR A 212 21.34 -18.81 -2.92
CA THR A 212 20.37 -17.73 -3.10
C THR A 212 20.29 -16.86 -1.85
N ASN A 213 20.19 -17.50 -0.68
CA ASN A 213 20.06 -16.76 0.57
C ASN A 213 21.18 -15.73 0.73
N GLN A 214 22.44 -16.14 0.54
CA GLN A 214 23.52 -15.20 0.77
C GLN A 214 23.54 -14.10 -0.27
N MET A 215 23.17 -14.42 -1.51
CA MET A 215 23.04 -13.37 -2.51
C MET A 215 22.00 -12.35 -2.08
N ALA A 216 20.89 -12.82 -1.52
CA ALA A 216 19.83 -11.90 -1.10
C ALA A 216 20.27 -11.08 0.11
N VAL A 217 21.13 -11.62 0.95
CA VAL A 217 21.59 -10.87 2.11
C VAL A 217 22.57 -9.80 1.69
N CYS A 218 23.50 -10.14 0.80
CA CYS A 218 24.42 -9.14 0.28
C CYS A 218 23.70 -8.09 -0.54
N ALA A 219 22.59 -8.49 -1.20
CA ALA A 219 21.81 -7.53 -1.97
C ALA A 219 21.09 -6.53 -1.06
N LYS A 220 20.51 -7.00 0.04
CA LYS A 220 19.83 -6.07 0.93
C LYS A 220 20.80 -5.12 1.62
N ALA A 221 22.05 -5.55 1.83
CA ALA A 221 23.00 -4.72 2.56
C ALA A 221 23.54 -3.59 1.71
N GLN A 222 23.51 -3.74 0.38
CA GLN A 222 23.84 -2.67 -0.55
C GLN A 222 22.59 -2.07 -1.19
N ASN A 223 21.41 -2.35 -0.64
CA ASN A 223 20.15 -1.79 -1.12
C ASN A 223 20.02 -1.92 -2.64
N LYS A 224 20.22 -3.15 -3.12
CA LYS A 224 19.92 -3.52 -4.49
C LYS A 224 18.65 -4.35 -4.53
N PRO A 225 17.64 -3.96 -5.30
CA PRO A 225 16.41 -4.74 -5.30
C PRO A 225 16.66 -6.18 -5.69
N PHE A 226 15.87 -7.08 -5.12
CA PHE A 226 16.02 -8.54 -5.26
C PHE A 226 14.71 -9.08 -5.77
N TYR A 227 14.66 -9.40 -7.07
CA TYR A 227 13.44 -9.83 -7.73
C TYR A 227 13.44 -11.34 -7.96
N VAL A 228 12.28 -11.95 -7.75
CA VAL A 228 12.08 -13.38 -7.96
C VAL A 228 11.08 -13.55 -9.10
N VAL A 229 11.30 -14.59 -9.92
CA VAL A 229 10.42 -14.91 -11.04
C VAL A 229 10.08 -16.40 -10.95
N ALA A 230 8.80 -16.71 -10.74
CA ALA A 230 8.41 -18.09 -10.56
C ALA A 230 6.94 -18.28 -10.90
N GLU A 231 6.63 -19.46 -11.46
CA GLU A 231 5.26 -19.81 -11.78
C GLU A 231 4.46 -20.14 -10.51
N SER A 232 3.13 -19.99 -10.62
CA SER A 232 2.28 -20.11 -9.44
C SER A 232 2.08 -21.55 -8.98
N PHE A 233 2.40 -22.54 -9.82
CA PHE A 233 2.35 -23.92 -9.36
C PHE A 233 3.50 -24.27 -8.42
N LYS A 234 4.42 -23.32 -8.21
CA LYS A 234 5.50 -23.46 -7.25
C LYS A 234 5.10 -22.97 -5.85
N PHE A 235 3.87 -22.48 -5.69
CA PHE A 235 3.38 -22.06 -4.37
C PHE A 235 3.17 -23.30 -3.51
N VAL A 236 3.92 -23.41 -2.42
CA VAL A 236 3.90 -24.61 -1.61
C VAL A 236 3.41 -24.27 -0.20
N ARG A 237 2.74 -25.25 0.41
CA ARG A 237 2.13 -25.05 1.72
C ARG A 237 3.17 -25.36 2.78
N LEU A 238 4.07 -24.41 2.98
CA LEU A 238 5.07 -24.43 4.03
C LEU A 238 5.22 -23.03 4.58
N PHE A 239 5.67 -22.93 5.84
CA PHE A 239 5.95 -21.64 6.47
C PHE A 239 7.26 -21.76 7.25
N PRO A 240 8.38 -21.68 6.56
CA PRO A 240 9.67 -21.79 7.26
C PRO A 240 10.05 -20.53 8.02
N LEU A 241 10.74 -20.73 9.14
CA LEU A 241 11.35 -19.67 9.93
C LEU A 241 12.86 -19.66 9.85
N ASN A 242 13.48 -20.84 9.79
CA ASN A 242 14.92 -21.01 9.64
C ASN A 242 15.18 -22.08 8.58
N GLN A 243 16.46 -22.33 8.28
CA GLN A 243 16.79 -23.26 7.23
C GLN A 243 16.39 -24.69 7.59
N GLN A 244 16.34 -25.03 8.88
CA GLN A 244 15.98 -26.39 9.28
C GLN A 244 14.50 -26.68 9.12
N ASP A 245 13.66 -25.66 8.92
CA ASP A 245 12.24 -25.87 8.71
C ASP A 245 11.92 -26.34 7.29
N VAL A 246 12.83 -26.15 6.34
CA VAL A 246 12.67 -26.73 5.02
C VAL A 246 12.80 -28.24 5.14
N PRO A 247 11.79 -29.02 4.76
CA PRO A 247 11.89 -30.47 4.92
C PRO A 247 13.09 -31.04 4.19
N ASP A 248 13.78 -31.96 4.85
CA ASP A 248 14.96 -32.59 4.25
C ASP A 248 14.66 -33.24 2.91
N LYS A 249 13.40 -33.62 2.64
CA LYS A 249 13.11 -34.31 1.39
C LYS A 249 13.21 -33.38 0.18
N PHE A 250 13.03 -32.07 0.38
CA PHE A 250 13.28 -31.11 -0.69
C PHE A 250 14.68 -30.51 -0.63
N LYS A 251 15.48 -30.87 0.37
CA LYS A 251 16.78 -30.27 0.59
C LYS A 251 17.93 -31.07 -0.02
N TYR A 252 17.70 -32.32 -0.38
CA TYR A 252 18.71 -33.21 -0.97
C TYR A 252 18.14 -33.87 -2.21
N LYS A 253 17.53 -33.05 -3.07
CA LYS A 253 16.93 -33.53 -4.31
C LYS A 253 17.98 -33.65 -5.41
N ASP A 265 36.27 -35.53 13.54
CA ASP A 265 35.42 -36.29 12.64
C ASP A 265 34.99 -35.43 11.44
N LEU A 266 35.71 -35.55 10.33
CA LEU A 266 35.42 -34.75 9.14
C LEU A 266 34.08 -35.16 8.53
N LYS A 267 33.38 -34.17 7.98
CA LYS A 267 32.08 -34.37 7.34
C LYS A 267 31.97 -33.36 6.19
N GLU A 268 30.85 -33.41 5.46
CA GLU A 268 30.57 -32.39 4.47
C GLU A 268 29.07 -32.35 4.19
N GLU A 269 28.37 -31.43 4.86
CA GLU A 269 27.00 -31.11 4.50
C GLU A 269 26.93 -30.59 3.07
N HIS A 270 25.83 -30.89 2.38
CA HIS A 270 25.65 -30.37 1.04
C HIS A 270 24.17 -30.28 0.67
N PRO A 271 23.46 -29.27 1.16
CA PRO A 271 22.07 -29.06 0.73
C PRO A 271 22.02 -28.50 -0.69
N TRP A 272 20.97 -28.86 -1.42
CA TRP A 272 20.84 -28.44 -2.79
C TRP A 272 20.13 -27.11 -2.96
N VAL A 273 19.34 -26.70 -1.98
CA VAL A 273 18.71 -25.38 -2.00
C VAL A 273 18.66 -24.87 -0.57
N ASP A 274 18.59 -23.56 -0.43
CA ASP A 274 18.39 -22.91 0.85
C ASP A 274 17.09 -22.12 0.79
N TYR A 275 16.79 -21.41 1.88
CA TYR A 275 15.57 -20.65 2.05
C TYR A 275 15.91 -19.18 2.22
N THR A 276 15.14 -18.32 1.57
CA THR A 276 15.32 -16.87 1.62
C THR A 276 14.06 -16.26 2.21
N ALA A 277 14.21 -15.51 3.30
CA ALA A 277 13.06 -15.01 4.03
C ALA A 277 12.41 -13.86 3.27
N PRO A 278 11.13 -13.59 3.55
CA PRO A 278 10.45 -12.49 2.83
C PRO A 278 11.10 -11.13 3.03
N SER A 279 11.75 -10.90 4.17
CA SER A 279 12.38 -9.61 4.40
C SER A 279 13.52 -9.34 3.42
N LEU A 280 14.02 -10.37 2.73
CA LEU A 280 15.12 -10.24 1.79
C LEU A 280 14.66 -10.14 0.34
N ILE A 281 13.35 -10.04 0.10
CA ILE A 281 12.80 -10.13 -1.23
C ILE A 281 11.96 -8.89 -1.51
N THR A 282 12.26 -8.20 -2.61
CA THR A 282 11.58 -6.97 -2.94
C THR A 282 10.21 -7.27 -3.57
N LEU A 283 10.21 -7.91 -4.73
CA LEU A 283 8.98 -8.32 -5.39
C LEU A 283 9.17 -9.70 -5.99
N LEU A 284 8.04 -10.39 -6.19
CA LEU A 284 7.99 -11.63 -6.96
C LEU A 284 7.11 -11.42 -8.18
N PHE A 285 7.61 -11.83 -9.33
CA PHE A 285 6.86 -11.74 -10.58
C PHE A 285 6.31 -13.12 -10.92
N THR A 286 4.99 -13.19 -11.08
CA THR A 286 4.28 -14.46 -11.17
C THR A 286 3.21 -14.37 -12.24
N ASP A 287 2.70 -15.54 -12.66
CA ASP A 287 1.54 -15.56 -13.55
C ASP A 287 0.29 -15.02 -12.86
N LEU A 288 0.32 -14.86 -11.54
CA LEU A 288 -0.77 -14.22 -10.81
C LEU A 288 -0.61 -12.70 -10.69
N GLY A 289 0.54 -12.16 -11.07
CA GLY A 289 0.81 -10.74 -11.02
C GLY A 289 2.05 -10.42 -10.21
N VAL A 290 2.40 -9.13 -10.22
CA VAL A 290 3.48 -8.66 -9.36
C VAL A 290 3.00 -8.65 -7.91
N LEU A 291 3.81 -9.22 -7.03
CA LEU A 291 3.43 -9.42 -5.64
C LEU A 291 4.55 -9.00 -4.71
N THR A 292 4.17 -8.52 -3.52
CA THR A 292 5.10 -8.42 -2.41
C THR A 292 5.07 -9.70 -1.59
N PRO A 293 6.15 -10.01 -0.88
CA PRO A 293 6.15 -11.27 -0.09
C PRO A 293 4.96 -11.39 0.86
N SER A 294 4.57 -10.29 1.52
CA SER A 294 3.42 -10.36 2.43
C SER A 294 2.13 -10.68 1.68
N ALA A 295 2.03 -10.27 0.43
CA ALA A 295 0.83 -10.50 -0.36
C ALA A 295 0.69 -11.93 -0.85
N VAL A 296 1.75 -12.72 -0.77
CA VAL A 296 1.70 -14.08 -1.29
C VAL A 296 0.61 -14.87 -0.59
N SER A 297 0.47 -14.68 0.72
CA SER A 297 -0.45 -15.51 1.48
C SER A 297 -1.88 -15.40 0.94
N ASP A 298 -2.34 -14.19 0.66
CA ASP A 298 -3.68 -14.03 0.12
C ASP A 298 -3.81 -14.67 -1.26
N GLU A 299 -2.76 -14.58 -2.08
CA GLU A 299 -2.81 -15.19 -3.40
C GLU A 299 -2.69 -16.71 -3.32
N LEU A 300 -1.94 -17.22 -2.34
CA LEU A 300 -1.83 -18.66 -2.18
C LEU A 300 -3.19 -19.27 -1.85
N ILE A 301 -3.93 -18.63 -0.94
CA ILE A 301 -5.28 -19.09 -0.59
C ILE A 301 -6.15 -19.17 -1.84
N LYS A 302 -6.28 -18.04 -2.55
CA LYS A 302 -7.09 -18.00 -3.76
C LYS A 302 -6.67 -19.09 -4.74
N LEU A 303 -5.36 -19.35 -4.83
CA LEU A 303 -4.84 -20.34 -5.76
C LEU A 303 -5.24 -21.75 -5.35
N TYR A 304 -5.16 -22.07 -4.06
CA TYR A 304 -5.42 -23.43 -3.61
C TYR A 304 -6.92 -23.73 -3.54
N LEU A 305 -7.73 -22.77 -3.10
CA LEU A 305 -9.17 -22.99 -3.05
C LEU A 305 -9.75 -23.12 -4.45
N GLY A 306 -9.23 -22.36 -5.40
CA GLY A 306 -9.72 -22.39 -6.77
C GLY A 306 -9.17 -23.59 -7.54
N LYS B 4 2.57 -31.76 39.57
CA LYS B 4 1.35 -31.38 40.29
C LYS B 4 1.71 -30.60 41.54
N GLU B 5 3.00 -30.67 41.85
CA GLU B 5 3.63 -29.87 42.91
C GLU B 5 3.61 -28.41 42.42
N LEU B 6 3.57 -28.22 41.09
CA LEU B 6 3.58 -26.87 40.46
C LEU B 6 2.42 -26.77 39.45
N ILE B 7 1.42 -27.64 39.55
CA ILE B 7 0.22 -27.54 38.68
C ILE B 7 -0.78 -26.68 39.47
N GLU B 8 -0.76 -26.83 40.79
CA GLU B 8 -1.63 -26.05 41.69
C GLU B 8 -1.36 -24.57 41.40
N TYR B 9 -0.09 -24.19 41.38
CA TYR B 9 0.34 -22.79 41.11
C TYR B 9 -0.38 -22.29 39.87
N PHE B 10 -0.19 -22.97 38.75
CA PHE B 10 -0.83 -22.57 37.48
C PHE B 10 -2.34 -22.42 37.66
N LYS B 11 -3.00 -23.40 38.25
CA LYS B 11 -4.47 -23.30 38.41
C LYS B 11 -4.82 -22.19 39.40
N SER B 12 -4.00 -22.05 40.45
CA SER B 12 -4.25 -21.03 41.49
C SER B 12 -4.33 -19.66 40.81
N GLN B 13 -3.29 -19.31 40.05
CA GLN B 13 -3.19 -18.01 39.35
C GLN B 13 -4.48 -17.67 38.59
N MET B 14 -5.07 -18.61 37.86
CA MET B 14 -6.31 -18.29 37.11
C MET B 14 -7.52 -18.20 38.04
N LYS B 15 -7.44 -18.78 39.25
CA LYS B 15 -8.57 -18.68 40.20
C LYS B 15 -8.53 -17.27 40.81
N GLU B 16 -7.33 -16.82 41.14
CA GLU B 16 -7.15 -15.48 41.71
C GLU B 16 -7.61 -14.41 40.73
N ASP B 17 -7.22 -14.53 39.46
CA ASP B 17 -7.59 -13.57 38.43
C ASP B 17 -8.18 -14.31 37.23
N PRO B 18 -9.50 -14.55 37.23
CA PRO B 18 -10.10 -15.30 36.11
C PRO B 18 -9.97 -14.59 34.78
N ASP B 19 -9.78 -13.28 34.77
CA ASP B 19 -9.63 -12.53 33.54
C ASP B 19 -8.23 -12.62 32.97
N MET B 20 -7.29 -13.23 33.68
CA MET B 20 -5.93 -13.34 33.19
C MET B 20 -5.84 -14.43 32.13
N ALA B 21 -5.11 -14.12 31.06
CA ALA B 21 -4.92 -15.08 29.97
C ALA B 21 -4.13 -16.29 30.45
N SER B 22 -4.58 -17.47 30.07
CA SER B 22 -3.90 -18.69 30.47
C SER B 22 -2.42 -18.66 30.08
N ALA B 23 -2.11 -18.08 28.91
CA ALA B 23 -0.72 -17.97 28.51
C ALA B 23 0.08 -17.19 29.54
N VAL B 24 -0.43 -16.04 29.96
CA VAL B 24 0.29 -15.22 30.95
C VAL B 24 0.44 -15.99 32.26
N ALA B 25 -0.61 -16.71 32.66
CA ALA B 25 -0.51 -17.56 33.85
C ALA B 25 0.63 -18.56 33.68
N ALA B 26 0.65 -19.26 32.54
CA ALA B 26 1.62 -20.32 32.33
C ALA B 26 3.06 -19.79 32.39
N ILE B 27 3.28 -18.65 31.77
CA ILE B 27 4.63 -18.04 31.78
C ILE B 27 4.99 -17.68 33.22
N ARG B 28 4.02 -17.22 34.00
CA ARG B 28 4.35 -16.89 35.40
C ARG B 28 4.82 -18.14 36.12
N THR B 29 4.11 -19.25 35.92
CA THR B 29 4.44 -20.54 36.55
C THR B 29 5.88 -20.93 36.24
N LEU B 30 6.30 -20.80 34.99
CA LEU B 30 7.66 -21.22 34.60
C LEU B 30 8.71 -20.32 35.24
N LEU B 31 8.49 -19.01 35.25
CA LEU B 31 9.49 -18.11 35.86
C LEU B 31 9.70 -18.49 37.33
N GLU B 32 8.62 -18.75 38.06
CA GLU B 32 8.78 -19.10 39.50
C GLU B 32 9.18 -20.57 39.61
N PHE B 33 8.93 -21.37 38.57
CA PHE B 33 9.36 -22.80 38.66
C PHE B 33 10.87 -22.86 38.46
N LEU B 34 11.41 -21.91 37.70
CA LEU B 34 12.87 -21.82 37.49
C LEU B 34 13.54 -21.69 38.86
N LYS B 35 13.02 -20.83 39.75
CA LYS B 35 13.60 -20.66 41.11
C LYS B 35 13.78 -22.03 41.77
N ARG B 36 12.73 -22.85 41.80
CA ARG B 36 12.84 -24.21 42.40
C ARG B 36 13.20 -25.21 41.30
N ALA B 47 17.88 -26.42 31.60
CA ALA B 47 17.19 -26.42 30.31
C ALA B 47 16.37 -27.70 30.10
N ASN B 48 16.96 -28.85 30.49
CA ASN B 48 16.21 -30.10 30.44
C ASN B 48 15.01 -30.07 31.37
N LEU B 49 15.17 -29.42 32.54
CA LEU B 49 14.07 -29.34 33.49
C LEU B 49 12.97 -28.40 33.00
N THR B 50 13.35 -27.29 32.36
CA THR B 50 12.32 -26.42 31.78
C THR B 50 11.60 -27.13 30.63
N SER B 51 12.35 -27.86 29.79
CA SER B 51 11.71 -28.68 28.78
C SER B 51 10.67 -29.60 29.40
N ALA B 52 11.01 -30.20 30.55
CA ALA B 52 10.03 -31.00 31.28
C ALA B 52 8.84 -30.14 31.70
N ILE B 53 9.10 -28.90 32.13
CA ILE B 53 8.04 -28.05 32.67
C ILE B 53 7.04 -27.67 31.58
N GLU B 54 7.53 -27.20 30.43
CA GLU B 54 6.62 -26.78 29.36
C GLU B 54 5.78 -27.96 28.89
N THR B 55 6.43 -29.11 28.65
CA THR B 55 5.71 -30.29 28.17
C THR B 55 4.62 -30.70 29.17
N LEU B 56 4.95 -30.73 30.45
CA LEU B 56 4.01 -31.23 31.45
C LEU B 56 2.78 -30.35 31.58
N CYS B 57 2.83 -29.10 31.07
CA CYS B 57 1.65 -28.23 31.07
C CYS B 57 0.83 -28.54 29.83
N GLY B 58 0.29 -29.76 29.81
CA GLY B 58 -0.79 -30.12 28.92
C GLY B 58 -2.15 -29.94 29.51
N VAL B 59 -2.20 -29.35 30.71
CA VAL B 59 -3.47 -29.08 31.39
C VAL B 59 -4.39 -28.24 30.52
N ASP B 60 -3.84 -27.36 29.71
CA ASP B 60 -4.64 -26.41 28.94
C ASP B 60 -4.87 -26.91 27.52
N SER B 61 -5.95 -26.40 26.93
CA SER B 61 -6.54 -27.01 25.75
C SER B 61 -6.48 -26.16 24.49
N SER B 62 -5.94 -24.94 24.56
CA SER B 62 -6.12 -23.98 23.49
C SER B 62 -4.78 -23.41 23.02
N VAL B 63 -4.89 -22.50 22.05
CA VAL B 63 -3.74 -22.02 21.29
C VAL B 63 -2.76 -21.31 22.22
N ALA B 64 -3.25 -20.36 23.01
CA ALA B 64 -2.38 -19.36 23.60
C ALA B 64 -1.23 -19.97 24.39
N VAL B 65 -1.50 -21.05 25.13
CA VAL B 65 -0.48 -21.64 26.00
C VAL B 65 0.66 -22.21 25.14
N SER B 66 0.31 -22.98 24.10
CA SER B 66 1.33 -23.62 23.28
C SER B 66 2.27 -22.57 22.68
N SER B 67 1.70 -21.57 22.00
CA SER B 67 2.52 -20.48 21.48
C SER B 67 3.33 -19.83 22.58
N GLY B 68 2.69 -19.53 23.72
CA GLY B 68 3.38 -18.84 24.80
C GLY B 68 4.61 -19.58 25.28
N GLY B 69 4.46 -20.87 25.57
CA GLY B 69 5.55 -21.67 26.08
C GLY B 69 6.83 -21.57 25.27
N GLU B 70 6.76 -21.93 23.99
CA GLU B 70 7.95 -21.89 23.16
C GLU B 70 8.43 -20.45 22.95
N LEU B 71 7.50 -19.51 22.78
CA LEU B 71 7.90 -18.11 22.67
C LEU B 71 8.71 -17.66 23.89
N PHE B 72 8.30 -18.11 25.09
CA PHE B 72 9.04 -17.80 26.31
C PHE B 72 10.36 -18.56 26.35
N LEU B 73 10.29 -19.86 26.08
CA LEU B 73 11.49 -20.68 25.93
C LEU B 73 12.57 -19.99 25.10
N ARG B 74 12.20 -19.56 23.89
CA ARG B 74 13.19 -19.00 22.97
C ARG B 74 13.89 -17.80 23.56
N PHE B 75 13.11 -16.84 24.06
CA PHE B 75 13.66 -15.53 24.40
C PHE B 75 14.86 -15.65 25.33
N ILE B 76 14.82 -16.57 26.28
CA ILE B 76 15.96 -16.79 27.16
C ILE B 76 16.99 -17.63 26.40
N SER B 77 18.07 -17.00 25.97
CA SER B 77 19.11 -17.67 25.19
C SER B 77 19.99 -18.54 26.09
N LYS B 91 21.96 -18.75 34.22
CA LYS B 91 21.83 -18.33 35.62
C LYS B 91 21.16 -16.97 35.70
N ILE B 92 21.52 -16.08 34.78
CA ILE B 92 20.90 -14.76 34.70
C ILE B 92 19.77 -14.73 33.68
N MET B 93 19.29 -15.91 33.26
CA MET B 93 18.08 -15.99 32.45
C MET B 93 16.88 -15.39 33.17
N ILE B 94 16.86 -15.49 34.51
CA ILE B 94 15.75 -14.95 35.29
C ILE B 94 15.56 -13.47 34.98
N GLU B 95 16.64 -12.69 35.08
CA GLU B 95 16.54 -11.27 34.75
C GLU B 95 15.92 -11.06 33.37
N ARG B 96 16.35 -11.88 32.39
CA ARG B 96 15.75 -11.82 31.06
C ARG B 96 14.31 -12.31 31.07
N GLY B 97 14.03 -13.35 31.87
CA GLY B 97 12.70 -13.94 31.84
C GLY B 97 11.60 -12.95 32.17
N GLU B 98 11.82 -12.08 33.16
CA GLU B 98 10.80 -11.11 33.53
C GLU B 98 10.71 -9.96 32.55
N LEU B 99 11.74 -9.72 31.75
CA LEU B 99 11.57 -8.83 30.60
C LEU B 99 10.50 -9.37 29.68
N PHE B 100 10.52 -10.68 29.42
CA PHE B 100 9.47 -11.31 28.63
C PHE B 100 8.11 -11.14 29.29
N LEU B 101 7.95 -11.69 30.50
CA LEU B 101 6.68 -11.62 31.19
C LEU B 101 6.18 -10.19 31.30
N ARG B 102 7.08 -9.24 31.52
CA ARG B 102 6.67 -7.84 31.59
C ARG B 102 5.99 -7.41 30.29
N ARG B 103 6.52 -7.86 29.15
CA ARG B 103 5.99 -7.40 27.86
C ARG B 103 4.63 -8.01 27.59
N ILE B 104 4.48 -9.32 27.78
CA ILE B 104 3.20 -9.94 27.44
C ILE B 104 2.13 -9.54 28.46
N SER B 105 2.53 -9.22 29.70
CA SER B 105 1.56 -8.76 30.68
C SER B 105 1.05 -7.36 30.35
N LEU B 106 1.79 -6.60 29.54
CA LEU B 106 1.31 -5.31 29.06
C LEU B 106 0.52 -5.42 27.76
N SER B 107 0.47 -6.62 27.17
CA SER B 107 -0.13 -6.78 25.84
C SER B 107 -1.53 -6.15 25.78
N ARG B 108 -2.39 -6.51 26.72
CA ARG B 108 -3.79 -6.09 26.64
C ARG B 108 -3.93 -4.57 26.68
N ASN B 109 -3.37 -3.93 27.71
CA ASN B 109 -3.57 -2.50 27.83
C ASN B 109 -2.92 -1.73 26.69
N LYS B 110 -1.95 -2.33 26.00
CA LYS B 110 -1.39 -1.69 24.81
C LYS B 110 -2.34 -1.85 23.63
N ILE B 111 -3.02 -2.99 23.53
CA ILE B 111 -4.09 -3.13 22.54
C ILE B 111 -5.21 -2.14 22.85
N ALA B 112 -5.66 -2.14 24.11
CA ALA B 112 -6.70 -1.20 24.51
C ALA B 112 -6.34 0.24 24.14
N ASP B 113 -5.04 0.56 24.13
CA ASP B 113 -4.60 1.89 23.73
C ASP B 113 -4.68 2.08 22.20
N LEU B 114 -4.35 1.05 21.44
CA LEU B 114 -4.35 1.17 19.98
C LEU B 114 -5.76 1.43 19.45
N CYS B 115 -6.73 0.61 19.87
CA CYS B 115 -8.11 0.68 19.37
C CYS B 115 -8.89 1.84 19.98
N HIS B 116 -8.30 2.55 20.94
CA HIS B 116 -8.95 3.68 21.60
C HIS B 116 -9.69 4.58 20.62
N THR B 117 -9.02 4.97 19.52
CA THR B 117 -9.51 5.98 18.61
C THR B 117 -10.50 5.45 17.58
N PHE B 118 -10.60 4.13 17.42
CA PHE B 118 -11.51 3.61 16.41
C PHE B 118 -12.95 3.54 16.88
N ILE B 119 -13.22 3.86 18.14
CA ILE B 119 -14.57 3.79 18.70
C ILE B 119 -15.07 5.22 18.80
N LYS B 120 -15.76 5.68 17.74
CA LYS B 120 -16.33 7.02 17.72
C LYS B 120 -17.59 7.06 18.59
N ASP B 121 -17.73 8.15 19.35
CA ASP B 121 -18.91 8.30 20.19
C ASP B 121 -20.17 8.24 19.34
N GLY B 122 -21.22 7.67 19.94
CA GLY B 122 -22.45 7.41 19.20
C GLY B 122 -22.39 6.19 18.32
N ALA B 123 -21.29 5.44 18.34
CA ALA B 123 -21.16 4.24 17.54
C ALA B 123 -21.96 3.11 18.17
N THR B 124 -22.39 2.19 17.32
CA THR B 124 -23.05 0.96 17.74
C THR B 124 -22.14 -0.20 17.35
N ILE B 125 -21.63 -0.91 18.35
CA ILE B 125 -20.61 -1.93 18.14
C ILE B 125 -21.26 -3.30 18.25
N LEU B 126 -20.96 -4.18 17.29
CA LEU B 126 -21.36 -5.58 17.34
C LEU B 126 -20.17 -6.41 17.78
N THR B 127 -20.40 -7.34 18.71
CA THR B 127 -19.34 -8.24 19.13
C THR B 127 -19.93 -9.63 19.36
N HIS B 128 -19.05 -10.61 19.52
CA HIS B 128 -19.45 -12.02 19.60
C HIS B 128 -18.88 -12.65 20.87
N ALA B 129 -19.77 -13.20 21.69
CA ALA B 129 -19.35 -14.02 22.82
C ALA B 129 -18.62 -13.17 23.85
N TYR B 130 -17.73 -13.78 24.61
CA TYR B 130 -16.99 -13.12 25.67
C TYR B 130 -15.54 -13.04 25.25
N SER B 131 -15.03 -11.82 25.10
CA SER B 131 -13.62 -11.58 24.85
C SER B 131 -13.11 -10.62 25.91
N ARG B 132 -12.15 -11.08 26.71
CA ARG B 132 -11.59 -10.23 27.76
C ARG B 132 -10.86 -9.04 27.15
N VAL B 133 -10.20 -9.25 26.00
CA VAL B 133 -9.49 -8.16 25.34
C VAL B 133 -10.49 -7.14 24.82
N VAL B 134 -11.61 -7.60 24.26
CA VAL B 134 -12.66 -6.69 23.81
C VAL B 134 -13.19 -5.86 24.98
N LEU B 135 -13.46 -6.54 26.09
CA LEU B 135 -13.99 -5.85 27.28
C LEU B 135 -13.01 -4.77 27.70
N ARG B 136 -11.71 -5.07 27.71
CA ARG B 136 -10.70 -4.07 28.15
C ARG B 136 -10.63 -2.91 27.17
N VAL B 137 -10.87 -3.13 25.89
CA VAL B 137 -10.85 -2.03 24.89
C VAL B 137 -12.06 -1.16 25.15
N LEU B 138 -13.19 -1.81 25.38
CA LEU B 138 -14.45 -1.11 25.66
C LEU B 138 -14.30 -0.40 27.00
N GLU B 139 -13.85 -1.13 28.04
CA GLU B 139 -13.59 -0.52 29.34
C GLU B 139 -12.74 0.73 29.19
N ALA B 140 -11.68 0.64 28.37
CA ALA B 140 -10.78 1.78 28.18
C ALA B 140 -11.49 2.93 27.46
N ALA B 141 -12.47 2.62 26.62
CA ALA B 141 -13.24 3.69 26.00
C ALA B 141 -14.18 4.35 27.01
N VAL B 142 -14.81 3.54 27.86
CA VAL B 142 -15.63 4.11 28.93
C VAL B 142 -14.77 4.93 29.88
N ALA B 143 -13.52 4.53 30.09
CA ALA B 143 -12.64 5.27 30.99
C ALA B 143 -12.26 6.62 30.39
N ALA B 144 -12.20 6.71 29.06
CA ALA B 144 -12.13 8.00 28.39
C ALA B 144 -13.54 8.56 28.24
N LYS B 145 -13.65 9.77 27.70
CA LYS B 145 -14.94 10.47 27.71
C LYS B 145 -15.84 9.99 26.56
N LYS B 146 -16.18 8.70 26.60
CA LYS B 146 -16.87 8.09 25.47
C LYS B 146 -18.11 7.32 25.87
N ARG B 147 -19.13 7.41 25.02
CA ARG B 147 -20.36 6.64 25.15
C ARG B 147 -20.64 5.95 23.82
N PHE B 148 -21.30 4.81 23.90
CA PHE B 148 -21.57 3.97 22.74
C PHE B 148 -22.50 2.85 23.18
N SER B 149 -23.13 2.21 22.22
CA SER B 149 -24.00 1.08 22.49
C SER B 149 -23.39 -0.19 21.89
N VAL B 150 -23.74 -1.34 22.46
CA VAL B 150 -23.17 -2.62 22.05
C VAL B 150 -24.29 -3.62 21.79
N TYR B 151 -24.11 -4.41 20.75
CA TYR B 151 -24.87 -5.63 20.50
C TYR B 151 -23.92 -6.80 20.68
N VAL B 152 -24.36 -7.86 21.34
CA VAL B 152 -23.53 -9.04 21.54
C VAL B 152 -24.36 -10.30 21.34
N THR B 153 -23.78 -11.29 20.69
CA THR B 153 -24.44 -12.58 20.50
C THR B 153 -24.38 -13.37 21.81
N GLU B 154 -25.50 -13.96 22.21
CA GLU B 154 -25.50 -14.80 23.40
C GLU B 154 -24.46 -15.91 23.27
N SER B 155 -24.29 -16.45 22.06
CA SER B 155 -23.26 -17.43 21.77
C SER B 155 -23.51 -18.74 22.49
N GLN B 156 -24.24 -19.66 21.85
CA GLN B 156 -24.38 -21.00 22.38
C GLN B 156 -23.04 -21.73 22.28
N PRO B 157 -22.83 -22.75 23.12
CA PRO B 157 -23.79 -23.27 24.10
C PRO B 157 -23.57 -22.76 25.53
N ASP B 158 -22.45 -22.09 25.80
CA ASP B 158 -22.19 -21.59 27.14
C ASP B 158 -22.86 -20.24 27.42
N LEU B 159 -23.34 -19.55 26.38
CA LEU B 159 -24.02 -18.26 26.54
C LEU B 159 -23.09 -17.21 27.15
N SER B 160 -21.81 -17.29 26.80
CA SER B 160 -20.84 -16.34 27.31
C SER B 160 -21.18 -14.90 26.94
N GLY B 161 -21.94 -14.70 25.85
CA GLY B 161 -22.34 -13.35 25.50
C GLY B 161 -23.12 -12.65 26.59
N LYS B 162 -23.91 -13.40 27.36
CA LYS B 162 -24.58 -12.81 28.51
C LYS B 162 -23.58 -12.26 29.50
N LYS B 163 -22.46 -12.96 29.70
CA LYS B 163 -21.42 -12.46 30.59
C LYS B 163 -20.93 -11.09 30.13
N MET B 164 -20.67 -10.95 28.82
CA MET B 164 -20.16 -9.70 28.28
C MET B 164 -21.16 -8.57 28.45
N ALA B 165 -22.45 -8.88 28.38
CA ALA B 165 -23.46 -7.84 28.54
C ALA B 165 -23.56 -7.38 30.00
N LYS B 166 -23.42 -8.30 30.96
CA LYS B 166 -23.41 -7.91 32.36
C LYS B 166 -22.18 -7.06 32.68
N ALA B 167 -21.01 -7.47 32.19
CA ALA B 167 -19.81 -6.68 32.37
C ALA B 167 -20.00 -5.26 31.83
N LEU B 168 -20.58 -5.15 30.64
CA LEU B 168 -20.77 -3.84 30.02
C LEU B 168 -21.81 -3.02 30.79
N CYS B 169 -22.87 -3.66 31.28
CA CYS B 169 -23.87 -2.93 32.07
C CYS B 169 -23.23 -2.29 33.29
N HIS B 170 -22.31 -2.99 33.94
CA HIS B 170 -21.66 -2.43 35.11
C HIS B 170 -20.90 -1.15 34.79
N LEU B 171 -20.62 -0.90 33.51
CA LEU B 171 -20.06 0.37 33.07
C LEU B 171 -21.11 1.25 32.38
N ASN B 172 -22.39 0.98 32.62
CA ASN B 172 -23.50 1.74 32.05
C ASN B 172 -23.34 1.94 30.54
N VAL B 173 -23.03 0.86 29.84
CA VAL B 173 -23.04 0.83 28.38
C VAL B 173 -24.37 0.22 27.95
N PRO B 174 -25.15 0.90 27.11
CA PRO B 174 -26.38 0.26 26.58
C PRO B 174 -26.00 -0.93 25.72
N VAL B 175 -26.44 -2.12 26.15
CA VAL B 175 -26.05 -3.37 25.51
C VAL B 175 -27.30 -4.23 25.32
N THR B 176 -27.52 -4.69 24.10
CA THR B 176 -28.57 -5.65 23.81
C THR B 176 -27.94 -6.98 23.43
N VAL B 177 -28.41 -8.04 24.06
CA VAL B 177 -28.01 -9.39 23.71
C VAL B 177 -28.95 -9.89 22.62
N VAL B 178 -28.37 -10.51 21.59
CA VAL B 178 -29.14 -11.02 20.46
C VAL B 178 -28.82 -12.50 20.29
N LEU B 179 -29.78 -13.24 19.73
CA LEU B 179 -29.56 -14.64 19.41
C LEU B 179 -28.54 -14.79 18.30
N ASP B 180 -27.76 -15.89 18.35
CA ASP B 180 -26.81 -16.17 17.28
C ASP B 180 -27.47 -16.09 15.91
N ALA B 181 -28.76 -16.41 15.84
CA ALA B 181 -29.45 -16.39 14.55
C ALA B 181 -29.73 -14.99 14.04
N ALA B 182 -29.58 -13.97 14.88
CA ALA B 182 -30.01 -12.62 14.54
C ALA B 182 -28.86 -11.74 14.06
N VAL B 183 -27.69 -12.31 13.82
CA VAL B 183 -26.56 -11.49 13.38
C VAL B 183 -26.85 -10.88 12.02
N GLY B 184 -27.26 -11.70 11.05
CA GLY B 184 -27.65 -11.16 9.77
C GLY B 184 -28.71 -10.09 9.88
N TYR B 185 -29.68 -10.29 10.77
CA TYR B 185 -30.78 -9.33 10.92
C TYR B 185 -30.32 -8.04 11.56
N ILE B 186 -29.36 -8.10 12.47
CA ILE B 186 -28.93 -6.94 13.22
C ILE B 186 -27.79 -6.18 12.56
N MET B 187 -27.14 -6.77 11.55
CA MET B 187 -25.94 -6.15 11.00
C MET B 187 -26.19 -4.72 10.54
N GLU B 188 -27.36 -4.47 9.95
CA GLU B 188 -27.63 -3.12 9.44
C GLU B 188 -27.60 -2.09 10.56
N LYS B 189 -27.83 -2.48 11.80
CA LYS B 189 -27.83 -1.55 12.92
C LYS B 189 -26.45 -1.31 13.51
N ALA B 190 -25.41 -1.89 12.95
CA ALA B 190 -24.07 -1.84 13.53
C ALA B 190 -23.14 -0.99 12.67
N ASP B 191 -22.36 -0.13 13.33
CA ASP B 191 -21.35 0.65 12.63
C ASP B 191 -20.09 -0.16 12.34
N LEU B 192 -19.71 -1.05 13.25
CA LEU B 192 -18.50 -1.83 13.08
C LEU B 192 -18.61 -3.08 13.96
N VAL B 193 -17.78 -4.08 13.64
CA VAL B 193 -17.72 -5.32 14.39
C VAL B 193 -16.34 -5.46 15.02
N ILE B 194 -16.31 -5.92 16.28
CA ILE B 194 -15.06 -6.09 17.01
C ILE B 194 -15.13 -7.42 17.73
N VAL B 195 -14.15 -8.29 17.48
CA VAL B 195 -14.06 -9.60 18.13
C VAL B 195 -12.63 -9.78 18.61
N GLY B 196 -12.47 -10.77 19.50
CA GLY B 196 -11.17 -11.26 19.89
C GLY B 196 -10.76 -12.43 19.05
N ALA B 197 -9.79 -13.19 19.53
CA ALA B 197 -9.32 -14.36 18.78
C ALA B 197 -8.67 -15.34 19.73
N GLU B 198 -8.87 -16.62 19.49
CA GLU B 198 -8.22 -17.65 20.30
C GLU B 198 -6.83 -17.87 19.69
N GLY B 199 -6.72 -17.65 18.39
CA GLY B 199 -5.44 -17.80 17.67
C GLY B 199 -5.40 -16.98 16.40
N VAL B 200 -4.28 -16.31 16.18
CA VAL B 200 -4.06 -15.55 14.92
C VAL B 200 -3.19 -16.48 14.08
N VAL B 201 -3.68 -16.88 12.92
CA VAL B 201 -2.95 -17.86 12.11
C VAL B 201 -2.07 -17.15 11.10
N GLU B 202 -1.20 -17.93 10.44
CA GLU B 202 -0.12 -17.36 9.66
C GLU B 202 -0.63 -16.48 8.52
N ASN B 203 -1.77 -16.82 7.91
CA ASN B 203 -2.26 -16.02 6.80
C ASN B 203 -3.03 -14.79 7.24
N GLY B 204 -3.11 -14.52 8.53
CA GLY B 204 -3.79 -13.35 9.03
C GLY B 204 -5.24 -13.57 9.43
N GLY B 205 -5.78 -14.77 9.20
CA GLY B 205 -7.09 -15.12 9.70
C GLY B 205 -7.02 -15.37 11.19
N ILE B 206 -8.13 -15.85 11.73
CA ILE B 206 -8.24 -16.04 13.17
C ILE B 206 -9.07 -17.27 13.48
N ILE B 207 -8.71 -17.94 14.56
CA ILE B 207 -9.51 -19.01 15.16
C ILE B 207 -10.25 -18.40 16.34
N ASN B 208 -11.57 -18.59 16.38
CA ASN B 208 -12.35 -17.98 17.44
C ASN B 208 -13.61 -18.78 17.68
N LYS B 209 -14.29 -18.51 18.80
CA LYS B 209 -15.58 -19.10 19.20
C LYS B 209 -16.51 -19.25 18.00
N ILE B 210 -17.05 -20.44 17.83
CA ILE B 210 -17.99 -20.80 16.73
C ILE B 210 -19.04 -19.70 16.59
N GLY B 211 -19.21 -19.25 15.36
CA GLY B 211 -20.09 -18.14 15.07
C GLY B 211 -19.38 -16.90 14.61
N THR B 212 -18.07 -16.84 14.78
CA THR B 212 -17.31 -15.67 14.35
C THR B 212 -17.26 -15.58 12.83
N ASN B 213 -17.09 -16.72 12.16
CA ASN B 213 -16.97 -16.70 10.71
C ASN B 213 -18.21 -16.10 10.07
N GLN B 214 -19.40 -16.56 10.46
CA GLN B 214 -20.62 -16.05 9.84
C GLN B 214 -20.81 -14.56 10.13
N MET B 215 -20.39 -14.10 11.29
CA MET B 215 -20.50 -12.67 11.60
C MET B 215 -19.66 -11.85 10.63
N ALA B 216 -18.48 -12.36 10.28
CA ALA B 216 -17.61 -11.63 9.37
C ALA B 216 -18.16 -11.64 7.95
N VAL B 217 -18.79 -12.74 7.55
CA VAL B 217 -19.37 -12.80 6.23
C VAL B 217 -20.55 -11.84 6.13
N CYS B 218 -21.34 -11.75 7.19
CA CYS B 218 -22.46 -10.81 7.18
C CYS B 218 -21.97 -9.37 7.19
N ALA B 219 -20.85 -9.12 7.88
CA ALA B 219 -20.28 -7.77 7.89
C ALA B 219 -19.78 -7.36 6.51
N LYS B 220 -19.08 -8.25 5.81
CA LYS B 220 -18.54 -7.90 4.50
C LYS B 220 -19.66 -7.60 3.51
N ALA B 221 -20.77 -8.34 3.60
CA ALA B 221 -21.86 -8.14 2.66
C ALA B 221 -22.55 -6.79 2.87
N GLN B 222 -22.49 -6.23 4.07
CA GLN B 222 -23.04 -4.91 4.36
C GLN B 222 -21.93 -3.87 4.56
N ASN B 223 -20.70 -4.19 4.18
CA ASN B 223 -19.57 -3.27 4.25
C ASN B 223 -19.42 -2.66 5.63
N LYS B 224 -19.46 -3.50 6.64
CA LYS B 224 -19.10 -3.07 7.98
C LYS B 224 -17.68 -3.51 8.29
N PRO B 225 -16.81 -2.66 8.83
CA PRO B 225 -15.46 -3.12 9.16
C PRO B 225 -15.48 -4.21 10.21
N PHE B 226 -14.56 -5.16 10.09
CA PHE B 226 -14.41 -6.30 10.99
C PHE B 226 -13.04 -6.17 11.65
N TYR B 227 -13.02 -5.91 12.95
CA TYR B 227 -11.79 -5.65 13.67
C TYR B 227 -11.53 -6.78 14.66
N VAL B 228 -10.29 -7.26 14.69
CA VAL B 228 -9.82 -8.26 15.63
C VAL B 228 -8.88 -7.59 16.62
N VAL B 229 -9.06 -7.90 17.90
CA VAL B 229 -8.16 -7.49 18.96
C VAL B 229 -7.62 -8.75 19.61
N ALA B 230 -6.29 -8.87 19.66
CA ALA B 230 -5.71 -10.09 20.20
C ALA B 230 -4.23 -9.90 20.47
N GLU B 231 -3.74 -10.52 21.53
CA GLU B 231 -2.36 -10.38 21.96
C GLU B 231 -1.44 -11.21 21.06
N SER B 232 -0.18 -10.76 20.96
CA SER B 232 0.76 -11.38 20.06
C SER B 232 1.07 -12.82 20.43
N PHE B 233 0.96 -13.18 21.71
CA PHE B 233 1.24 -14.58 22.07
C PHE B 233 0.18 -15.53 21.54
N LYS B 234 -0.84 -15.02 20.85
CA LYS B 234 -1.83 -15.85 20.20
C LYS B 234 -1.52 -16.12 18.73
N PHE B 235 -0.36 -15.64 18.26
CA PHE B 235 0.13 -16.00 16.93
C PHE B 235 0.55 -17.48 16.94
N VAL B 236 -0.11 -18.30 16.13
CA VAL B 236 0.12 -19.73 16.09
C VAL B 236 0.56 -20.13 14.69
N ARG B 237 1.42 -21.16 14.63
CA ARG B 237 2.10 -21.53 13.39
C ARG B 237 1.27 -22.55 12.61
N LEU B 238 0.16 -22.06 12.06
CA LEU B 238 -0.71 -22.87 11.20
C LEU B 238 -1.26 -22.01 10.09
N PHE B 239 -1.53 -22.64 8.96
CA PHE B 239 -2.02 -21.98 7.74
C PHE B 239 -3.24 -22.73 7.22
N PRO B 240 -4.41 -22.50 7.79
CA PRO B 240 -5.61 -23.17 7.29
C PRO B 240 -6.18 -22.51 6.04
N LEU B 241 -6.75 -23.34 5.18
CA LEU B 241 -7.50 -22.86 4.02
C LEU B 241 -9.01 -22.98 4.17
N ASN B 242 -9.49 -23.78 5.12
CA ASN B 242 -10.91 -23.92 5.38
C ASN B 242 -11.09 -24.60 6.73
N GLN B 243 -12.34 -24.72 7.15
CA GLN B 243 -12.64 -25.24 8.49
C GLN B 243 -11.97 -26.59 8.75
N GLN B 244 -11.90 -27.44 7.71
CA GLN B 244 -11.35 -28.79 7.91
C GLN B 244 -9.92 -28.75 8.42
N ASP B 245 -9.18 -27.68 8.15
CA ASP B 245 -7.76 -27.59 8.48
C ASP B 245 -7.50 -27.04 9.89
N VAL B 246 -8.53 -26.84 10.69
CA VAL B 246 -8.32 -26.36 12.06
C VAL B 246 -8.10 -27.58 12.95
N PRO B 247 -7.03 -27.61 13.75
CA PRO B 247 -6.77 -28.80 14.59
C PRO B 247 -7.98 -29.18 15.43
N ASP B 248 -8.26 -30.49 15.48
CA ASP B 248 -9.38 -30.98 16.27
C ASP B 248 -9.24 -30.62 17.74
N LYS B 249 -8.02 -30.45 18.24
CA LYS B 249 -7.81 -30.09 19.63
C LYS B 249 -8.56 -28.82 20.01
N PHE B 250 -8.67 -27.86 19.08
CA PHE B 250 -9.28 -26.58 19.39
C PHE B 250 -10.79 -26.57 19.26
N LYS B 251 -11.30 -27.52 18.47
CA LYS B 251 -12.73 -27.60 18.09
C LYS B 251 -13.58 -28.36 19.10
N TYR B 252 -13.07 -29.47 19.64
CA TYR B 252 -13.89 -30.25 20.58
C TYR B 252 -13.34 -30.15 22.00
N LYS B 253 -14.25 -30.18 22.98
CA LYS B 253 -13.88 -30.04 24.42
C LYS B 253 -13.02 -28.79 24.58
N LEU B 266 -30.46 -36.72 15.75
CA LEU B 266 -29.49 -37.79 15.49
C LEU B 266 -28.07 -37.32 15.86
N LYS B 267 -27.18 -37.30 14.87
CA LYS B 267 -25.82 -36.83 15.11
C LYS B 267 -25.82 -35.34 15.43
N GLU B 268 -24.74 -34.87 16.03
CA GLU B 268 -24.64 -33.44 16.37
C GLU B 268 -23.18 -33.02 16.16
N GLU B 269 -22.96 -32.05 15.30
CA GLU B 269 -21.59 -31.53 15.07
C GLU B 269 -21.53 -30.25 15.87
N HIS B 270 -20.72 -30.20 16.93
CA HIS B 270 -20.69 -29.01 17.79
C HIS B 270 -19.26 -28.53 17.98
N PRO B 271 -18.61 -27.97 16.95
CA PRO B 271 -17.27 -27.44 17.07
C PRO B 271 -17.28 -26.19 17.95
N TRP B 272 -16.23 -25.99 18.72
CA TRP B 272 -16.14 -24.83 19.64
C TRP B 272 -15.57 -23.61 18.95
N VAL B 273 -14.84 -23.80 17.86
CA VAL B 273 -14.26 -22.62 17.18
C VAL B 273 -14.51 -22.72 15.69
N ASP B 274 -14.35 -21.60 14.98
CA ASP B 274 -14.32 -21.65 13.54
C ASP B 274 -13.19 -20.75 13.05
N TYR B 275 -12.79 -20.99 11.80
CA TYR B 275 -11.75 -20.21 11.16
C TYR B 275 -12.37 -19.09 10.34
N THR B 276 -11.77 -17.90 10.43
CA THR B 276 -12.19 -16.74 9.67
C THR B 276 -11.01 -16.30 8.81
N ALA B 277 -11.19 -16.30 7.49
CA ALA B 277 -10.08 -16.11 6.58
C ALA B 277 -9.71 -14.64 6.45
N PRO B 278 -8.46 -14.35 6.08
CA PRO B 278 -8.01 -12.95 6.05
C PRO B 278 -8.83 -12.02 5.18
N SER B 279 -9.51 -12.52 4.14
CA SER B 279 -10.31 -11.63 3.31
C SER B 279 -11.54 -11.10 4.05
N LEU B 280 -11.85 -11.65 5.22
CA LEU B 280 -13.01 -11.24 5.99
C LEU B 280 -12.61 -10.34 7.16
N ILE B 281 -11.35 -9.94 7.24
CA ILE B 281 -10.84 -9.15 8.36
C ILE B 281 -10.27 -7.84 7.82
N THR B 282 -10.69 -6.74 8.42
CA THR B 282 -10.23 -5.42 7.99
C THR B 282 -8.89 -5.07 8.61
N LEU B 283 -8.78 -5.17 9.94
CA LEU B 283 -7.55 -4.88 10.63
C LEU B 283 -7.44 -5.78 11.86
N LEU B 284 -6.21 -5.98 12.31
CA LEU B 284 -5.93 -6.70 13.54
C LEU B 284 -5.18 -5.77 14.46
N PHE B 285 -5.73 -5.53 15.66
CA PHE B 285 -5.11 -4.67 16.65
C PHE B 285 -4.40 -5.55 17.67
N THR B 286 -3.07 -5.51 17.64
CA THR B 286 -2.22 -6.36 18.47
C THR B 286 -1.31 -5.48 19.31
N ASP B 287 -0.63 -6.09 20.29
CA ASP B 287 0.40 -5.36 21.01
C ASP B 287 1.60 -5.06 20.12
N LEU B 288 1.62 -5.60 18.91
CA LEU B 288 2.67 -5.31 17.94
C LEU B 288 2.26 -4.24 16.94
N GLY B 289 1.11 -3.63 17.12
CA GLY B 289 0.62 -2.58 16.24
C GLY B 289 -0.59 -3.03 15.44
N VAL B 290 -1.17 -2.05 14.75
CA VAL B 290 -2.27 -2.33 13.82
C VAL B 290 -1.71 -3.02 12.59
N LEU B 291 -2.35 -4.11 12.17
CA LEU B 291 -1.87 -4.89 11.04
C LEU B 291 -3.02 -5.24 10.10
N THR B 292 -2.68 -5.37 8.82
CA THR B 292 -3.57 -6.04 7.89
C THR B 292 -3.35 -7.54 8.00
N PRO B 293 -4.34 -8.34 7.59
CA PRO B 293 -4.12 -9.80 7.60
C PRO B 293 -2.89 -10.20 6.81
N SER B 294 -2.59 -9.49 5.73
CA SER B 294 -1.45 -9.85 4.89
C SER B 294 -0.13 -9.61 5.60
N ALA B 295 -0.07 -8.59 6.45
CA ALA B 295 1.15 -8.24 7.17
C ALA B 295 1.40 -9.13 8.36
N VAL B 296 0.47 -10.00 8.69
CA VAL B 296 0.63 -10.84 9.91
C VAL B 296 1.80 -11.81 9.75
N SER B 297 2.14 -12.23 8.53
CA SER B 297 3.22 -13.22 8.37
C SER B 297 4.58 -12.60 8.69
N ASP B 298 4.76 -11.34 8.37
CA ASP B 298 6.02 -10.66 8.69
C ASP B 298 6.15 -10.53 10.19
N GLU B 299 5.11 -10.01 10.84
CA GLU B 299 5.09 -9.82 12.29
C GLU B 299 5.31 -11.16 12.99
N LEU B 300 4.69 -12.22 12.48
CA LEU B 300 4.89 -13.51 13.14
C LEU B 300 6.34 -13.97 13.06
N ILE B 301 6.96 -13.82 11.89
CA ILE B 301 8.37 -14.16 11.75
C ILE B 301 9.19 -13.36 12.76
N LYS B 302 8.99 -12.03 12.79
CA LYS B 302 9.79 -11.19 13.67
C LYS B 302 9.63 -11.61 15.13
N LEU B 303 8.40 -11.93 15.52
CA LEU B 303 8.13 -12.30 16.91
C LEU B 303 8.75 -13.65 17.26
N TYR B 304 8.75 -14.60 16.33
CA TYR B 304 9.24 -15.95 16.60
C TYR B 304 10.76 -16.07 16.46
N LEU B 305 11.44 -15.05 15.96
CA LEU B 305 12.89 -15.08 15.84
C LEU B 305 13.58 -14.30 16.95
N GLY B 306 12.82 -13.69 17.86
CA GLY B 306 13.40 -12.92 18.94
C GLY B 306 13.70 -11.49 18.53
N MET C 1 72.68 -9.95 -4.71
CA MET C 1 72.08 -10.94 -5.65
C MET C 1 71.48 -10.23 -6.88
N ASP C 2 70.92 -11.03 -7.78
CA ASP C 2 70.23 -10.53 -8.97
C ASP C 2 68.76 -10.98 -8.88
N ASP C 3 68.02 -10.79 -9.97
CA ASP C 3 66.56 -10.93 -9.88
C ASP C 3 66.13 -12.38 -9.71
N LYS C 4 66.60 -13.25 -10.60
CA LYS C 4 66.30 -14.70 -10.49
C LYS C 4 66.94 -15.21 -9.21
N GLU C 5 67.94 -14.48 -8.71
CA GLU C 5 68.63 -14.80 -7.44
C GLU C 5 67.58 -14.80 -6.33
N LEU C 6 66.98 -13.64 -6.10
CA LEU C 6 65.95 -13.47 -5.05
C LEU C 6 64.79 -14.44 -5.28
N ILE C 7 64.26 -14.45 -6.50
CA ILE C 7 63.09 -15.32 -6.81
C ILE C 7 63.38 -16.77 -6.41
N GLU C 8 64.49 -17.32 -6.89
CA GLU C 8 64.82 -18.73 -6.59
C GLU C 8 64.83 -18.92 -5.07
N TYR C 9 65.59 -18.10 -4.36
CA TYR C 9 65.68 -18.18 -2.88
C TYR C 9 64.28 -18.10 -2.28
N PHE C 10 63.62 -16.96 -2.51
CA PHE C 10 62.27 -16.71 -1.95
C PHE C 10 61.34 -17.86 -2.24
N LYS C 11 61.28 -18.34 -3.48
CA LYS C 11 60.38 -19.45 -3.83
C LYS C 11 60.78 -20.71 -3.05
N SER C 12 62.08 -20.93 -2.88
CA SER C 12 62.59 -22.11 -2.14
C SER C 12 62.26 -21.98 -0.67
N GLN C 13 62.46 -20.79 -0.11
CA GLN C 13 62.21 -20.55 1.34
C GLN C 13 60.83 -21.07 1.73
N MET C 14 59.79 -20.68 0.99
CA MET C 14 58.42 -21.12 1.32
C MET C 14 58.23 -22.56 0.85
N LYS C 15 58.94 -22.98 -0.19
CA LYS C 15 58.80 -24.35 -0.73
C LYS C 15 59.09 -25.39 0.36
N GLU C 16 60.12 -25.18 1.16
CA GLU C 16 60.47 -26.18 2.19
C GLU C 16 59.75 -25.88 3.49
N ASP C 17 59.36 -24.63 3.74
CA ASP C 17 58.62 -24.34 5.01
C ASP C 17 57.21 -23.84 4.69
N PRO C 18 56.25 -24.73 4.41
CA PRO C 18 54.90 -24.29 4.07
C PRO C 18 54.27 -23.36 5.11
N ASP C 19 54.42 -23.68 6.38
CA ASP C 19 53.80 -22.86 7.46
C ASP C 19 54.40 -21.46 7.51
N MET C 20 55.51 -21.23 6.82
CA MET C 20 56.13 -19.92 6.94
C MET C 20 55.29 -18.87 6.22
N ALA C 21 55.01 -17.78 6.92
CA ALA C 21 54.29 -16.67 6.30
C ALA C 21 55.03 -16.20 5.06
N SER C 22 54.26 -15.86 4.02
CA SER C 22 54.87 -15.38 2.78
C SER C 22 55.71 -14.13 3.03
N ALA C 23 55.19 -13.20 3.86
CA ALA C 23 55.95 -11.99 4.15
C ALA C 23 57.27 -12.33 4.83
N VAL C 24 57.23 -13.21 5.83
CA VAL C 24 58.47 -13.65 6.47
C VAL C 24 59.43 -14.22 5.43
N ALA C 25 58.90 -14.96 4.46
CA ALA C 25 59.74 -15.47 3.38
C ALA C 25 60.42 -14.33 2.62
N ALA C 26 59.69 -13.24 2.41
CA ALA C 26 60.29 -12.08 1.74
C ALA C 26 61.35 -11.42 2.62
N ILE C 27 61.05 -11.28 3.90
CA ILE C 27 62.00 -10.62 4.83
C ILE C 27 63.30 -11.42 4.84
N ARG C 28 63.21 -12.74 4.87
CA ARG C 28 64.44 -13.56 4.89
C ARG C 28 65.18 -13.37 3.58
N THR C 29 64.48 -13.45 2.46
CA THR C 29 65.11 -13.24 1.15
C THR C 29 65.78 -11.87 1.15
N LEU C 30 65.06 -10.83 1.57
CA LEU C 30 65.63 -9.47 1.62
C LEU C 30 66.83 -9.45 2.56
N LEU C 31 66.75 -10.14 3.70
CA LEU C 31 67.92 -10.17 4.61
C LEU C 31 69.09 -10.75 3.83
N GLU C 32 68.89 -11.89 3.18
CA GLU C 32 69.92 -12.58 2.44
C GLU C 32 70.50 -11.71 1.32
N PHE C 33 69.71 -10.75 0.82
CA PHE C 33 70.25 -9.79 -0.14
C PHE C 33 71.22 -8.83 0.53
N LEU C 34 70.92 -8.42 1.76
CA LEU C 34 71.85 -7.57 2.51
C LEU C 34 73.13 -8.33 2.87
N LYS C 35 72.99 -9.61 3.25
CA LYS C 35 74.17 -10.40 3.61
C LYS C 35 75.02 -10.71 2.39
N ARG C 36 74.40 -10.92 1.23
CA ARG C 36 75.11 -11.26 0.01
C ARG C 36 75.46 -10.05 -0.86
N ASP C 37 74.81 -8.90 -0.63
CA ASP C 37 75.11 -7.72 -1.41
C ASP C 37 76.54 -7.26 -1.13
N LYS C 38 77.32 -7.08 -2.19
CA LYS C 38 78.72 -6.68 -2.06
C LYS C 38 78.97 -5.25 -2.51
N GLY C 39 77.95 -4.54 -2.96
CA GLY C 39 78.09 -3.13 -3.27
C GLY C 39 78.74 -2.37 -2.13
N GLU C 40 79.17 -1.13 -2.38
CA GLU C 40 79.93 -0.39 -1.37
C GLU C 40 79.48 1.06 -1.30
N THR C 41 78.16 1.29 -1.31
CA THR C 41 77.62 2.62 -1.09
C THR C 41 76.22 2.50 -0.49
N ILE C 42 75.84 3.50 0.30
CA ILE C 42 74.69 3.37 1.19
C ILE C 42 73.38 3.40 0.40
N GLN C 43 73.14 4.49 -0.32
CA GLN C 43 71.83 4.63 -0.97
C GLN C 43 71.72 3.76 -2.23
N GLY C 44 72.83 3.49 -2.91
CA GLY C 44 72.80 2.46 -3.93
C GLY C 44 72.31 1.14 -3.39
N LEU C 45 72.70 0.81 -2.15
CA LEU C 45 72.18 -0.38 -1.49
C LEU C 45 70.70 -0.24 -1.22
N ARG C 46 70.32 0.75 -0.40
CA ARG C 46 68.91 0.97 -0.12
C ARG C 46 68.09 0.97 -1.41
N ALA C 47 68.50 1.81 -2.38
CA ALA C 47 67.76 1.91 -3.63
C ALA C 47 67.56 0.55 -4.30
N ASN C 48 68.58 -0.32 -4.22
CA ASN C 48 68.44 -1.66 -4.79
C ASN C 48 67.63 -2.58 -3.88
N LEU C 49 67.63 -2.33 -2.57
CA LEU C 49 66.68 -3.00 -1.70
C LEU C 49 65.25 -2.65 -2.09
N THR C 50 65.02 -1.42 -2.56
CA THR C 50 63.69 -1.04 -3.02
C THR C 50 63.34 -1.64 -4.38
N SER C 51 64.29 -2.28 -5.06
CA SER C 51 63.98 -3.03 -6.28
C SER C 51 63.72 -4.50 -5.98
N ALA C 52 64.46 -5.09 -5.03
CA ALA C 52 64.18 -6.47 -4.63
C ALA C 52 62.78 -6.61 -4.07
N ILE C 53 62.37 -5.66 -3.23
CA ILE C 53 60.99 -5.63 -2.73
C ILE C 53 60.01 -5.68 -3.89
N GLU C 54 60.22 -4.84 -4.91
CA GLU C 54 59.29 -4.78 -6.04
C GLU C 54 59.42 -6.01 -6.94
N THR C 55 60.64 -6.49 -7.15
CA THR C 55 60.82 -7.72 -7.91
C THR C 55 60.19 -8.90 -7.19
N LEU C 56 60.15 -8.87 -5.86
CA LEU C 56 59.55 -9.97 -5.11
C LEU C 56 58.03 -9.96 -5.24
N CYS C 57 57.41 -8.79 -5.04
CA CYS C 57 55.96 -8.68 -5.18
C CYS C 57 55.49 -9.15 -6.55
N GLY C 58 56.38 -9.23 -7.53
CA GLY C 58 55.99 -9.69 -8.85
C GLY C 58 55.55 -11.14 -8.87
N VAL C 59 56.20 -11.98 -8.06
CA VAL C 59 55.93 -13.42 -8.12
C VAL C 59 54.84 -13.84 -7.15
N ASP C 60 54.69 -13.16 -6.00
CA ASP C 60 53.63 -13.45 -5.05
C ASP C 60 52.84 -12.17 -4.81
N SER C 61 51.59 -12.14 -5.28
CA SER C 61 50.77 -10.95 -5.19
C SER C 61 50.20 -10.70 -3.81
N SER C 62 50.46 -11.58 -2.84
CA SER C 62 49.93 -11.38 -1.49
C SER C 62 50.36 -10.03 -0.96
N VAL C 63 49.40 -9.24 -0.49
CA VAL C 63 49.69 -7.89 -0.05
C VAL C 63 50.57 -7.86 1.18
N ALA C 64 50.63 -8.95 1.94
CA ALA C 64 51.51 -9.00 3.11
C ALA C 64 52.97 -8.82 2.71
N VAL C 65 53.36 -9.38 1.56
CA VAL C 65 54.75 -9.27 1.13
C VAL C 65 55.16 -7.80 1.03
N SER C 66 54.29 -6.98 0.44
CA SER C 66 54.60 -5.56 0.28
C SER C 66 54.62 -4.85 1.63
N SER C 67 53.62 -5.10 2.46
CA SER C 67 53.55 -4.45 3.77
C SER C 67 54.72 -4.87 4.64
N GLY C 68 54.93 -6.17 4.78
CA GLY C 68 56.03 -6.66 5.60
C GLY C 68 57.38 -6.16 5.12
N GLY C 69 57.58 -6.13 3.82
CA GLY C 69 58.78 -5.56 3.26
C GLY C 69 58.99 -4.14 3.73
N GLU C 70 58.04 -3.26 3.39
CA GLU C 70 58.19 -1.85 3.70
C GLU C 70 58.49 -1.62 5.18
N LEU C 71 57.84 -2.37 6.06
CA LEU C 71 58.06 -2.20 7.49
C LEU C 71 59.45 -2.63 7.90
N PHE C 72 59.94 -3.72 7.32
CA PHE C 72 61.30 -4.17 7.59
C PHE C 72 62.31 -3.16 7.03
N LEU C 73 62.13 -2.73 5.79
CA LEU C 73 63.06 -1.78 5.18
C LEU C 73 63.07 -0.47 5.94
N ARG C 74 61.88 -0.03 6.33
CA ARG C 74 61.78 1.25 7.06
C ARG C 74 62.38 1.07 8.45
N PHE C 75 62.27 -0.13 9.00
CA PHE C 75 62.79 -0.40 10.36
C PHE C 75 64.31 -0.46 10.35
N ILE C 76 64.88 -1.09 9.33
CA ILE C 76 66.36 -1.22 9.28
C ILE C 76 66.97 0.07 8.75
N SER C 77 66.19 0.89 8.08
CA SER C 77 66.77 2.10 7.45
C SER C 77 67.07 3.13 8.52
N LEU C 78 66.91 2.76 9.78
CA LEU C 78 67.26 3.70 10.88
C LEU C 78 68.72 3.48 11.25
N ALA C 79 69.34 2.44 10.70
CA ALA C 79 70.76 2.09 10.88
C ALA C 79 71.64 3.20 10.31
N SER C 80 71.22 3.82 9.21
CA SER C 80 72.09 4.84 8.56
C SER C 80 72.43 5.95 9.56
N LEU C 81 71.46 6.43 10.33
CA LEU C 81 71.82 7.49 11.31
C LEU C 81 72.84 6.91 12.29
N GLU C 82 73.92 7.65 12.54
CA GLU C 82 75.00 7.23 13.46
C GLU C 82 75.69 5.92 13.03
N TYR C 83 75.85 5.71 11.72
CA TYR C 83 76.64 4.57 11.19
C TYR C 83 77.11 4.94 9.77
N SER C 84 78.10 5.82 9.67
CA SER C 84 78.57 6.36 8.37
C SER C 84 79.24 5.35 7.42
N ASP C 85 80.17 4.52 7.89
CA ASP C 85 80.87 3.61 6.95
C ASP C 85 79.82 2.66 6.36
N TYR C 86 79.71 2.53 5.02
CA TYR C 86 78.67 1.63 4.52
C TYR C 86 78.75 0.25 5.14
N SER C 87 79.93 -0.15 5.64
CA SER C 87 80.08 -1.47 6.26
C SER C 87 79.61 -1.49 7.71
N LYS C 88 79.48 -0.33 8.36
CA LYS C 88 78.95 -0.29 9.72
C LYS C 88 77.44 -0.45 9.70
N CYS C 89 76.77 0.38 8.90
CA CYS C 89 75.34 0.25 8.66
C CYS C 89 74.96 -1.19 8.38
N LYS C 90 75.52 -1.72 7.29
CA LYS C 90 75.24 -3.07 6.86
C LYS C 90 75.23 -4.05 8.02
N LYS C 91 76.28 -4.01 8.85
CA LYS C 91 76.36 -4.94 9.98
C LYS C 91 75.21 -4.72 10.95
N ILE C 92 74.92 -3.45 11.30
CA ILE C 92 73.83 -3.25 12.25
C ILE C 92 72.47 -3.41 11.56
N MET C 93 72.39 -3.16 10.24
CA MET C 93 71.15 -3.45 9.53
C MET C 93 70.82 -4.94 9.60
N ILE C 94 71.80 -5.79 9.26
CA ILE C 94 71.59 -7.24 9.39
C ILE C 94 71.10 -7.56 10.80
N GLU C 95 71.81 -7.03 11.80
CA GLU C 95 71.41 -7.20 13.19
C GLU C 95 69.95 -6.83 13.41
N ARG C 96 69.62 -5.59 13.07
CA ARG C 96 68.25 -5.12 13.21
C ARG C 96 67.28 -5.96 12.40
N GLY C 97 67.73 -6.49 11.27
CA GLY C 97 66.88 -7.37 10.49
C GLY C 97 66.56 -8.67 11.20
N GLU C 98 67.59 -9.32 11.77
CA GLU C 98 67.32 -10.56 12.49
C GLU C 98 66.59 -10.30 13.79
N LEU C 99 66.80 -9.11 14.39
CA LEU C 99 65.94 -8.67 15.48
C LEU C 99 64.48 -8.61 15.02
N PHE C 100 64.24 -7.96 13.88
CA PHE C 100 62.89 -7.89 13.32
C PHE C 100 62.32 -9.29 13.09
N LEU C 101 63.09 -10.14 12.41
CA LEU C 101 62.62 -11.50 12.13
C LEU C 101 62.30 -12.26 13.40
N ARG C 102 63.00 -11.98 14.49
CA ARG C 102 62.72 -12.67 15.75
C ARG C 102 61.45 -12.18 16.41
N ARG C 103 61.13 -10.90 16.27
CA ARG C 103 59.89 -10.38 16.84
C ARG C 103 58.67 -11.02 16.19
N ILE C 104 58.63 -11.04 14.85
CA ILE C 104 57.45 -11.58 14.18
C ILE C 104 57.38 -13.09 14.32
N SER C 105 58.48 -13.75 14.68
CA SER C 105 58.42 -15.18 15.02
C SER C 105 57.54 -15.42 16.24
N LEU C 106 57.25 -14.38 17.01
CA LEU C 106 56.42 -14.47 18.20
C LEU C 106 54.98 -14.04 17.95
N SER C 107 54.62 -13.72 16.71
CA SER C 107 53.37 -13.02 16.45
C SER C 107 52.19 -13.97 16.45
N ARG C 108 52.36 -15.13 15.82
CA ARG C 108 51.25 -16.12 15.80
C ARG C 108 50.90 -16.54 17.22
N ASN C 109 51.89 -16.88 18.04
CA ASN C 109 51.61 -17.36 19.42
C ASN C 109 51.05 -16.22 20.27
N LYS C 110 51.56 -15.02 20.13
CA LYS C 110 51.04 -13.90 20.94
C LYS C 110 49.55 -13.75 20.66
N ILE C 111 49.13 -14.05 19.43
CA ILE C 111 47.74 -13.97 19.01
C ILE C 111 46.94 -15.13 19.61
N ALA C 112 47.44 -16.35 19.47
CA ALA C 112 46.70 -17.51 19.96
C ALA C 112 46.45 -17.46 21.46
N ASP C 113 47.23 -16.68 22.22
CA ASP C 113 46.94 -16.50 23.63
C ASP C 113 45.85 -15.45 23.85
N LEU C 114 45.86 -14.39 23.04
CA LEU C 114 44.90 -13.31 23.21
C LEU C 114 43.49 -13.73 22.85
N CYS C 115 43.32 -14.82 22.12
CA CYS C 115 42.05 -15.19 21.53
C CYS C 115 41.46 -16.49 22.06
N HIS C 116 42.20 -17.23 22.90
CA HIS C 116 41.64 -18.44 23.51
C HIS C 116 40.51 -18.11 24.48
N THR C 117 40.39 -16.85 24.91
CA THR C 117 39.30 -16.47 25.79
C THR C 117 37.95 -16.57 25.08
N PHE C 118 37.90 -16.16 23.82
CA PHE C 118 36.63 -15.99 23.11
C PHE C 118 36.09 -17.29 22.52
N ILE C 119 36.78 -18.40 22.72
CA ILE C 119 36.30 -19.70 22.26
C ILE C 119 35.73 -20.46 23.45
N LYS C 120 34.49 -20.12 23.82
CA LYS C 120 33.81 -20.81 24.91
C LYS C 120 33.60 -22.28 24.54
N ASP C 121 33.42 -23.12 25.57
CA ASP C 121 33.20 -24.54 25.33
C ASP C 121 31.80 -24.78 24.78
N GLY C 122 31.69 -25.81 23.94
CA GLY C 122 30.46 -26.05 23.23
C GLY C 122 30.21 -25.12 22.05
N ALA C 123 31.20 -24.32 21.68
CA ALA C 123 31.03 -23.33 20.64
C ALA C 123 31.08 -23.98 19.26
N THR C 124 30.31 -23.40 18.34
CA THR C 124 30.32 -23.77 16.94
C THR C 124 30.95 -22.62 16.16
N ILE C 125 32.10 -22.87 15.55
CA ILE C 125 32.89 -21.84 14.90
C ILE C 125 32.84 -22.05 13.39
N LEU C 126 32.70 -20.94 12.67
CA LEU C 126 32.75 -20.92 11.21
C LEU C 126 34.00 -20.15 10.77
N THR C 127 34.71 -20.70 9.79
CA THR C 127 35.88 -20.03 9.23
C THR C 127 35.90 -20.25 7.73
N HIS C 128 36.80 -19.53 7.05
CA HIS C 128 36.84 -19.48 5.60
C HIS C 128 38.24 -19.86 5.12
N ALA C 129 38.31 -20.87 4.26
CA ALA C 129 39.57 -21.24 3.63
C ALA C 129 40.56 -21.76 4.65
N TYR C 130 41.85 -21.61 4.36
CA TYR C 130 42.93 -22.10 5.21
C TYR C 130 43.70 -20.93 5.77
N SER C 131 43.82 -20.86 7.09
CA SER C 131 44.57 -19.79 7.75
C SER C 131 45.44 -20.42 8.83
N ARG C 132 46.75 -20.26 8.68
CA ARG C 132 47.70 -20.81 9.67
C ARG C 132 47.48 -20.13 11.01
N VAL C 133 47.20 -18.84 11.00
CA VAL C 133 46.92 -18.13 12.25
C VAL C 133 45.67 -18.70 12.91
N VAL C 134 44.58 -18.81 12.14
CA VAL C 134 43.35 -19.42 12.66
C VAL C 134 43.65 -20.81 13.22
N LEU C 135 44.38 -21.60 12.45
CA LEU C 135 44.75 -22.97 12.85
C LEU C 135 45.51 -22.96 14.18
N ARG C 136 46.45 -22.04 14.36
CA ARG C 136 47.18 -22.03 15.65
C ARG C 136 46.26 -21.55 16.78
N VAL C 137 45.31 -20.66 16.48
CA VAL C 137 44.40 -20.19 17.56
C VAL C 137 43.58 -21.37 18.04
N LEU C 138 43.14 -22.23 17.13
CA LEU C 138 42.36 -23.40 17.50
C LEU C 138 43.24 -24.47 18.15
N GLU C 139 44.45 -24.68 17.61
CA GLU C 139 45.39 -25.58 18.26
C GLU C 139 45.52 -25.24 19.74
N ALA C 140 45.52 -23.94 20.07
CA ALA C 140 45.63 -23.54 21.46
C ALA C 140 44.35 -23.86 22.24
N ALA C 141 43.18 -23.77 21.59
CA ALA C 141 41.94 -24.15 22.24
C ALA C 141 41.91 -25.64 22.56
N VAL C 142 42.20 -26.48 21.55
CA VAL C 142 42.26 -27.91 21.80
C VAL C 142 43.36 -28.23 22.81
N ALA C 143 44.46 -27.48 22.77
CA ALA C 143 45.55 -27.70 23.73
C ALA C 143 45.07 -27.44 25.16
N ALA C 144 44.30 -26.38 25.37
CA ALA C 144 43.69 -26.11 26.68
C ALA C 144 42.50 -27.03 26.97
N LYS C 145 42.31 -28.08 26.17
CA LYS C 145 41.27 -29.09 26.41
C LYS C 145 39.87 -28.51 26.29
N LYS C 146 39.70 -27.53 25.42
CA LYS C 146 38.40 -26.89 25.20
C LYS C 146 37.66 -27.59 24.07
N ARG C 147 36.35 -27.73 24.24
CA ARG C 147 35.51 -28.49 23.32
C ARG C 147 34.72 -27.55 22.42
N PHE C 148 34.83 -27.76 21.11
CA PHE C 148 34.18 -26.88 20.15
C PHE C 148 34.13 -27.59 18.80
N SER C 149 33.27 -27.07 17.92
CA SER C 149 33.06 -27.63 16.59
C SER C 149 33.34 -26.55 15.54
N VAL C 150 33.55 -26.98 14.30
CA VAL C 150 33.95 -26.08 13.23
C VAL C 150 33.13 -26.37 11.98
N TYR C 151 32.70 -25.29 11.32
CA TYR C 151 32.28 -25.30 9.93
C TYR C 151 33.32 -24.52 9.14
N VAL C 152 33.63 -24.97 7.93
CA VAL C 152 34.53 -24.23 7.05
C VAL C 152 34.11 -24.39 5.60
N THR C 153 34.22 -23.31 4.84
CA THR C 153 33.96 -23.36 3.42
C THR C 153 35.08 -24.07 2.69
N GLU C 154 34.77 -24.68 1.55
CA GLU C 154 35.81 -25.31 0.74
C GLU C 154 36.69 -24.26 0.06
N SER C 155 36.13 -23.10 -0.25
CA SER C 155 36.87 -21.98 -0.79
C SER C 155 37.47 -22.27 -2.17
N GLN C 156 36.65 -22.10 -3.21
CA GLN C 156 37.16 -22.15 -4.57
C GLN C 156 38.18 -21.04 -4.76
N PRO C 157 39.10 -21.19 -5.72
CA PRO C 157 39.18 -22.31 -6.67
C PRO C 157 40.23 -23.38 -6.31
N ASP C 158 40.93 -23.20 -5.19
CA ASP C 158 41.99 -24.11 -4.78
C ASP C 158 41.59 -25.03 -3.64
N LEU C 159 40.36 -24.94 -3.14
CA LEU C 159 39.88 -25.81 -2.08
C LEU C 159 40.79 -25.77 -0.84
N SER C 160 41.33 -24.58 -0.55
CA SER C 160 42.11 -24.40 0.66
C SER C 160 41.36 -24.90 1.89
N GLY C 161 40.03 -24.80 1.87
CA GLY C 161 39.24 -25.20 3.03
C GLY C 161 39.27 -26.69 3.29
N LYS C 162 39.34 -27.50 2.24
CA LYS C 162 39.47 -28.93 2.42
C LYS C 162 40.79 -29.28 3.09
N LYS C 163 41.80 -28.41 2.96
CA LYS C 163 43.07 -28.61 3.66
C LYS C 163 42.99 -28.14 5.11
N MET C 164 42.19 -27.09 5.38
CA MET C 164 41.97 -26.67 6.76
C MET C 164 41.15 -27.71 7.52
N ALA C 165 40.15 -28.31 6.86
CA ALA C 165 39.40 -29.39 7.48
C ALA C 165 40.29 -30.60 7.76
N LYS C 166 41.21 -30.91 6.84
CA LYS C 166 42.13 -32.02 7.07
C LYS C 166 42.89 -31.85 8.38
N ALA C 167 43.36 -30.63 8.65
CA ALA C 167 44.19 -30.40 9.83
C ALA C 167 43.38 -30.50 11.11
N LEU C 168 42.22 -29.84 11.16
CA LEU C 168 41.39 -29.90 12.36
C LEU C 168 40.94 -31.32 12.65
N CYS C 169 40.80 -32.16 11.60
CA CYS C 169 40.47 -33.56 11.82
C CYS C 169 41.59 -34.28 12.57
N HIS C 170 42.84 -33.94 12.25
CA HIS C 170 43.96 -34.53 12.97
C HIS C 170 43.99 -34.09 14.43
N LEU C 171 43.29 -33.01 14.77
CA LEU C 171 43.18 -32.56 16.15
C LEU C 171 41.95 -33.15 16.84
N ASN C 172 41.28 -34.13 16.21
CA ASN C 172 40.02 -34.67 16.70
C ASN C 172 39.06 -33.55 17.11
N VAL C 173 38.98 -32.53 16.27
CA VAL C 173 38.02 -31.44 16.42
C VAL C 173 36.90 -31.69 15.40
N PRO C 174 35.65 -31.82 15.83
CA PRO C 174 34.57 -32.10 14.86
C PRO C 174 34.43 -30.96 13.86
N VAL C 175 34.60 -31.29 12.57
CA VAL C 175 34.62 -30.31 11.51
C VAL C 175 33.75 -30.78 10.35
N THR C 176 33.24 -29.81 9.59
CA THR C 176 32.40 -30.07 8.42
C THR C 176 32.71 -29.03 7.36
N VAL C 177 32.76 -29.47 6.11
CA VAL C 177 33.05 -28.60 4.98
C VAL C 177 31.78 -28.40 4.16
N VAL C 178 31.49 -27.14 3.82
CA VAL C 178 30.32 -26.78 3.04
C VAL C 178 30.76 -25.95 1.84
N LEU C 179 29.85 -25.79 0.89
CA LEU C 179 30.13 -25.01 -0.29
C LEU C 179 30.22 -23.53 0.05
N ASP C 180 31.08 -22.81 -0.67
CA ASP C 180 31.10 -21.35 -0.59
C ASP C 180 29.67 -20.81 -0.65
N ALA C 181 28.82 -21.46 -1.43
CA ALA C 181 27.45 -21.01 -1.62
C ALA C 181 26.55 -21.25 -0.42
N ALA C 182 26.98 -22.06 0.55
CA ALA C 182 26.14 -22.44 1.67
C ALA C 182 26.42 -21.61 2.93
N VAL C 183 27.18 -20.54 2.82
CA VAL C 183 27.54 -19.79 4.03
C VAL C 183 26.32 -19.11 4.62
N GLY C 184 25.48 -18.51 3.79
CA GLY C 184 24.23 -17.99 4.29
C GLY C 184 23.37 -19.07 4.92
N TYR C 185 23.38 -20.26 4.34
CA TYR C 185 22.56 -21.36 4.84
C TYR C 185 23.04 -21.83 6.20
N ILE C 186 24.35 -21.81 6.44
CA ILE C 186 24.94 -22.41 7.63
C ILE C 186 25.17 -21.41 8.75
N MET C 187 25.07 -20.12 8.47
CA MET C 187 25.42 -19.11 9.47
C MET C 187 24.63 -19.30 10.77
N GLU C 188 23.34 -19.58 10.66
CA GLU C 188 22.50 -19.72 11.85
C GLU C 188 23.04 -20.77 12.81
N LYS C 189 23.73 -21.79 12.29
CA LYS C 189 24.23 -22.87 13.10
C LYS C 189 25.50 -22.50 13.87
N ALA C 190 26.11 -21.37 13.58
CA ALA C 190 27.38 -20.99 14.16
C ALA C 190 27.19 -19.96 15.28
N ASP C 191 28.07 -20.03 16.28
CA ASP C 191 28.08 -19.02 17.33
C ASP C 191 28.99 -17.85 17.01
N LEU C 192 30.03 -18.06 16.22
CA LEU C 192 30.94 -16.96 15.88
C LEU C 192 31.78 -17.36 14.67
N VAL C 193 32.38 -16.34 14.03
CA VAL C 193 33.18 -16.51 12.83
C VAL C 193 34.58 -16.01 13.13
N ILE C 194 35.59 -16.73 12.63
CA ILE C 194 36.99 -16.37 12.77
C ILE C 194 37.67 -16.59 11.43
N VAL C 195 38.33 -15.56 10.90
CA VAL C 195 39.11 -15.66 9.68
C VAL C 195 40.48 -15.03 9.89
N GLY C 196 41.42 -15.42 9.04
CA GLY C 196 42.68 -14.74 8.93
C GLY C 196 42.59 -13.55 7.99
N ALA C 197 43.76 -13.02 7.63
CA ALA C 197 43.81 -11.88 6.73
C ALA C 197 45.13 -11.87 5.97
N GLU C 198 45.06 -11.53 4.69
CA GLU C 198 46.27 -11.24 3.94
C GLU C 198 46.78 -9.84 4.27
N GLY C 199 45.87 -8.91 4.49
CA GLY C 199 46.24 -7.55 4.82
C GLY C 199 45.20 -6.86 5.67
N VAL C 200 45.66 -6.07 6.64
CA VAL C 200 44.80 -5.21 7.45
C VAL C 200 45.02 -3.78 6.97
N VAL C 201 43.97 -3.18 6.42
CA VAL C 201 44.11 -1.87 5.77
C VAL C 201 43.92 -0.76 6.78
N GLU C 202 44.12 0.50 6.33
CA GLU C 202 44.27 1.61 7.25
C GLU C 202 42.98 1.99 7.99
N ASN C 203 41.82 1.53 7.52
CA ASN C 203 40.57 1.81 8.21
C ASN C 203 40.11 0.63 9.07
N GLY C 204 40.99 -0.34 9.31
CA GLY C 204 40.61 -1.51 10.08
C GLY C 204 39.91 -2.60 9.31
N GLY C 205 39.64 -2.38 8.03
CA GLY C 205 39.16 -3.45 7.18
C GLY C 205 40.28 -4.42 6.85
N ILE C 206 39.90 -5.52 6.22
CA ILE C 206 40.86 -6.55 5.85
C ILE C 206 40.79 -6.85 4.36
N ILE C 207 41.88 -7.36 3.83
CA ILE C 207 41.93 -8.00 2.52
C ILE C 207 42.23 -9.47 2.77
N ASN C 208 41.42 -10.34 2.18
CA ASN C 208 41.50 -11.76 2.50
C ASN C 208 40.86 -12.54 1.37
N LYS C 209 41.09 -13.86 1.39
CA LYS C 209 40.64 -14.76 0.33
C LYS C 209 39.22 -14.43 -0.09
N ILE C 210 38.95 -14.56 -1.40
CA ILE C 210 37.65 -14.25 -1.95
C ILE C 210 36.60 -15.10 -1.23
N GLY C 211 35.50 -14.46 -0.85
CA GLY C 211 34.46 -15.09 -0.05
C GLY C 211 34.39 -14.57 1.37
N THR C 212 35.35 -13.76 1.80
CA THR C 212 35.36 -13.27 3.17
C THR C 212 34.31 -12.18 3.37
N ASN C 213 34.15 -11.31 2.38
CA ASN C 213 33.12 -10.28 2.46
C ASN C 213 31.74 -10.91 2.62
N GLN C 214 31.41 -11.88 1.77
CA GLN C 214 30.17 -12.62 1.90
C GLN C 214 29.90 -13.04 3.33
N MET C 215 30.86 -13.78 3.90
CA MET C 215 30.69 -14.33 5.24
C MET C 215 30.47 -13.21 6.25
N ALA C 216 31.27 -12.15 6.18
CA ALA C 216 31.13 -11.04 7.12
C ALA C 216 29.74 -10.43 7.03
N VAL C 217 29.25 -10.19 5.82
CA VAL C 217 27.94 -9.57 5.65
C VAL C 217 26.83 -10.48 6.18
N CYS C 218 26.99 -11.79 5.95
CA CYS C 218 26.00 -12.72 6.49
C CYS C 218 26.11 -12.84 8.00
N ALA C 219 27.31 -12.68 8.55
CA ALA C 219 27.45 -12.74 10.00
C ALA C 219 26.81 -11.54 10.66
N LYS C 220 26.90 -10.36 10.04
CA LYS C 220 26.32 -9.16 10.65
C LYS C 220 24.80 -9.26 10.68
N ALA C 221 24.21 -9.85 9.64
CA ALA C 221 22.75 -9.94 9.56
C ALA C 221 22.16 -10.85 10.60
N GLN C 222 22.94 -11.79 11.13
CA GLN C 222 22.48 -12.64 12.23
C GLN C 222 23.14 -12.27 13.56
N ASN C 223 23.87 -11.16 13.60
CA ASN C 223 24.55 -10.70 14.81
C ASN C 223 25.43 -11.82 15.38
N LYS C 224 26.39 -12.25 14.58
CA LYS C 224 27.40 -13.21 15.00
C LYS C 224 28.75 -12.52 15.05
N PRO C 225 29.52 -12.69 16.12
CA PRO C 225 30.83 -12.04 16.18
C PRO C 225 31.70 -12.45 15.00
N PHE C 226 32.38 -11.47 14.42
CA PHE C 226 33.31 -11.68 13.31
C PHE C 226 34.70 -11.26 13.78
N TYR C 227 35.56 -12.24 14.02
CA TYR C 227 36.89 -12.02 14.57
C TYR C 227 37.94 -12.25 13.49
N VAL C 228 38.96 -11.39 13.48
CA VAL C 228 40.07 -11.48 12.54
C VAL C 228 41.34 -11.73 13.32
N VAL C 229 42.12 -12.71 12.89
CA VAL C 229 43.42 -13.01 13.49
C VAL C 229 44.49 -12.76 12.43
N ALA C 230 45.41 -11.85 12.72
CA ALA C 230 46.37 -11.39 11.72
C ALA C 230 47.61 -10.86 12.40
N GLU C 231 48.76 -11.10 11.78
CA GLU C 231 50.02 -10.60 12.30
C GLU C 231 50.14 -9.11 12.01
N SER C 232 50.90 -8.41 12.87
CA SER C 232 51.12 -6.95 12.80
C SER C 232 51.87 -6.57 11.54
N PHE C 233 52.44 -7.54 10.84
CA PHE C 233 53.22 -7.21 9.62
C PHE C 233 52.32 -7.20 8.40
N LYS C 234 51.04 -7.53 8.58
CA LYS C 234 50.03 -7.52 7.51
C LYS C 234 49.37 -6.14 7.45
N PHE C 235 49.77 -5.22 8.32
CA PHE C 235 49.24 -3.84 8.28
C PHE C 235 49.79 -3.17 7.02
N VAL C 236 48.91 -2.86 6.07
CA VAL C 236 49.32 -2.28 4.76
C VAL C 236 48.80 -0.86 4.65
N ARG C 237 49.54 -0.02 3.94
CA ARG C 237 49.20 1.40 3.75
C ARG C 237 48.28 1.54 2.53
N LEU C 238 47.05 1.08 2.72
CA LEU C 238 46.00 1.20 1.73
C LEU C 238 44.72 1.62 2.42
N PHE C 239 43.92 2.41 1.72
CA PHE C 239 42.61 2.84 2.23
C PHE C 239 41.52 2.55 1.21
N PRO C 240 41.25 1.27 0.95
CA PRO C 240 40.13 0.92 0.06
C PRO C 240 38.81 1.10 0.79
N LEU C 241 37.87 1.75 0.12
CA LEU C 241 36.52 1.91 0.65
C LEU C 241 35.54 0.91 0.05
N ASN C 242 35.92 0.20 -1.00
CA ASN C 242 35.08 -0.77 -1.69
C ASN C 242 36.00 -1.71 -2.46
N GLN C 243 35.40 -2.61 -3.23
CA GLN C 243 36.21 -3.61 -3.93
C GLN C 243 37.05 -2.99 -5.04
N GLN C 244 36.53 -1.96 -5.70
CA GLN C 244 37.26 -1.35 -6.81
C GLN C 244 38.55 -0.67 -6.33
N ASP C 245 38.56 -0.18 -5.09
CA ASP C 245 39.73 0.51 -4.56
C ASP C 245 40.88 -0.42 -4.24
N VAL C 246 40.67 -1.74 -4.27
CA VAL C 246 41.73 -2.71 -4.00
C VAL C 246 42.60 -2.78 -5.25
N PRO C 247 43.87 -2.38 -5.19
CA PRO C 247 44.70 -2.38 -6.41
C PRO C 247 44.69 -3.73 -7.09
N ASP C 248 44.79 -3.71 -8.42
CA ASP C 248 44.80 -4.95 -9.19
C ASP C 248 46.02 -5.79 -8.85
N LYS C 249 47.12 -5.16 -8.46
CA LYS C 249 48.30 -5.88 -8.01
C LYS C 249 47.94 -7.08 -7.13
N PHE C 250 47.28 -6.80 -5.99
CA PHE C 250 46.98 -7.84 -5.01
C PHE C 250 45.67 -8.58 -5.28
N LYS C 251 44.84 -8.09 -6.18
CA LYS C 251 43.52 -8.68 -6.38
C LYS C 251 43.59 -9.94 -7.24
N TYR C 252 44.53 -10.00 -8.18
CA TYR C 252 44.73 -11.16 -9.04
C TYR C 252 46.17 -11.67 -8.93
N LYS C 253 46.32 -12.98 -8.83
CA LYS C 253 47.65 -13.58 -8.85
C LYS C 253 48.24 -13.60 -10.25
N ALA C 254 47.38 -13.63 -11.28
CA ALA C 254 47.85 -13.74 -12.66
C ALA C 254 48.64 -12.49 -13.06
N LYS C 267 33.79 -14.64 -20.74
CA LYS C 267 34.28 -13.76 -19.67
C LYS C 267 34.11 -14.41 -18.31
N GLU C 268 35.16 -14.41 -17.50
CA GLU C 268 35.14 -14.97 -16.15
C GLU C 268 36.05 -14.12 -15.28
N GLU C 269 35.46 -13.42 -14.31
CA GLU C 269 36.21 -12.60 -13.37
C GLU C 269 36.46 -13.42 -12.10
N HIS C 270 37.73 -13.66 -11.79
CA HIS C 270 38.14 -14.51 -10.68
C HIS C 270 39.18 -13.78 -9.84
N PRO C 271 38.76 -12.82 -9.03
CA PRO C 271 39.69 -12.23 -8.06
C PRO C 271 40.03 -13.22 -6.96
N TRP C 272 41.19 -13.01 -6.34
CA TRP C 272 41.65 -13.89 -5.29
C TRP C 272 41.36 -13.37 -3.89
N VAL C 273 41.05 -12.09 -3.76
CA VAL C 273 40.80 -11.48 -2.46
C VAL C 273 39.72 -10.43 -2.63
N ASP C 274 38.93 -10.24 -1.58
CA ASP C 274 38.00 -9.12 -1.51
C ASP C 274 38.33 -8.28 -0.28
N TYR C 275 37.63 -7.15 -0.18
CA TYR C 275 37.77 -6.22 0.93
C TYR C 275 36.56 -6.36 1.84
N THR C 276 36.81 -6.38 3.15
CA THR C 276 35.77 -6.46 4.16
C THR C 276 35.87 -5.21 5.02
N ALA C 277 34.77 -4.45 5.06
CA ALA C 277 34.81 -3.13 5.68
C ALA C 277 34.88 -3.25 7.20
N PRO C 278 35.47 -2.26 7.87
CA PRO C 278 35.49 -2.27 9.34
C PRO C 278 34.10 -2.38 9.95
N SER C 279 33.09 -1.77 9.31
N SER C 279 33.14 -1.79 9.23
CA SER C 279 31.72 -1.92 9.77
CA SER C 279 31.76 -1.94 9.68
C SER C 279 31.35 -3.36 10.06
C SER C 279 31.40 -3.38 9.97
N LEU C 280 31.99 -4.31 9.38
CA LEU C 280 31.63 -5.72 9.43
C LEU C 280 32.46 -6.53 10.39
N ILE C 281 33.40 -5.92 11.12
CA ILE C 281 34.38 -6.66 11.91
C ILE C 281 34.21 -6.31 13.38
N THR C 282 34.13 -7.35 14.22
CA THR C 282 33.96 -7.15 15.66
C THR C 282 35.28 -6.83 16.34
N LEU C 283 36.25 -7.73 16.20
CA LEU C 283 37.55 -7.54 16.83
C LEU C 283 38.64 -8.10 15.92
N LEU C 284 39.81 -7.48 15.99
CA LEU C 284 41.03 -8.00 15.37
C LEU C 284 41.98 -8.45 16.47
N PHE C 285 42.44 -9.69 16.41
CA PHE C 285 43.42 -10.22 17.34
C PHE C 285 44.77 -10.21 16.64
N THR C 286 45.63 -9.27 17.05
CA THR C 286 46.96 -9.10 16.48
C THR C 286 47.98 -9.15 17.60
N ASP C 287 49.25 -9.25 17.22
CA ASP C 287 50.34 -9.24 18.18
C ASP C 287 50.57 -7.87 18.82
N LEU C 288 49.72 -6.89 18.51
CA LEU C 288 49.76 -5.60 19.19
C LEU C 288 48.62 -5.45 20.20
N GLY C 289 47.78 -6.46 20.33
CA GLY C 289 46.64 -6.42 21.23
C GLY C 289 45.33 -6.64 20.48
N VAL C 290 44.27 -6.71 21.28
CA VAL C 290 42.91 -6.86 20.74
C VAL C 290 42.39 -5.48 20.39
N LEU C 291 42.07 -5.28 19.12
CA LEU C 291 41.68 -3.97 18.61
C LEU C 291 40.30 -4.04 17.96
N THR C 292 39.53 -2.99 18.14
CA THR C 292 38.35 -2.78 17.31
C THR C 292 38.80 -2.18 15.99
N PRO C 293 38.06 -2.40 14.90
CA PRO C 293 38.48 -1.85 13.61
C PRO C 293 38.85 -0.37 13.68
N SER C 294 38.13 0.40 14.51
CA SER C 294 38.39 1.84 14.57
C SER C 294 39.73 2.18 15.19
N ALA C 295 40.30 1.27 15.98
CA ALA C 295 41.59 1.49 16.63
C ALA C 295 42.76 1.04 15.79
N VAL C 296 42.53 0.60 14.54
CA VAL C 296 43.61 0.07 13.74
C VAL C 296 44.41 1.18 13.07
N SER C 297 43.78 2.28 12.71
CA SER C 297 44.50 3.35 12.02
C SER C 297 45.60 3.92 12.91
N ASP C 298 45.23 4.37 14.11
CA ASP C 298 46.23 4.94 15.01
C ASP C 298 47.32 3.94 15.34
N GLU C 299 46.93 2.68 15.57
CA GLU C 299 47.94 1.65 15.82
C GLU C 299 48.86 1.48 14.61
N LEU C 300 48.28 1.45 13.41
CA LEU C 300 49.09 1.34 12.20
C LEU C 300 50.01 2.54 12.06
N ILE C 301 49.51 3.74 12.33
CA ILE C 301 50.33 4.93 12.17
C ILE C 301 51.53 4.88 13.11
N LYS C 302 51.30 4.55 14.38
CA LYS C 302 52.42 4.35 15.29
C LYS C 302 53.39 3.33 14.71
N LEU C 303 52.89 2.14 14.37
CA LEU C 303 53.78 1.08 13.92
C LEU C 303 54.71 1.55 12.80
N TYR C 304 54.17 2.29 11.83
CA TYR C 304 54.99 2.80 10.74
C TYR C 304 55.81 4.02 11.13
N LEU C 305 55.72 4.49 12.38
CA LEU C 305 56.49 5.63 12.85
C LEU C 305 57.41 5.28 14.02
N GLY C 306 57.70 4.00 14.21
CA GLY C 306 58.52 3.57 15.32
C GLY C 306 58.87 2.09 15.30
N MET D 1 -19.16 45.94 11.90
CA MET D 1 -17.68 45.70 11.96
C MET D 1 -16.99 46.14 10.67
N ASP D 2 -15.91 46.91 10.84
CA ASP D 2 -15.09 47.37 9.73
C ASP D 2 -13.64 47.00 9.98
N ASP D 3 -12.71 47.45 9.13
CA ASP D 3 -11.37 46.90 9.11
C ASP D 3 -10.66 47.06 10.45
N LYS D 4 -10.70 48.27 11.02
CA LYS D 4 -10.00 48.51 12.28
C LYS D 4 -10.61 47.68 13.40
N GLU D 5 -11.94 47.63 13.49
CA GLU D 5 -12.59 46.78 14.48
C GLU D 5 -12.20 45.33 14.29
N LEU D 6 -12.03 44.91 13.03
CA LEU D 6 -11.62 43.55 12.73
C LEU D 6 -10.24 43.25 13.31
N ILE D 7 -9.28 44.16 13.09
CA ILE D 7 -7.91 43.88 13.52
C ILE D 7 -7.86 43.73 15.04
N GLU D 8 -8.57 44.58 15.78
CA GLU D 8 -8.45 44.54 17.23
C GLU D 8 -9.13 43.30 17.81
N TYR D 9 -10.37 43.03 17.37
CA TYR D 9 -11.04 41.81 17.79
C TYR D 9 -10.11 40.60 17.66
N PHE D 10 -9.53 40.44 16.47
CA PHE D 10 -8.67 39.29 16.19
C PHE D 10 -7.41 39.33 17.03
N LYS D 11 -6.77 40.50 17.11
CA LYS D 11 -5.53 40.62 17.89
C LYS D 11 -5.81 40.42 19.37
N SER D 12 -6.93 40.96 19.86
CA SER D 12 -7.27 40.80 21.27
C SER D 12 -7.82 39.41 21.56
N GLN D 13 -8.61 38.86 20.63
CA GLN D 13 -9.08 37.48 20.78
C GLN D 13 -7.91 36.53 21.01
N MET D 14 -6.78 36.79 20.35
CA MET D 14 -5.59 35.96 20.54
C MET D 14 -4.79 36.37 21.77
N LYS D 15 -4.95 37.61 22.23
CA LYS D 15 -4.24 38.05 23.44
C LYS D 15 -4.85 37.45 24.69
N GLU D 16 -6.15 37.13 24.66
CA GLU D 16 -6.78 36.49 25.80
C GLU D 16 -6.23 35.08 26.00
N ASP D 17 -6.38 34.22 24.99
CA ASP D 17 -5.87 32.86 25.04
C ASP D 17 -4.58 32.79 24.25
N PRO D 18 -3.41 32.72 24.91
CA PRO D 18 -2.16 32.56 24.14
C PRO D 18 -2.05 31.18 23.51
N ASP D 19 -2.80 30.20 23.99
CA ASP D 19 -2.74 28.83 23.52
C ASP D 19 -3.67 28.56 22.34
N MET D 20 -4.19 29.60 21.72
CA MET D 20 -5.19 29.47 20.66
C MET D 20 -4.55 29.67 19.30
N ALA D 21 -5.03 28.91 18.32
CA ALA D 21 -4.47 28.96 16.98
C ALA D 21 -4.91 30.21 16.26
N SER D 22 -3.95 30.84 15.57
CA SER D 22 -4.27 31.98 14.73
C SER D 22 -5.44 31.69 13.81
N ALA D 23 -5.44 30.50 13.19
CA ALA D 23 -6.52 30.13 12.28
C ALA D 23 -7.87 30.15 12.99
N VAL D 24 -7.92 29.64 14.22
CA VAL D 24 -9.18 29.61 14.94
C VAL D 24 -9.55 31.00 15.45
N ALA D 25 -8.56 31.77 15.89
CA ALA D 25 -8.84 33.17 16.24
C ALA D 25 -9.42 33.91 15.06
N ALA D 26 -8.88 33.68 13.86
CA ALA D 26 -9.39 34.36 12.68
C ALA D 26 -10.79 33.84 12.32
N ILE D 27 -11.02 32.54 12.44
CA ILE D 27 -12.34 32.00 12.10
C ILE D 27 -13.40 32.61 13.01
N ARG D 28 -13.10 32.72 14.30
CA ARG D 28 -14.07 33.33 15.21
C ARG D 28 -14.30 34.79 14.86
N THR D 29 -13.22 35.54 14.57
CA THR D 29 -13.37 36.93 14.18
C THR D 29 -14.22 37.04 12.92
N LEU D 30 -14.00 36.14 11.96
CA LEU D 30 -14.87 36.11 10.79
C LEU D 30 -16.32 35.85 11.19
N LEU D 31 -16.55 35.03 12.21
CA LEU D 31 -17.92 34.72 12.60
C LEU D 31 -18.58 35.93 13.26
N GLU D 32 -17.83 36.69 14.06
CA GLU D 32 -18.40 37.90 14.66
C GLU D 32 -18.70 38.93 13.58
N PHE D 33 -17.74 39.19 12.69
CA PHE D 33 -17.99 40.07 11.54
C PHE D 33 -19.24 39.62 10.79
N LEU D 34 -19.43 38.31 10.64
CA LEU D 34 -20.58 37.78 9.91
C LEU D 34 -21.89 38.23 10.55
N LYS D 35 -21.94 38.32 11.89
CA LYS D 35 -23.17 38.64 12.59
C LYS D 35 -23.30 40.11 12.93
N ARG D 36 -22.28 40.92 12.68
CA ARG D 36 -22.32 42.35 12.95
C ARG D 36 -22.57 43.17 11.70
N ASP D 37 -23.12 42.55 10.66
CA ASP D 37 -23.39 43.22 9.39
C ASP D 37 -24.88 43.16 9.04
N GLU D 40 -26.43 44.39 4.08
CA GLU D 40 -26.77 44.69 2.69
C GLU D 40 -27.54 43.53 2.06
N THR D 41 -26.82 42.63 1.39
CA THR D 41 -27.47 41.55 0.67
C THR D 41 -26.55 40.32 0.65
N ILE D 42 -26.93 39.31 -0.13
CA ILE D 42 -26.22 38.03 -0.12
C ILE D 42 -24.83 38.20 -0.72
N GLN D 43 -24.76 38.66 -1.96
CA GLN D 43 -23.46 38.87 -2.60
C GLN D 43 -22.58 39.76 -1.76
N GLY D 44 -23.15 40.83 -1.18
CA GLY D 44 -22.35 41.82 -0.49
C GLY D 44 -21.62 41.24 0.70
N LEU D 45 -22.30 40.43 1.50
CA LEU D 45 -21.65 39.83 2.66
C LEU D 45 -20.56 38.87 2.22
N ARG D 46 -20.89 37.96 1.28
CA ARG D 46 -19.86 37.11 0.69
C ARG D 46 -18.71 37.96 0.15
N ALA D 47 -19.05 39.07 -0.51
CA ALA D 47 -18.02 39.99 -0.99
C ALA D 47 -17.21 40.56 0.16
N ASN D 48 -17.88 41.24 1.10
CA ASN D 48 -17.17 41.84 2.21
C ASN D 48 -16.59 40.81 3.18
N LEU D 49 -17.15 39.60 3.23
CA LEU D 49 -16.55 38.54 4.01
C LEU D 49 -15.19 38.13 3.45
N THR D 50 -15.02 38.23 2.12
CA THR D 50 -13.76 37.80 1.50
C THR D 50 -12.65 38.83 1.76
N SER D 51 -13.00 40.12 1.77
CA SER D 51 -12.01 41.14 2.08
C SER D 51 -11.55 41.02 3.53
N ALA D 52 -12.47 40.67 4.43
CA ALA D 52 -12.13 40.54 5.84
C ALA D 52 -11.03 39.51 6.06
N ILE D 53 -11.12 38.36 5.38
CA ILE D 53 -10.06 37.36 5.50
C ILE D 53 -8.71 37.96 5.13
N GLU D 54 -8.63 38.55 3.94
CA GLU D 54 -7.37 39.07 3.46
C GLU D 54 -6.93 40.28 4.27
N THR D 55 -7.88 41.05 4.81
CA THR D 55 -7.53 42.05 5.80
C THR D 55 -6.90 41.41 7.02
N LEU D 56 -7.42 40.25 7.42
CA LEU D 56 -6.82 39.49 8.52
C LEU D 56 -5.47 38.92 8.13
N CYS D 57 -5.40 38.27 6.96
CA CYS D 57 -4.11 37.80 6.46
C CYS D 57 -3.08 38.92 6.46
N GLY D 58 -3.53 40.17 6.31
CA GLY D 58 -2.63 41.28 6.49
C GLY D 58 -2.07 41.36 7.89
N VAL D 59 -2.84 40.97 8.89
CA VAL D 59 -2.35 41.00 10.26
C VAL D 59 -1.33 39.90 10.49
N ASP D 60 -1.69 38.67 10.14
CA ASP D 60 -0.80 37.51 10.29
C ASP D 60 -0.62 36.82 8.94
N SER D 61 0.63 36.70 8.50
CA SER D 61 0.92 36.05 7.23
C SER D 61 0.93 34.53 7.33
N SER D 62 0.58 33.96 8.48
CA SER D 62 0.59 32.52 8.64
C SER D 62 -0.31 31.87 7.59
N VAL D 63 0.17 30.80 6.97
CA VAL D 63 -0.60 30.14 5.93
C VAL D 63 -1.85 29.51 6.52
N ALA D 64 -1.82 29.15 7.79
CA ALA D 64 -2.99 28.54 8.42
C ALA D 64 -4.20 29.46 8.37
N VAL D 65 -3.97 30.77 8.46
CA VAL D 65 -5.08 31.72 8.49
C VAL D 65 -5.81 31.72 7.16
N SER D 66 -5.06 31.69 6.06
CA SER D 66 -5.68 31.69 4.73
C SER D 66 -6.38 30.37 4.45
N SER D 67 -5.69 29.25 4.68
CA SER D 67 -6.28 27.94 4.41
C SER D 67 -7.52 27.73 5.28
N GLY D 68 -7.43 28.07 6.56
CA GLY D 68 -8.61 27.98 7.40
C GLY D 68 -9.71 28.92 6.97
N GLY D 69 -9.34 30.16 6.63
CA GLY D 69 -10.33 31.11 6.15
C GLY D 69 -10.99 30.65 4.88
N GLU D 70 -10.20 30.19 3.91
CA GLU D 70 -10.75 29.59 2.70
C GLU D 70 -11.70 28.45 3.07
N LEU D 71 -11.26 27.57 3.96
CA LEU D 71 -12.08 26.42 4.33
C LEU D 71 -13.38 26.88 4.99
N PHE D 72 -13.28 27.84 5.92
CA PHE D 72 -14.48 28.34 6.60
C PHE D 72 -15.46 28.95 5.60
N LEU D 73 -14.93 29.72 4.64
CA LEU D 73 -15.80 30.33 3.63
C LEU D 73 -16.54 29.28 2.82
N ARG D 74 -15.83 28.23 2.40
CA ARG D 74 -16.47 27.18 1.61
C ARG D 74 -17.55 26.49 2.43
N PHE D 75 -17.23 26.10 3.67
CA PHE D 75 -18.16 25.34 4.50
C PHE D 75 -19.51 26.04 4.60
N ILE D 76 -19.52 27.37 4.67
CA ILE D 76 -20.77 28.11 4.81
C ILE D 76 -21.25 28.53 3.43
N SER D 77 -21.70 27.58 2.63
CA SER D 77 -22.24 27.89 1.30
C SER D 77 -23.15 26.80 0.78
N TYR D 86 -32.56 35.90 2.00
CA TYR D 86 -31.36 36.48 2.61
C TYR D 86 -31.45 36.43 4.13
N SER D 87 -32.61 36.81 4.66
CA SER D 87 -32.80 36.78 6.11
C SER D 87 -32.48 35.41 6.68
N LYS D 88 -33.08 34.36 6.10
CA LYS D 88 -32.79 33.01 6.56
C LYS D 88 -31.37 32.58 6.16
N CYS D 89 -30.87 33.10 5.04
CA CYS D 89 -29.54 32.70 4.58
C CYS D 89 -28.47 33.09 5.60
N LYS D 90 -28.55 34.33 6.11
CA LYS D 90 -27.60 34.75 7.13
C LYS D 90 -27.54 33.66 8.21
N LYS D 91 -28.68 33.36 8.82
CA LYS D 91 -28.72 32.40 9.93
C LYS D 91 -27.98 31.11 9.55
N ILE D 92 -28.45 30.40 8.52
CA ILE D 92 -27.89 29.07 8.24
C ILE D 92 -26.38 29.16 8.01
N MET D 93 -25.91 30.23 7.36
CA MET D 93 -24.46 30.41 7.26
C MET D 93 -23.83 30.44 8.65
N ILE D 94 -24.45 31.19 9.57
CA ILE D 94 -23.97 31.24 10.95
C ILE D 94 -24.09 29.89 11.62
N GLU D 95 -25.22 29.21 11.42
CA GLU D 95 -25.35 27.86 11.97
C GLU D 95 -24.20 26.99 11.48
N ARG D 96 -23.88 27.06 10.19
CA ARG D 96 -22.78 26.27 9.64
C ARG D 96 -21.43 26.77 10.13
N GLY D 97 -21.27 28.09 10.23
CA GLY D 97 -20.01 28.62 10.72
C GLY D 97 -19.70 28.18 12.13
N GLU D 98 -20.72 28.10 12.98
CA GLU D 98 -20.51 27.68 14.36
C GLU D 98 -20.19 26.20 14.45
N LEU D 99 -20.85 25.38 13.62
CA LEU D 99 -20.51 23.97 13.57
C LEU D 99 -19.06 23.78 13.10
N PHE D 100 -18.68 24.48 12.02
CA PHE D 100 -17.28 24.46 11.58
C PHE D 100 -16.36 24.81 12.73
N LEU D 101 -16.68 25.87 13.47
CA LEU D 101 -15.87 26.26 14.61
C LEU D 101 -15.79 25.14 15.64
N ARG D 102 -16.93 24.52 15.95
CA ARG D 102 -16.94 23.47 16.96
C ARG D 102 -16.16 22.24 16.51
N ARG D 103 -16.21 21.91 15.22
N ARG D 103 -16.17 21.89 15.13
CA ARG D 103 -15.49 20.72 14.75
CA ARG D 103 -15.45 20.70 14.66
C ARG D 103 -13.99 20.93 14.86
C ARG D 103 -13.94 20.91 14.77
N ILE D 104 -13.49 22.11 14.46
CA ILE D 104 -12.06 22.38 14.53
C ILE D 104 -11.60 22.70 15.95
N SER D 105 -12.53 22.89 16.88
CA SER D 105 -12.15 23.07 18.28
C SER D 105 -11.56 21.79 18.87
N LEU D 106 -11.90 20.64 18.31
CA LEU D 106 -11.48 19.35 18.85
C LEU D 106 -10.30 18.75 18.11
N SER D 107 -9.94 19.28 16.94
CA SER D 107 -8.86 18.70 16.15
C SER D 107 -7.60 18.53 16.99
N ARG D 108 -7.21 19.58 17.72
CA ARG D 108 -5.98 19.54 18.48
C ARG D 108 -5.94 18.36 19.44
N ASN D 109 -7.04 18.07 20.10
CA ASN D 109 -7.09 16.99 21.08
C ASN D 109 -7.34 15.62 20.48
N LYS D 110 -7.88 15.56 19.26
CA LYS D 110 -7.90 14.29 18.55
C LYS D 110 -6.49 13.87 18.13
N ILE D 111 -5.64 14.85 17.81
CA ILE D 111 -4.26 14.55 17.42
C ILE D 111 -3.46 14.07 18.61
N ALA D 112 -3.61 14.74 19.76
CA ALA D 112 -2.98 14.27 20.99
C ALA D 112 -3.52 12.90 21.39
N ASP D 113 -4.83 12.69 21.27
CA ASP D 113 -5.40 11.39 21.56
C ASP D 113 -4.85 10.32 20.63
N LEU D 114 -4.56 10.68 19.38
CA LEU D 114 -4.11 9.72 18.39
C LEU D 114 -2.64 9.39 18.51
N CYS D 115 -1.84 10.27 19.10
CA CYS D 115 -0.39 10.18 19.01
C CYS D 115 0.29 9.50 20.19
N HIS D 116 -0.27 9.60 21.40
CA HIS D 116 0.50 9.15 22.56
C HIS D 116 0.82 7.67 22.48
N THR D 117 -0.01 6.88 21.81
CA THR D 117 0.26 5.45 21.71
C THR D 117 1.56 5.16 20.95
N PHE D 118 2.01 6.09 20.12
CA PHE D 118 3.16 5.88 19.25
C PHE D 118 4.49 6.20 19.93
N ILE D 119 4.48 7.02 20.98
CA ILE D 119 5.70 7.36 21.70
C ILE D 119 6.07 6.16 22.57
N LYS D 120 7.23 5.53 22.28
CA LYS D 120 7.72 4.45 23.12
C LYS D 120 8.35 5.03 24.38
N ASP D 121 8.19 4.32 25.49
CA ASP D 121 8.67 4.81 26.78
C ASP D 121 10.19 4.81 26.82
N GLY D 122 10.75 5.88 27.38
CA GLY D 122 12.18 6.09 27.32
C GLY D 122 12.66 6.74 26.04
N ALA D 123 11.75 7.11 25.14
CA ALA D 123 12.15 7.70 23.88
C ALA D 123 12.75 9.08 24.11
N THR D 124 13.73 9.41 23.27
CA THR D 124 14.33 10.75 23.24
C THR D 124 13.78 11.45 22.01
N ILE D 125 12.91 12.45 22.23
CA ILE D 125 12.24 13.17 21.16
C ILE D 125 13.02 14.45 20.86
N LEU D 126 13.12 14.80 19.58
CA LEU D 126 13.67 16.07 19.15
C LEU D 126 12.57 16.83 18.42
N THR D 127 12.40 18.11 18.78
CA THR D 127 11.40 18.96 18.15
C THR D 127 12.02 20.30 17.79
N HIS D 128 11.28 21.08 17.01
CA HIS D 128 11.80 22.36 16.54
C HIS D 128 10.84 23.47 16.94
N ALA D 129 11.34 24.50 17.59
CA ALA D 129 10.58 25.70 17.99
C ALA D 129 9.39 25.40 18.90
N TYR D 130 8.38 26.27 18.82
CA TYR D 130 7.18 26.16 19.66
C TYR D 130 5.99 25.72 18.81
N SER D 131 5.33 24.65 19.25
CA SER D 131 4.15 24.11 18.55
C SER D 131 3.12 23.68 19.60
N ARG D 132 1.97 24.35 19.66
CA ARG D 132 0.92 23.99 20.63
C ARG D 132 0.52 22.52 20.43
N VAL D 133 0.34 22.10 19.18
CA VAL D 133 -0.03 20.69 18.86
C VAL D 133 1.04 19.77 19.47
N VAL D 134 2.32 20.09 19.29
CA VAL D 134 3.38 19.25 19.89
C VAL D 134 3.24 19.28 21.40
N LEU D 135 2.96 20.45 21.98
CA LEU D 135 2.78 20.58 23.44
C LEU D 135 1.59 19.76 23.93
N ARG D 136 0.44 19.79 23.24
CA ARG D 136 -0.71 18.99 23.75
C ARG D 136 -0.45 17.51 23.52
N VAL D 137 0.27 17.16 22.47
CA VAL D 137 0.63 15.75 22.24
C VAL D 137 1.49 15.25 23.39
N LEU D 138 2.51 16.02 23.77
CA LEU D 138 3.38 15.60 24.86
C LEU D 138 2.70 15.71 26.21
N GLU D 139 1.77 16.64 26.36
CA GLU D 139 1.01 16.71 27.62
C GLU D 139 0.27 15.39 27.78
N ALA D 140 -0.29 14.89 26.69
CA ALA D 140 -1.07 13.64 26.74
C ALA D 140 -0.18 12.49 27.17
N ALA D 141 1.04 12.40 26.65
CA ALA D 141 1.93 11.28 27.00
C ALA D 141 2.27 11.31 28.49
N VAL D 142 2.48 12.51 29.03
CA VAL D 142 2.80 12.71 30.46
C VAL D 142 1.62 12.27 31.29
N ALA D 143 0.41 12.58 30.83
CA ALA D 143 -0.84 12.19 31.51
C ALA D 143 -1.09 10.69 31.42
N ALA D 144 -0.52 10.02 30.41
CA ALA D 144 -0.66 8.56 30.20
C ALA D 144 0.48 7.79 30.87
N LYS D 145 1.20 8.44 31.79
CA LYS D 145 2.30 7.84 32.57
C LYS D 145 3.40 7.27 31.68
N LYS D 146 3.92 8.10 30.78
CA LYS D 146 5.03 7.70 29.88
C LYS D 146 6.25 8.52 30.27
N ARG D 147 7.43 7.90 30.28
CA ARG D 147 8.69 8.59 30.65
C ARG D 147 9.47 8.85 29.37
N PHE D 148 9.87 10.10 29.14
CA PHE D 148 10.55 10.40 27.89
C PHE D 148 11.25 11.73 28.04
N SER D 149 12.32 11.93 27.27
CA SER D 149 13.09 13.16 27.31
C SER D 149 12.97 13.84 25.96
N VAL D 150 13.15 15.16 25.95
CA VAL D 150 13.02 15.96 24.74
C VAL D 150 14.27 16.79 24.52
N TYR D 151 14.69 16.89 23.27
CA TYR D 151 15.63 17.90 22.78
C TYR D 151 14.83 18.88 21.92
N VAL D 152 15.12 20.17 22.05
CA VAL D 152 14.41 21.18 21.26
C VAL D 152 15.38 22.27 20.86
N THR D 153 15.25 22.74 19.62
CA THR D 153 16.09 23.80 19.10
C THR D 153 15.58 25.15 19.59
N GLU D 154 16.50 26.04 19.95
CA GLU D 154 16.09 27.34 20.48
C GLU D 154 15.29 28.11 19.44
N SER D 155 15.64 27.94 18.16
CA SER D 155 14.91 28.51 17.03
C SER D 155 15.00 30.03 16.94
N GLN D 156 16.08 30.53 16.34
CA GLN D 156 16.20 31.95 16.07
C GLN D 156 15.16 32.37 15.02
N PRO D 157 14.79 33.65 14.99
CA PRO D 157 15.21 34.75 15.88
C PRO D 157 14.32 34.89 17.12
N ASP D 158 13.22 34.15 17.14
CA ASP D 158 12.29 34.23 18.27
C ASP D 158 12.94 33.76 19.56
N LEU D 159 13.76 32.71 19.48
CA LEU D 159 14.05 31.87 20.63
C LEU D 159 12.79 31.22 21.15
N SER D 160 11.84 30.95 20.25
CA SER D 160 10.60 30.32 20.64
C SER D 160 10.82 28.89 21.16
N GLY D 161 11.88 28.23 20.70
CA GLY D 161 12.22 26.93 21.26
C GLY D 161 12.37 26.97 22.77
N LYS D 162 12.77 28.11 23.32
CA LYS D 162 12.94 28.23 24.76
C LYS D 162 11.59 28.29 25.46
N LYS D 163 10.55 28.78 24.80
CA LYS D 163 9.23 28.83 25.43
C LYS D 163 8.68 27.42 25.64
N MET D 164 8.89 26.52 24.67
CA MET D 164 8.46 25.14 24.86
C MET D 164 9.37 24.37 25.81
N ALA D 165 10.64 24.77 25.93
CA ALA D 165 11.46 24.26 27.03
C ALA D 165 10.83 24.61 28.38
N LYS D 166 10.29 25.82 28.51
CA LYS D 166 9.67 26.23 29.77
C LYS D 166 8.34 25.51 29.97
N ALA D 167 7.47 25.53 28.96
CA ALA D 167 6.19 24.83 29.08
C ALA D 167 6.40 23.36 29.39
N LEU D 168 7.41 22.75 28.75
CA LEU D 168 7.68 21.33 28.99
C LEU D 168 8.21 21.08 30.39
N CYS D 169 8.79 22.09 31.04
CA CYS D 169 9.24 21.94 32.41
C CYS D 169 8.08 22.01 33.39
N HIS D 170 7.14 22.93 33.16
CA HIS D 170 5.92 22.94 33.94
C HIS D 170 5.33 21.54 34.05
N LEU D 171 5.39 20.79 32.94
CA LEU D 171 4.89 19.41 32.88
C LEU D 171 5.94 18.38 33.32
N ASN D 172 7.09 18.83 33.80
CA ASN D 172 8.11 17.97 34.38
C ASN D 172 8.52 16.85 33.42
N VAL D 173 9.03 17.25 32.26
CA VAL D 173 9.60 16.34 31.28
C VAL D 173 11.09 16.75 31.09
N PRO D 174 12.00 15.81 31.14
CA PRO D 174 13.41 16.16 30.83
C PRO D 174 13.51 16.81 29.47
N VAL D 175 14.19 17.96 29.40
CA VAL D 175 14.29 18.72 28.17
C VAL D 175 15.61 19.47 28.14
N THR D 176 16.30 19.39 27.01
CA THR D 176 17.53 20.14 26.78
C THR D 176 17.34 21.06 25.59
N VAL D 177 17.82 22.30 25.71
CA VAL D 177 17.79 23.27 24.63
C VAL D 177 19.12 23.21 23.89
N VAL D 178 19.08 23.27 22.57
CA VAL D 178 20.27 23.23 21.74
C VAL D 178 20.20 24.40 20.77
N LEU D 179 21.37 24.74 20.20
CA LEU D 179 21.42 25.72 19.13
C LEU D 179 20.89 25.12 17.85
N ASP D 180 20.32 25.97 16.99
CA ASP D 180 19.90 25.52 15.66
C ASP D 180 21.03 24.76 14.96
N ALA D 181 22.25 25.29 15.05
CA ALA D 181 23.40 24.66 14.43
C ALA D 181 23.70 23.27 14.96
N ALA D 182 23.11 22.89 16.08
CA ALA D 182 23.45 21.64 16.75
C ALA D 182 22.51 20.49 16.38
N VAL D 183 21.61 20.69 15.41
CA VAL D 183 20.65 19.65 15.09
C VAL D 183 21.36 18.45 14.48
N GLY D 184 22.29 18.70 13.56
CA GLY D 184 23.08 17.61 13.01
C GLY D 184 23.89 16.90 14.08
N TYR D 185 24.38 17.65 15.06
CA TYR D 185 25.18 17.08 16.14
C TYR D 185 24.32 16.20 17.04
N ILE D 186 23.18 16.73 17.49
CA ILE D 186 22.38 16.06 18.50
C ILE D 186 21.51 14.94 17.96
N MET D 187 21.40 14.79 16.64
CA MET D 187 20.40 13.89 16.09
C MET D 187 20.66 12.43 16.46
N GLU D 188 21.93 12.03 16.64
CA GLU D 188 22.22 10.65 16.99
C GLU D 188 21.67 10.28 18.37
N LYS D 189 21.37 11.28 19.21
CA LYS D 189 20.81 11.05 20.52
C LYS D 189 19.30 10.88 20.50
N ALA D 190 18.67 11.08 19.35
CA ALA D 190 17.23 11.14 19.25
C ALA D 190 16.68 9.85 18.66
N ASP D 191 15.59 9.36 19.25
CA ASP D 191 14.88 8.22 18.68
C ASP D 191 13.93 8.63 17.57
N LEU D 192 13.41 9.85 17.62
CA LEU D 192 12.39 10.29 16.67
C LEU D 192 12.31 11.81 16.68
N VAL D 193 11.76 12.37 15.60
CA VAL D 193 11.50 13.80 15.48
C VAL D 193 10.00 14.02 15.37
N ILE D 194 9.51 15.01 16.12
CA ILE D 194 8.11 15.45 16.02
C ILE D 194 8.08 16.96 15.87
N VAL D 195 7.36 17.44 14.86
CA VAL D 195 7.22 18.87 14.61
C VAL D 195 5.76 19.19 14.32
N GLY D 196 5.38 20.43 14.58
CA GLY D 196 4.13 20.98 14.09
C GLY D 196 4.29 21.41 12.64
N ALA D 197 3.28 22.14 12.17
CA ALA D 197 3.29 22.65 10.82
C ALA D 197 2.40 23.89 10.73
N GLU D 198 2.85 24.87 9.95
CA GLU D 198 2.00 26.02 9.63
C GLU D 198 0.98 25.64 8.58
N GLY D 199 1.38 24.80 7.63
CA GLY D 199 0.48 24.38 6.56
C GLY D 199 0.91 23.04 6.00
N VAL D 200 -0.07 22.26 5.56
CA VAL D 200 0.15 20.98 4.90
C VAL D 200 -0.25 21.18 3.44
N VAL D 201 0.68 20.90 2.53
CA VAL D 201 0.51 21.24 1.14
C VAL D 201 0.01 20.01 0.38
N GLU D 202 -0.39 20.22 -0.88
CA GLU D 202 -1.12 19.19 -1.62
C GLU D 202 -0.29 17.92 -1.77
N ASN D 203 1.02 18.03 -1.92
CA ASN D 203 1.86 16.86 -2.13
C ASN D 203 2.29 16.18 -0.84
N GLY D 204 1.79 16.64 0.31
CA GLY D 204 2.06 16.00 1.57
C GLY D 204 3.21 16.59 2.37
N GLY D 205 3.99 17.48 1.77
CA GLY D 205 4.99 18.20 2.52
C GLY D 205 4.34 19.20 3.46
N ILE D 206 5.18 20.03 4.06
CA ILE D 206 4.69 21.00 5.02
C ILE D 206 5.48 22.30 4.93
N ILE D 207 4.83 23.38 5.35
CA ILE D 207 5.47 24.67 5.59
C ILE D 207 5.50 24.84 7.10
N ASN D 208 6.68 25.17 7.63
CA ASN D 208 6.86 25.32 9.07
C ASN D 208 8.04 26.24 9.32
N LYS D 209 8.23 26.60 10.59
CA LYS D 209 9.27 27.56 10.96
C LYS D 209 10.62 27.17 10.37
N ILE D 210 11.32 28.18 9.85
CA ILE D 210 12.64 27.98 9.26
C ILE D 210 13.51 27.16 10.19
N GLY D 211 14.18 26.16 9.63
CA GLY D 211 14.89 25.16 10.38
C GLY D 211 14.27 23.78 10.29
N THR D 212 12.99 23.69 9.96
CA THR D 212 12.34 22.39 9.88
C THR D 212 12.94 21.54 8.75
N ASN D 213 13.26 22.17 7.62
CA ASN D 213 13.79 21.44 6.48
C ASN D 213 15.09 20.73 6.85
N GLN D 214 16.07 21.49 7.36
CA GLN D 214 17.36 20.88 7.65
C GLN D 214 17.24 19.78 8.70
N MET D 215 16.24 19.87 9.57
CA MET D 215 16.08 18.84 10.59
C MET D 215 15.54 17.56 10.00
N ALA D 216 14.63 17.67 9.02
CA ALA D 216 14.11 16.49 8.34
C ALA D 216 15.20 15.77 7.56
N VAL D 217 16.10 16.53 6.94
CA VAL D 217 17.18 15.93 6.16
C VAL D 217 18.18 15.21 7.07
N CYS D 218 18.59 15.85 8.16
CA CYS D 218 19.48 15.19 9.09
C CYS D 218 18.81 13.96 9.71
N ALA D 219 17.49 14.01 9.89
CA ALA D 219 16.76 12.86 10.40
C ALA D 219 16.79 11.70 9.40
N LYS D 220 16.46 11.99 8.14
CA LYS D 220 16.47 10.92 7.13
C LYS D 220 17.86 10.32 6.97
N ALA D 221 18.90 11.15 7.01
CA ALA D 221 20.24 10.67 6.81
C ALA D 221 20.63 9.64 7.87
N GLN D 222 20.05 9.73 9.06
CA GLN D 222 20.30 8.76 10.12
C GLN D 222 19.13 7.80 10.32
N ASN D 223 18.12 7.85 9.45
CA ASN D 223 16.99 6.93 9.52
C ASN D 223 16.23 7.08 10.84
N LYS D 224 16.07 8.29 11.28
CA LYS D 224 15.19 8.59 12.40
C LYS D 224 13.85 9.06 11.86
N PRO D 225 12.73 8.44 12.25
CA PRO D 225 11.45 8.84 11.65
C PRO D 225 11.10 10.28 11.97
N PHE D 226 10.42 10.92 11.03
CA PHE D 226 10.08 12.34 11.10
C PHE D 226 8.56 12.45 11.07
N TYR D 227 7.98 12.90 12.18
CA TYR D 227 6.53 12.94 12.35
C TYR D 227 6.03 14.38 12.45
N VAL D 228 4.91 14.65 11.81
CA VAL D 228 4.30 15.96 11.78
C VAL D 228 2.94 15.87 12.48
N VAL D 229 2.60 16.90 13.25
CA VAL D 229 1.31 16.98 13.92
C VAL D 229 0.67 18.32 13.59
N ALA D 230 -0.52 18.29 13.00
CA ALA D 230 -1.13 19.51 12.50
C ALA D 230 -2.63 19.32 12.28
N GLU D 231 -3.38 20.39 12.52
CA GLU D 231 -4.82 20.35 12.34
C GLU D 231 -5.17 20.35 10.85
N SER D 232 -6.33 19.79 10.53
CA SER D 232 -6.73 19.63 9.13
C SER D 232 -7.08 20.97 8.49
N PHE D 233 -7.36 22.01 9.27
CA PHE D 233 -7.58 23.32 8.68
C PHE D 233 -6.29 23.96 8.17
N LYS D 234 -5.15 23.28 8.35
CA LYS D 234 -3.88 23.72 7.80
C LYS D 234 -3.58 23.10 6.44
N PHE D 235 -4.51 22.33 5.88
CA PHE D 235 -4.36 21.85 4.51
C PHE D 235 -4.58 23.01 3.56
N VAL D 236 -3.61 23.30 2.72
CA VAL D 236 -3.63 24.47 1.85
C VAL D 236 -3.38 24.02 0.41
N ARG D 237 -3.96 24.78 -0.53
CA ARG D 237 -3.93 24.41 -1.95
C ARG D 237 -2.67 24.94 -2.60
N LEU D 238 -1.56 24.25 -2.34
CA LEU D 238 -0.26 24.57 -2.90
C LEU D 238 0.46 23.28 -3.23
N PHE D 239 1.30 23.32 -4.27
CA PHE D 239 2.11 22.18 -4.69
C PHE D 239 3.53 22.64 -4.96
N PRO D 240 4.29 22.94 -3.90
CA PRO D 240 5.66 23.42 -4.11
C PRO D 240 6.59 22.31 -4.55
N LEU D 241 7.55 22.67 -5.41
CA LEU D 241 8.64 21.77 -5.79
C LEU D 241 9.92 22.06 -5.02
N ASN D 242 10.23 23.34 -4.78
CA ASN D 242 11.42 23.73 -4.06
C ASN D 242 11.07 24.91 -3.15
N GLN D 243 12.10 25.50 -2.53
CA GLN D 243 11.87 26.50 -1.52
C GLN D 243 11.17 27.74 -2.08
N GLN D 244 11.52 28.13 -3.30
CA GLN D 244 11.04 29.41 -3.82
C GLN D 244 9.64 29.33 -4.42
N ASP D 245 9.04 28.15 -4.48
CA ASP D 245 7.65 28.03 -4.89
C ASP D 245 6.67 28.31 -3.74
N VAL D 246 7.18 28.49 -2.52
CA VAL D 246 6.36 28.96 -1.40
C VAL D 246 6.12 30.46 -1.59
N PRO D 247 4.87 30.92 -1.66
CA PRO D 247 4.64 32.35 -1.87
C PRO D 247 5.34 33.22 -0.83
N ASP D 248 5.67 34.44 -1.24
CA ASP D 248 6.40 35.34 -0.36
C ASP D 248 5.52 35.91 0.75
N LYS D 249 4.21 35.98 0.53
CA LYS D 249 3.32 36.44 1.58
C LYS D 249 3.40 35.51 2.80
N PHE D 250 3.77 34.25 2.60
CA PHE D 250 3.93 33.32 3.71
C PHE D 250 5.34 33.29 4.27
N LYS D 251 6.33 33.74 3.50
CA LYS D 251 7.72 33.56 3.90
C LYS D 251 8.18 34.64 4.89
N TYR D 252 7.62 35.83 4.81
CA TYR D 252 8.05 36.96 5.60
C TYR D 252 6.86 37.49 6.39
N LYS D 253 7.05 37.66 7.70
CA LYS D 253 5.96 38.01 8.60
C LYS D 253 5.44 39.41 8.34
N LEU D 266 26.62 43.66 2.23
CA LEU D 266 26.16 42.78 3.31
C LEU D 266 24.63 42.79 3.41
N LYS D 267 23.99 41.83 2.76
CA LYS D 267 22.54 41.72 2.73
C LYS D 267 22.07 40.67 3.72
N GLU D 268 20.76 40.46 3.79
CA GLU D 268 20.20 39.44 4.65
C GLU D 268 18.98 38.81 3.99
N GLU D 269 18.99 37.48 3.92
CA GLU D 269 17.79 36.70 3.68
C GLU D 269 17.30 36.19 5.03
N HIS D 270 16.02 36.40 5.33
CA HIS D 270 15.46 36.06 6.64
C HIS D 270 14.08 35.44 6.47
N PRO D 271 13.98 34.32 5.78
CA PRO D 271 12.70 33.63 5.68
C PRO D 271 12.23 33.11 7.02
N TRP D 272 10.91 33.08 7.19
CA TRP D 272 10.29 32.67 8.43
C TRP D 272 9.85 31.21 8.45
N VAL D 273 9.56 30.66 7.28
CA VAL D 273 9.20 29.25 7.14
C VAL D 273 10.02 28.69 5.98
N ASP D 274 10.20 27.37 6.00
CA ASP D 274 10.78 26.67 4.87
C ASP D 274 9.86 25.53 4.48
N TYR D 275 10.11 24.98 3.30
CA TYR D 275 9.32 23.88 2.76
C TYR D 275 10.05 22.57 3.03
N THR D 276 9.31 21.58 3.53
CA THR D 276 9.84 20.25 3.77
C THR D 276 9.07 19.27 2.90
N ALA D 277 9.77 18.61 1.98
CA ALA D 277 9.12 17.82 0.94
C ALA D 277 8.59 16.48 1.47
N PRO D 278 7.62 15.89 0.78
CA PRO D 278 7.02 14.67 1.28
C PRO D 278 7.99 13.52 1.49
N SER D 279 9.02 13.39 0.65
CA SER D 279 9.95 12.27 0.82
C SER D 279 10.63 12.33 2.18
N LEU D 280 10.71 13.49 2.79
CA LEU D 280 11.37 13.66 4.07
C LEU D 280 10.43 13.47 5.26
N ILE D 281 9.19 13.01 5.03
CA ILE D 281 8.18 12.92 6.08
C ILE D 281 7.71 11.48 6.19
N THR D 282 7.62 10.97 7.42
CA THR D 282 7.22 9.60 7.67
C THR D 282 5.72 9.47 7.81
N LEU D 283 5.11 10.28 8.66
CA LEU D 283 3.66 10.27 8.83
C LEU D 283 3.22 11.65 9.28
N LEU D 284 2.02 12.03 8.85
CA LEU D 284 1.32 13.20 9.37
C LEU D 284 0.20 12.72 10.28
N PHE D 285 0.15 13.25 11.49
CA PHE D 285 -0.93 12.98 12.43
C PHE D 285 -1.86 14.17 12.43
N THR D 286 -3.11 13.95 12.02
CA THR D 286 -4.08 15.03 11.86
C THR D 286 -5.42 14.57 12.41
N ASP D 287 -6.34 15.51 12.56
CA ASP D 287 -7.68 15.18 13.02
C ASP D 287 -8.45 14.33 12.01
N LEU D 288 -7.94 14.17 10.79
CA LEU D 288 -8.53 13.27 9.81
C LEU D 288 -7.95 11.86 9.87
N GLY D 289 -6.96 11.63 10.71
CA GLY D 289 -6.32 10.34 10.85
C GLY D 289 -4.83 10.40 10.56
N VAL D 290 -4.20 9.23 10.66
CA VAL D 290 -2.78 9.11 10.34
C VAL D 290 -2.63 8.96 8.84
N LEU D 291 -1.66 9.68 8.28
CA LEU D 291 -1.57 9.82 6.83
C LEU D 291 -0.13 9.78 6.37
N THR D 292 0.12 9.01 5.31
CA THR D 292 1.37 9.15 4.58
C THR D 292 1.33 10.43 3.76
N PRO D 293 2.49 10.96 3.38
CA PRO D 293 2.46 12.15 2.51
C PRO D 293 1.68 11.91 1.23
N SER D 294 1.80 10.73 0.62
CA SER D 294 1.11 10.49 -0.64
C SER D 294 -0.41 10.46 -0.49
N ALA D 295 -0.91 10.22 0.71
CA ALA D 295 -2.34 10.14 0.97
C ALA D 295 -2.98 11.48 1.29
N VAL D 296 -2.20 12.57 1.32
CA VAL D 296 -2.78 13.86 1.69
C VAL D 296 -3.63 14.40 0.56
N SER D 297 -3.22 14.17 -0.69
CA SER D 297 -3.96 14.75 -1.81
C SER D 297 -5.42 14.29 -1.80
N ASP D 298 -5.64 12.98 -1.59
CA ASP D 298 -7.01 12.47 -1.52
C ASP D 298 -7.76 13.04 -0.32
N GLU D 299 -7.09 13.13 0.83
CA GLU D 299 -7.74 13.70 2.00
C GLU D 299 -8.01 15.19 1.81
N LEU D 300 -7.06 15.93 1.22
CA LEU D 300 -7.30 17.35 0.96
C LEU D 300 -8.54 17.53 0.09
N ILE D 301 -8.65 16.73 -0.98
CA ILE D 301 -9.84 16.80 -1.83
C ILE D 301 -11.10 16.56 -1.00
N LYS D 302 -11.13 15.44 -0.27
CA LYS D 302 -12.30 15.10 0.54
C LYS D 302 -12.65 16.23 1.50
N LEU D 303 -11.63 16.88 2.07
CA LEU D 303 -11.86 17.94 3.03
C LEU D 303 -12.38 19.21 2.35
N TYR D 304 -11.72 19.62 1.26
CA TYR D 304 -12.09 20.88 0.61
C TYR D 304 -13.43 20.80 -0.11
N LEU D 305 -13.93 19.60 -0.41
CA LEU D 305 -15.18 19.49 -1.14
C LEU D 305 -16.38 19.47 -0.20
N GLY D 306 -16.42 18.48 0.70
CA GLY D 306 -17.50 18.38 1.67
C GLY D 306 -18.30 17.09 1.55
N ASP E 3 55.71 28.95 33.67
CA ASP E 3 54.38 28.40 33.39
C ASP E 3 53.37 29.54 33.24
N LYS E 4 53.41 30.51 34.15
CA LYS E 4 52.54 31.67 34.03
C LYS E 4 52.88 32.47 32.78
N GLU E 5 54.16 32.53 32.41
CA GLU E 5 54.61 33.26 31.22
C GLU E 5 54.38 32.46 29.94
N LEU E 6 54.25 31.14 30.02
CA LEU E 6 53.79 30.37 28.87
C LEU E 6 52.42 30.86 28.41
N ILE E 7 51.48 31.00 29.35
CA ILE E 7 50.15 31.52 29.00
C ILE E 7 50.27 32.97 28.55
N GLU E 8 50.98 33.80 29.31
CA GLU E 8 51.23 35.18 28.94
C GLU E 8 51.68 35.27 27.49
N TYR E 9 52.76 34.57 27.15
CA TYR E 9 53.29 34.61 25.79
C TYR E 9 52.25 34.10 24.80
N PHE E 10 51.67 32.92 25.09
CA PHE E 10 50.73 32.32 24.15
C PHE E 10 49.56 33.24 23.87
N LYS E 11 48.95 33.81 24.92
CA LYS E 11 47.70 34.55 24.73
C LYS E 11 47.94 35.80 23.89
N SER E 12 48.92 36.62 24.27
CA SER E 12 49.15 37.88 23.56
C SER E 12 49.93 37.69 22.25
N GLN E 13 50.45 36.49 22.00
CA GLN E 13 50.89 36.17 20.64
C GLN E 13 49.72 36.22 19.67
N MET E 14 48.51 35.83 20.14
CA MET E 14 47.31 35.92 19.33
C MET E 14 46.61 37.27 19.46
N LYS E 15 46.80 37.95 20.60
CA LYS E 15 46.28 39.31 20.75
C LYS E 15 47.02 40.29 19.84
N GLU E 16 48.32 40.05 19.62
CA GLU E 16 49.10 40.89 18.72
C GLU E 16 48.70 40.65 17.27
N ASP E 17 48.42 39.39 16.93
CA ASP E 17 48.03 39.00 15.57
C ASP E 17 46.84 38.06 15.65
N PRO E 18 45.61 38.56 15.47
CA PRO E 18 44.46 37.64 15.47
C PRO E 18 44.41 36.77 14.23
N ASP E 19 44.90 37.26 13.10
CA ASP E 19 44.94 36.47 11.88
C ASP E 19 45.83 35.23 12.01
N MET E 20 46.61 35.14 13.08
CA MET E 20 47.51 34.01 13.27
C MET E 20 46.72 32.80 13.77
N ALA E 21 46.97 31.65 13.15
CA ALA E 21 46.43 30.40 13.67
C ALA E 21 46.92 30.18 15.08
N SER E 22 46.04 29.65 15.94
CA SER E 22 46.46 29.36 17.31
C SER E 22 47.50 28.25 17.35
N ALA E 23 47.48 27.33 16.39
CA ALA E 23 48.47 26.27 16.36
C ALA E 23 49.87 26.82 16.13
N VAL E 24 50.02 27.73 15.15
CA VAL E 24 51.32 28.32 14.93
C VAL E 24 51.71 29.21 16.11
N ALA E 25 50.73 29.88 16.72
CA ALA E 25 51.00 30.64 17.94
C ALA E 25 51.61 29.74 19.01
N ALA E 26 51.01 28.57 19.23
CA ALA E 26 51.50 27.66 20.25
C ALA E 26 52.88 27.14 19.92
N ILE E 27 53.19 26.95 18.64
CA ILE E 27 54.52 26.47 18.26
C ILE E 27 55.56 27.55 18.52
N ARG E 28 55.22 28.82 18.25
CA ARG E 28 56.08 29.92 18.67
C ARG E 28 56.37 29.85 20.16
N THR E 29 55.36 29.55 20.97
CA THR E 29 55.53 29.51 22.41
C THR E 29 56.41 28.35 22.85
N LEU E 30 56.37 27.23 22.12
CA LEU E 30 57.26 26.11 22.43
C LEU E 30 58.66 26.34 21.89
N LEU E 31 58.79 27.07 20.78
CA LEU E 31 60.10 27.42 20.26
C LEU E 31 60.84 28.32 21.24
N GLU E 32 60.16 29.34 21.77
CA GLU E 32 60.78 30.20 22.77
C GLU E 32 61.02 29.46 24.08
N PHE E 33 60.10 28.57 24.46
CA PHE E 33 60.34 27.75 25.65
C PHE E 33 61.55 26.84 25.45
N LEU E 34 61.77 26.36 24.22
CA LEU E 34 62.96 25.57 23.94
C LEU E 34 64.23 26.42 24.06
N LYS E 35 64.17 27.66 23.58
CA LYS E 35 65.33 28.53 23.66
C LYS E 35 65.73 28.76 25.12
N ARG E 36 64.79 29.21 25.95
CA ARG E 36 65.08 29.39 27.37
C ARG E 36 65.12 28.01 28.05
N ASP E 37 66.27 27.67 28.63
CA ASP E 37 66.44 26.40 29.31
C ASP E 37 67.78 26.35 30.04
N GLN E 43 67.61 15.14 26.63
CA GLN E 43 68.01 15.38 28.04
C GLN E 43 66.75 15.43 28.91
N GLY E 44 66.57 16.49 29.69
CA GLY E 44 65.41 16.57 30.60
C GLY E 44 64.32 17.50 30.11
N LEU E 45 64.50 18.12 28.95
CA LEU E 45 63.46 19.06 28.46
C LEU E 45 62.29 18.27 27.88
N ARG E 46 62.54 17.04 27.45
CA ARG E 46 61.54 16.14 26.81
C ARG E 46 60.21 16.23 27.56
N ALA E 47 60.19 15.84 28.84
CA ALA E 47 58.94 15.90 29.62
C ALA E 47 58.54 17.36 29.82
N ASN E 48 59.51 18.25 30.00
CA ASN E 48 59.18 19.68 30.20
C ASN E 48 58.39 20.17 28.97
N LEU E 49 58.85 19.85 27.76
CA LEU E 49 58.10 20.26 26.56
C LEU E 49 56.73 19.61 26.59
N THR E 50 56.66 18.31 26.91
CA THR E 50 55.32 17.67 26.95
C THR E 50 54.48 18.41 28.00
N SER E 51 55.04 18.62 29.18
CA SER E 51 54.29 19.37 30.22
C SER E 51 53.95 20.74 29.65
N ALA E 52 54.88 21.38 28.93
CA ALA E 52 54.56 22.69 28.37
C ALA E 52 53.35 22.61 27.45
N ILE E 53 53.33 21.63 26.57
CA ILE E 53 52.27 21.57 25.57
C ILE E 53 50.95 21.18 26.22
N GLU E 54 50.97 20.26 27.20
CA GLU E 54 49.75 19.91 27.91
C GLU E 54 49.24 21.09 28.73
N THR E 55 50.15 21.86 29.34
CA THR E 55 49.74 23.05 30.07
C THR E 55 49.29 24.15 29.11
N LEU E 56 49.89 24.23 27.93
CA LEU E 56 49.36 25.12 26.90
C LEU E 56 47.98 24.68 26.45
N CYS E 57 47.78 23.37 26.32
CA CYS E 57 46.50 22.81 25.89
C CYS E 57 45.39 22.99 26.91
N GLY E 58 45.72 23.40 28.14
CA GLY E 58 44.70 23.64 29.14
C GLY E 58 43.97 24.96 28.94
N VAL E 59 44.69 25.99 28.49
CA VAL E 59 44.08 27.30 28.33
C VAL E 59 43.33 27.44 27.01
N ASP E 60 43.67 26.65 26.00
CA ASP E 60 42.97 26.66 24.73
C ASP E 60 42.54 25.24 24.38
N SER E 61 41.27 25.08 24.02
CA SER E 61 40.70 23.79 23.70
C SER E 61 40.86 23.40 22.24
N SER E 62 41.28 24.32 21.37
CA SER E 62 41.33 24.03 19.94
C SER E 62 42.23 22.82 19.67
N VAL E 63 41.69 21.84 18.95
CA VAL E 63 42.46 20.64 18.61
C VAL E 63 43.62 20.97 17.69
N ALA E 64 43.63 22.15 17.08
CA ALA E 64 44.79 22.56 16.30
C ALA E 64 46.03 22.68 17.18
N VAL E 65 45.87 23.22 18.39
CA VAL E 65 47.01 23.37 19.31
C VAL E 65 47.68 22.02 19.53
N SER E 66 46.90 21.01 19.91
CA SER E 66 47.47 19.72 20.27
C SER E 66 48.06 18.99 19.06
N SER E 67 47.44 19.16 17.88
CA SER E 67 47.96 18.50 16.68
C SER E 67 49.29 19.11 16.26
N GLY E 68 49.30 20.40 15.93
CA GLY E 68 50.54 21.05 15.57
C GLY E 68 51.61 20.94 16.63
N GLY E 69 51.20 20.75 17.89
CA GLY E 69 52.18 20.58 18.95
C GLY E 69 52.86 19.23 18.89
N GLU E 70 52.08 18.15 18.81
CA GLU E 70 52.67 16.84 18.60
C GLU E 70 53.50 16.82 17.31
N LEU E 71 53.08 17.58 16.31
CA LEU E 71 53.77 17.58 15.02
C LEU E 71 55.11 18.27 15.14
N PHE E 72 55.13 19.44 15.78
CA PHE E 72 56.36 20.20 15.94
C PHE E 72 57.35 19.44 16.81
N LEU E 73 56.90 18.96 17.97
CA LEU E 73 57.80 18.24 18.87
C LEU E 73 58.34 16.98 18.20
N ARG E 74 57.46 16.12 17.68
CA ARG E 74 57.91 14.88 17.06
C ARG E 74 58.89 15.15 15.93
N PHE E 75 58.69 16.25 15.20
CA PHE E 75 59.56 16.57 14.07
C PHE E 75 61.01 16.76 14.52
N ILE E 76 61.22 17.56 15.56
CA ILE E 76 62.57 17.89 16.02
C ILE E 76 63.02 16.77 16.95
N SER E 77 63.90 15.91 16.44
CA SER E 77 64.58 14.93 17.27
C SER E 77 65.75 14.33 16.49
N LEU E 78 66.95 14.45 17.03
CA LEU E 78 68.16 13.93 16.41
C LEU E 78 68.22 14.22 14.91
N ASP E 85 76.28 15.26 21.95
CA ASP E 85 76.30 16.17 23.10
C ASP E 85 74.94 16.83 23.29
N TYR E 86 74.62 17.19 24.54
CA TYR E 86 73.34 17.81 24.87
C TYR E 86 73.17 19.14 24.15
N SER E 87 73.98 20.14 24.51
CA SER E 87 73.93 21.42 23.82
C SER E 87 74.16 21.25 22.33
N LYS E 88 74.98 20.26 21.94
CA LYS E 88 75.19 19.96 20.53
C LYS E 88 73.86 19.78 19.81
N CYS E 89 73.02 18.87 20.32
CA CYS E 89 71.74 18.58 19.68
C CYS E 89 70.60 19.47 20.17
N LYS E 90 70.78 20.19 21.28
CA LYS E 90 69.78 21.16 21.71
C LYS E 90 69.83 22.44 20.89
N LYS E 91 70.93 22.68 20.17
CA LYS E 91 71.04 23.83 19.28
C LYS E 91 70.58 23.50 17.87
N ILE E 92 70.74 22.26 17.43
CA ILE E 92 70.31 21.90 16.09
C ILE E 92 68.79 21.74 16.05
N MET E 93 68.17 21.39 17.17
CA MET E 93 66.72 21.27 17.20
C MET E 93 66.04 22.62 17.02
N ILE E 94 66.69 23.71 17.47
CA ILE E 94 66.08 25.02 17.32
C ILE E 94 65.95 25.39 15.84
N GLU E 95 67.01 25.14 15.06
CA GLU E 95 66.92 25.42 13.64
C GLU E 95 65.89 24.50 12.97
N ARG E 96 65.91 23.21 13.34
CA ARG E 96 64.87 22.30 12.85
C ARG E 96 63.49 22.82 13.22
N GLY E 97 63.32 23.31 14.44
CA GLY E 97 62.04 23.86 14.84
C GLY E 97 61.70 25.14 14.09
N GLU E 98 62.68 26.03 13.91
CA GLU E 98 62.43 27.26 13.17
C GLU E 98 62.15 26.98 11.70
N LEU E 99 62.75 25.92 11.15
CA LEU E 99 62.43 25.50 9.79
C LEU E 99 60.97 25.07 9.69
N PHE E 100 60.55 24.17 10.58
CA PHE E 100 59.15 23.80 10.70
C PHE E 100 58.25 25.03 10.75
N LEU E 101 58.59 25.98 11.63
CA LEU E 101 57.83 27.23 11.71
C LEU E 101 57.72 27.88 10.34
N ARG E 102 58.85 28.02 9.64
CA ARG E 102 58.84 28.74 8.37
C ARG E 102 57.97 28.03 7.35
N ARG E 103 58.01 26.70 7.33
CA ARG E 103 57.18 25.94 6.39
C ARG E 103 55.69 26.21 6.64
N ILE E 104 55.22 25.91 7.86
CA ILE E 104 53.78 25.99 8.11
C ILE E 104 53.28 27.42 7.99
N SER E 105 54.14 28.41 8.22
CA SER E 105 53.74 29.80 8.03
C SER E 105 53.36 30.08 6.58
N LEU E 106 53.86 29.28 5.63
CA LEU E 106 53.53 29.41 4.23
C LEU E 106 52.29 28.60 3.84
N SER E 107 51.77 27.77 4.74
CA SER E 107 50.74 26.82 4.35
C SER E 107 49.49 27.52 3.84
N ARG E 108 49.13 28.65 4.44
CA ARG E 108 47.88 29.31 4.09
C ARG E 108 47.88 29.74 2.64
N ASN E 109 48.95 30.41 2.19
CA ASN E 109 49.00 30.88 0.81
C ASN E 109 49.27 29.74 -0.17
N LYS E 110 49.99 28.70 0.26
CA LYS E 110 50.05 27.49 -0.53
C LYS E 110 48.64 27.01 -0.88
N ILE E 111 47.77 26.93 0.14
CA ILE E 111 46.39 26.51 -0.11
C ILE E 111 45.68 27.51 -1.00
N ALA E 112 45.78 28.80 -0.67
CA ALA E 112 45.14 29.84 -1.46
C ALA E 112 45.54 29.73 -2.93
N ASP E 113 46.84 29.57 -3.17
CA ASP E 113 47.31 29.40 -4.54
C ASP E 113 46.74 28.13 -5.17
N LEU E 114 46.62 27.06 -4.38
CA LEU E 114 46.18 25.79 -4.91
C LEU E 114 44.85 25.93 -5.64
N CYS E 115 43.89 26.61 -5.02
CA CYS E 115 42.55 26.74 -5.59
C CYS E 115 42.23 28.17 -6.04
N HIS E 116 43.22 28.92 -6.49
CA HIS E 116 42.90 30.26 -6.98
C HIS E 116 42.23 30.24 -8.34
N THR E 117 42.24 29.10 -9.03
CA THR E 117 41.59 28.98 -10.33
C THR E 117 40.59 27.83 -10.38
N PHE E 118 40.20 27.26 -9.24
CA PHE E 118 39.27 26.15 -9.24
C PHE E 118 37.81 26.60 -9.10
N ILE E 119 37.58 27.83 -8.65
CA ILE E 119 36.23 28.38 -8.56
C ILE E 119 35.83 28.92 -9.91
N LYS E 120 34.56 28.74 -10.28
CA LYS E 120 34.06 29.08 -11.60
C LYS E 120 33.35 30.43 -11.57
N ASP E 121 33.50 31.20 -12.64
CA ASP E 121 32.88 32.51 -12.73
C ASP E 121 31.36 32.39 -12.65
N GLY E 122 30.75 33.16 -11.76
CA GLY E 122 29.33 33.11 -11.54
C GLY E 122 28.88 32.15 -10.47
N ALA E 123 29.80 31.44 -9.84
CA ALA E 123 29.44 30.47 -8.83
C ALA E 123 28.87 31.16 -7.59
N THR E 124 28.07 30.41 -6.85
CA THR E 124 27.52 30.85 -5.58
C THR E 124 28.08 29.93 -4.50
N ILE E 125 28.77 30.50 -3.53
CA ILE E 125 29.47 29.74 -2.49
C ILE E 125 28.71 29.86 -1.19
N LEU E 126 28.62 28.75 -0.47
CA LEU E 126 28.03 28.70 0.86
C LEU E 126 29.13 28.42 1.86
N THR E 127 29.13 29.17 2.97
CA THR E 127 30.15 29.05 3.99
C THR E 127 29.50 28.99 5.36
N HIS E 128 30.28 28.52 6.34
CA HIS E 128 29.82 28.42 7.72
C HIS E 128 30.85 29.11 8.60
N ALA E 129 30.38 30.03 9.45
CA ALA E 129 31.24 30.64 10.46
C ALA E 129 32.34 31.45 9.79
N TYR E 130 33.43 31.69 10.50
CA TYR E 130 34.53 32.52 10.01
C TYR E 130 35.77 31.66 9.92
N SER E 131 36.38 31.62 8.73
CA SER E 131 37.59 30.85 8.50
C SER E 131 38.59 31.72 7.77
N ARG E 132 39.76 31.93 8.37
CA ARG E 132 40.79 32.71 7.71
C ARG E 132 41.28 32.00 6.45
N VAL E 133 41.45 30.67 6.52
CA VAL E 133 41.89 29.94 5.34
C VAL E 133 40.84 30.05 4.24
N VAL E 134 39.58 30.14 4.62
CA VAL E 134 38.52 30.27 3.58
C VAL E 134 38.59 31.68 3.03
N LEU E 135 39.00 32.64 3.86
CA LEU E 135 39.10 34.06 3.44
C LEU E 135 40.32 34.24 2.53
N ARG E 136 41.43 33.59 2.85
CA ARG E 136 42.61 33.75 1.97
C ARG E 136 42.30 33.09 0.63
N VAL E 137 41.64 31.93 0.64
CA VAL E 137 41.33 31.23 -0.63
C VAL E 137 40.47 32.12 -1.51
N LEU E 138 39.46 32.78 -0.94
CA LEU E 138 38.59 33.63 -1.75
C LEU E 138 39.20 35.00 -2.03
N GLU E 139 40.13 35.48 -1.20
CA GLU E 139 40.93 36.64 -1.58
C GLU E 139 41.65 36.38 -2.89
N ALA E 140 42.38 35.27 -2.97
CA ALA E 140 43.09 34.91 -4.19
C ALA E 140 42.14 34.81 -5.37
N ALA E 141 40.97 34.19 -5.17
CA ALA E 141 39.99 34.08 -6.25
C ALA E 141 39.70 35.45 -6.87
N VAL E 142 39.40 36.44 -6.02
CA VAL E 142 39.10 37.76 -6.54
C VAL E 142 40.34 38.34 -7.20
N ALA E 143 41.52 38.07 -6.62
CA ALA E 143 42.76 38.54 -7.23
C ALA E 143 42.96 37.96 -8.62
N ALA E 144 42.37 36.79 -8.89
CA ALA E 144 42.41 36.18 -10.22
C ALA E 144 41.21 36.56 -11.07
N LYS E 145 40.53 37.65 -10.72
CA LYS E 145 39.42 38.18 -11.53
C LYS E 145 38.28 37.16 -11.64
N LYS E 146 37.94 36.53 -10.51
CA LYS E 146 36.83 35.59 -10.44
C LYS E 146 35.60 36.30 -9.87
N ARG E 147 34.45 35.94 -10.44
CA ARG E 147 33.14 36.49 -10.05
C ARG E 147 32.35 35.44 -9.28
N PHE E 148 31.97 35.73 -8.04
CA PHE E 148 31.19 34.72 -7.28
C PHE E 148 30.42 35.40 -6.14
N SER E 149 29.33 34.78 -5.70
CA SER E 149 28.51 35.28 -4.58
C SER E 149 28.77 34.40 -3.37
N VAL E 150 28.51 34.90 -2.17
CA VAL E 150 28.77 34.08 -0.96
C VAL E 150 27.61 34.18 0.01
N TYR E 151 27.06 33.04 0.42
CA TYR E 151 26.01 33.01 1.46
C TYR E 151 26.71 32.47 2.70
N VAL E 152 26.54 33.07 3.85
CA VAL E 152 27.28 32.52 5.00
C VAL E 152 26.35 32.53 6.21
N THR E 153 26.35 31.45 6.97
CA THR E 153 25.50 31.37 8.17
C THR E 153 26.08 32.32 9.21
N GLU E 154 25.24 32.91 10.05
CA GLU E 154 25.74 33.85 11.08
C GLU E 154 26.58 33.09 12.10
N SER E 155 26.17 31.86 12.40
CA SER E 155 26.84 30.91 13.33
C SER E 155 26.76 31.38 14.78
N GLN E 156 25.80 30.83 15.52
CA GLN E 156 25.68 31.17 16.96
C GLN E 156 26.74 30.40 17.73
N PRO E 157 27.17 30.84 18.92
CA PRO E 157 26.62 32.02 19.56
C PRO E 157 27.47 33.29 19.46
N ASP E 158 28.66 33.22 18.88
CA ASP E 158 29.56 34.40 18.81
C ASP E 158 29.30 35.20 17.54
N LEU E 159 28.29 34.83 16.77
CA LEU E 159 27.92 35.51 15.50
C LEU E 159 29.15 35.66 14.61
N SER E 160 30.11 34.75 14.73
CA SER E 160 31.33 34.88 13.93
C SER E 160 31.03 34.98 12.45
N GLY E 161 29.89 34.43 12.01
CA GLY E 161 29.51 34.53 10.62
C GLY E 161 29.37 35.97 10.15
N LYS E 162 28.88 36.84 11.03
CA LYS E 162 28.78 38.25 10.65
C LYS E 162 30.16 38.87 10.49
N LYS E 163 31.16 38.34 11.21
CA LYS E 163 32.53 38.85 11.09
C LYS E 163 33.15 38.43 9.77
N MET E 164 32.76 37.26 9.23
CA MET E 164 33.24 36.84 7.93
C MET E 164 32.60 37.67 6.82
N ALA E 165 31.31 38.00 6.96
CA ALA E 165 30.62 38.75 5.92
C ALA E 165 31.20 40.16 5.75
N LYS E 166 31.65 40.78 6.84
CA LYS E 166 32.20 42.12 6.72
C LYS E 166 33.62 42.08 6.17
N ALA E 167 34.39 41.03 6.48
CA ALA E 167 35.70 40.87 5.87
C ALA E 167 35.57 40.72 4.36
N LEU E 168 34.62 39.91 3.92
CA LEU E 168 34.37 39.73 2.49
C LEU E 168 33.73 40.97 1.86
N CYS E 169 33.17 41.86 2.67
CA CYS E 169 32.55 43.06 2.11
C CYS E 169 33.62 44.07 1.70
N HIS E 170 34.62 44.30 2.54
CA HIS E 170 35.70 45.21 2.16
C HIS E 170 36.64 44.61 1.11
N LEU E 171 36.46 43.33 0.78
CA LEU E 171 36.98 42.77 -0.46
C LEU E 171 36.01 42.95 -1.62
N ASN E 172 34.83 43.53 -1.34
CA ASN E 172 33.80 43.80 -2.34
C ASN E 172 33.37 42.52 -3.04
N VAL E 173 32.96 41.55 -2.24
CA VAL E 173 32.35 40.31 -2.70
C VAL E 173 30.89 40.33 -2.27
N PRO E 174 29.94 40.14 -3.18
CA PRO E 174 28.53 40.08 -2.76
C PRO E 174 28.30 38.92 -1.79
N VAL E 175 27.91 39.25 -0.56
CA VAL E 175 27.71 38.27 0.50
C VAL E 175 26.34 38.48 1.13
N THR E 176 25.80 37.41 1.69
CA THR E 176 24.52 37.46 2.40
C THR E 176 24.57 36.56 3.62
N VAL E 177 24.19 37.10 4.77
CA VAL E 177 24.10 36.32 5.99
C VAL E 177 22.70 35.74 6.11
N VAL E 178 22.63 34.50 6.58
CA VAL E 178 21.37 33.81 6.83
C VAL E 178 21.44 33.17 8.20
N LEU E 179 20.27 32.89 8.76
CA LEU E 179 20.21 32.21 10.05
C LEU E 179 20.82 30.83 9.93
N ASP E 180 21.41 30.35 11.04
CA ASP E 180 21.87 28.96 11.08
C ASP E 180 20.75 28.01 10.68
N ALA E 181 19.50 28.38 10.96
CA ALA E 181 18.33 27.55 10.68
C ALA E 181 17.94 27.54 9.21
N ALA E 182 18.59 28.33 8.37
CA ALA E 182 18.19 28.48 6.98
C ALA E 182 19.11 27.74 6.00
N VAL E 183 20.04 26.94 6.51
CA VAL E 183 20.97 26.24 5.62
C VAL E 183 20.22 25.33 4.66
N GLY E 184 19.23 24.59 5.17
CA GLY E 184 18.41 23.79 4.28
C GLY E 184 17.62 24.60 3.28
N TYR E 185 17.21 25.82 3.67
CA TYR E 185 16.41 26.67 2.79
C TYR E 185 17.24 27.25 1.64
N ILE E 186 18.49 27.58 1.90
CA ILE E 186 19.32 28.30 0.95
C ILE E 186 20.18 27.37 0.09
N MET E 187 20.41 26.13 0.53
CA MET E 187 21.34 25.24 -0.17
C MET E 187 21.05 25.17 -1.66
N GLU E 188 19.77 25.07 -2.04
CA GLU E 188 19.42 24.93 -3.44
C GLU E 188 19.86 26.11 -4.30
N LYS E 189 20.22 27.24 -3.68
CA LYS E 189 20.70 28.39 -4.40
C LYS E 189 22.22 28.46 -4.49
N ALA E 190 22.92 27.54 -3.83
CA ALA E 190 24.37 27.49 -3.90
C ALA E 190 24.83 26.43 -4.89
N ASP E 191 26.03 26.63 -5.43
CA ASP E 191 26.65 25.67 -6.32
C ASP E 191 27.64 24.77 -5.61
N LEU E 192 28.21 25.23 -4.50
CA LEU E 192 29.18 24.45 -3.76
C LEU E 192 29.29 25.02 -2.35
N VAL E 193 29.91 24.24 -1.48
CA VAL E 193 30.13 24.65 -0.07
C VAL E 193 31.63 24.63 0.19
N ILE E 194 32.18 25.72 0.71
CA ILE E 194 33.62 25.73 1.06
C ILE E 194 33.66 25.96 2.56
N VAL E 195 34.50 25.24 3.28
CA VAL E 195 34.50 25.38 4.76
C VAL E 195 35.91 25.16 5.29
N GLY E 196 36.18 25.67 6.49
CA GLY E 196 37.49 25.49 7.11
C GLY E 196 37.49 24.30 8.03
N ALA E 197 38.51 24.17 8.86
CA ALA E 197 38.54 23.02 9.78
C ALA E 197 39.41 23.32 10.98
N GLU E 198 38.92 23.04 12.17
CA GLU E 198 39.79 23.13 13.34
C GLU E 198 40.76 21.95 13.39
N GLY E 199 40.35 20.80 12.89
CA GLY E 199 41.20 19.64 12.83
C GLY E 199 40.74 18.69 11.74
N VAL E 200 41.66 17.89 11.26
CA VAL E 200 41.38 16.86 10.25
C VAL E 200 41.72 15.51 10.87
N VAL E 201 40.70 14.71 11.11
CA VAL E 201 40.86 13.45 11.84
C VAL E 201 41.41 12.38 10.91
N GLU E 202 41.71 11.21 11.47
CA GLU E 202 42.47 10.20 10.75
C GLU E 202 41.70 9.60 9.59
N ASN E 203 40.38 9.63 9.63
CA ASN E 203 39.55 9.04 8.59
C ASN E 203 39.17 10.04 7.49
N GLY E 204 39.77 11.23 7.50
CA GLY E 204 39.46 12.24 6.51
C GLY E 204 38.32 13.16 6.87
N GLY E 205 37.61 12.87 7.96
CA GLY E 205 36.60 13.77 8.46
C GLY E 205 37.23 15.02 9.05
N ILE E 206 36.37 15.93 9.50
CA ILE E 206 36.82 17.18 10.07
C ILE E 206 36.05 17.48 11.35
N ILE E 207 36.72 18.13 12.28
CA ILE E 207 36.09 18.78 13.42
C ILE E 207 36.07 20.27 13.11
N ASN E 208 34.91 20.89 13.27
CA ASN E 208 34.76 22.29 12.93
C ASN E 208 33.62 22.89 13.74
N LYS E 209 33.50 24.22 13.66
CA LYS E 209 32.46 24.94 14.40
C LYS E 209 31.11 24.24 14.27
N ILE E 210 30.40 24.18 15.41
CA ILE E 210 29.06 23.62 15.48
C ILE E 210 28.22 24.15 14.33
N GLY E 211 27.60 23.24 13.59
CA GLY E 211 26.82 23.56 12.42
C GLY E 211 27.41 23.06 11.11
N THR E 212 28.69 22.70 11.11
CA THR E 212 29.31 22.20 9.88
C THR E 212 28.71 20.87 9.46
N ASN E 213 28.32 20.04 10.41
CA ASN E 213 27.82 18.70 10.07
C ASN E 213 26.51 18.79 9.31
N GLN E 214 25.52 19.48 9.87
CA GLN E 214 24.22 19.53 9.20
C GLN E 214 24.31 20.24 7.86
N MET E 215 25.27 21.14 7.69
CA MET E 215 25.46 21.76 6.38
C MET E 215 25.96 20.73 5.37
N ALA E 216 26.95 19.94 5.77
CA ALA E 216 27.41 18.86 4.90
C ALA E 216 26.29 17.88 4.57
N VAL E 217 25.48 17.52 5.58
CA VAL E 217 24.40 16.57 5.35
C VAL E 217 23.39 17.16 4.36
N CYS E 218 23.15 18.46 4.45
CA CYS E 218 22.17 19.07 3.52
C CYS E 218 22.79 19.24 2.15
N ALA E 219 24.11 19.33 2.09
CA ALA E 219 24.82 19.46 0.79
C ALA E 219 24.84 18.11 0.08
N LYS E 220 24.99 17.02 0.80
CA LYS E 220 25.04 15.68 0.17
C LYS E 220 23.67 15.34 -0.42
N ALA E 221 22.60 15.78 0.24
CA ALA E 221 21.23 15.47 -0.22
C ALA E 221 20.90 16.25 -1.49
N GLN E 222 21.58 17.36 -1.73
CA GLN E 222 21.35 18.13 -2.94
C GLN E 222 22.48 17.98 -3.95
N ASN E 223 23.35 16.99 -3.77
CA ASN E 223 24.51 16.77 -4.62
C ASN E 223 25.24 18.09 -4.89
N LYS E 224 25.65 18.74 -3.80
CA LYS E 224 26.47 19.94 -3.87
C LYS E 224 27.87 19.61 -3.37
N PRO E 225 28.91 19.86 -4.16
CA PRO E 225 30.26 19.54 -3.68
C PRO E 225 30.56 20.26 -2.37
N PHE E 226 31.16 19.52 -1.44
CA PHE E 226 31.51 20.04 -0.12
C PHE E 226 33.02 19.98 0.03
N TYR E 227 33.66 21.16 0.01
CA TYR E 227 35.11 21.26 -0.01
C TYR E 227 35.64 21.84 1.31
N VAL E 228 36.78 21.32 1.73
CA VAL E 228 37.42 21.79 2.96
C VAL E 228 38.78 22.38 2.61
N VAL E 229 39.17 23.38 3.38
CA VAL E 229 40.49 24.00 3.27
C VAL E 229 41.09 24.08 4.67
N ALA E 230 42.30 23.55 4.83
CA ALA E 230 42.89 23.47 6.16
C ALA E 230 44.38 23.18 6.05
N GLU E 231 45.14 23.69 6.99
CA GLU E 231 46.58 23.48 7.02
C GLU E 231 46.91 22.09 7.52
N SER E 232 48.01 21.54 7.00
CA SER E 232 48.37 20.16 7.30
C SER E 232 48.70 19.94 8.78
N PHE E 233 49.09 20.98 9.51
CA PHE E 233 49.33 20.82 10.93
C PHE E 233 48.05 20.54 11.71
N LYS E 234 46.89 20.68 11.06
CA LYS E 234 45.61 20.30 11.66
C LYS E 234 45.31 18.82 11.49
N PHE E 235 46.22 18.05 10.90
CA PHE E 235 46.08 16.60 10.81
C PHE E 235 46.33 16.03 12.20
N VAL E 236 45.25 15.74 12.91
CA VAL E 236 45.34 15.26 14.28
C VAL E 236 45.14 13.76 14.28
N ARG E 237 45.69 13.10 15.30
CA ARG E 237 45.63 11.64 15.41
C ARG E 237 44.45 11.28 16.31
N LEU E 238 43.29 11.14 15.69
CA LEU E 238 42.07 10.73 16.37
C LEU E 238 41.12 10.18 15.32
N PHE E 239 40.48 9.05 15.63
CA PHE E 239 39.58 8.36 14.70
C PHE E 239 38.16 8.33 15.27
N PRO E 240 37.42 9.44 15.17
CA PRO E 240 36.02 9.41 15.62
C PRO E 240 35.11 8.95 14.51
N LEU E 241 34.09 8.20 14.88
CA LEU E 241 33.10 7.71 13.93
C LEU E 241 31.70 8.25 14.19
N ASN E 242 31.53 9.10 15.20
CA ASN E 242 30.26 9.75 15.50
C ASN E 242 30.56 10.96 16.39
N GLN E 243 29.50 11.60 16.90
CA GLN E 243 29.70 12.86 17.62
C GLN E 243 30.30 12.62 19.01
N GLN E 244 29.89 11.55 19.70
CA GLN E 244 30.40 11.33 21.05
C GLN E 244 31.81 10.76 21.07
N ASP E 245 32.33 10.28 19.95
CA ASP E 245 33.73 9.88 19.91
C ASP E 245 34.66 11.08 20.03
N VAL E 246 34.17 12.27 19.74
CA VAL E 246 34.99 13.50 19.87
C VAL E 246 35.20 13.79 21.35
N PRO E 247 36.44 13.94 21.80
CA PRO E 247 36.68 14.12 23.25
C PRO E 247 36.13 15.43 23.76
N ASP E 248 35.73 15.41 25.04
CA ASP E 248 35.08 16.57 25.62
C ASP E 248 36.01 17.78 25.67
N LYS E 249 37.31 17.54 25.82
CA LYS E 249 38.28 18.64 25.87
C LYS E 249 38.10 19.60 24.71
N PHE E 250 37.78 19.07 23.53
CA PHE E 250 37.68 19.91 22.34
C PHE E 250 36.29 20.49 22.12
N LYS E 251 35.25 19.94 22.75
CA LYS E 251 33.90 20.33 22.40
C LYS E 251 33.47 21.64 23.03
N TYR E 252 34.03 21.98 24.19
CA TYR E 252 33.58 23.16 24.93
C TYR E 252 34.70 24.15 25.23
N LYS E 267 17.94 21.91 30.82
CA LYS E 267 19.39 21.85 30.64
C LYS E 267 19.70 22.39 29.26
N GLU E 268 20.99 22.39 28.93
CA GLU E 268 21.50 23.08 27.75
C GLU E 268 22.79 22.39 27.32
N GLU E 269 22.81 21.88 26.09
CA GLU E 269 23.98 21.22 25.52
C GLU E 269 24.54 22.14 24.45
N HIS E 270 25.75 22.66 24.69
CA HIS E 270 26.36 23.67 23.82
C HIS E 270 27.77 23.26 23.44
N PRO E 271 27.90 22.27 22.57
CA PRO E 271 29.21 21.99 21.97
C PRO E 271 29.60 23.11 21.01
N TRP E 272 30.89 23.38 20.96
CA TRP E 272 31.43 24.40 20.06
C TRP E 272 31.80 23.84 18.70
N VAL E 273 31.92 22.53 18.59
CA VAL E 273 32.33 21.88 17.35
C VAL E 273 31.54 20.59 17.17
N ASP E 274 31.27 20.25 15.93
CA ASP E 274 30.70 18.95 15.57
C ASP E 274 31.67 18.22 14.65
N TYR E 275 31.43 16.92 14.48
CA TYR E 275 32.22 16.08 13.60
C TYR E 275 31.41 15.82 12.33
N THR E 276 32.07 15.93 11.17
CA THR E 276 31.45 15.60 9.89
C THR E 276 32.28 14.51 9.22
N ALA E 277 31.61 13.43 8.84
CA ALA E 277 32.27 12.21 8.40
C ALA E 277 32.79 12.35 6.98
N PRO E 278 33.82 11.57 6.62
CA PRO E 278 34.44 11.73 5.30
C PRO E 278 33.50 11.43 4.13
N SER E 279 32.46 10.62 4.33
CA SER E 279 31.52 10.36 3.24
C SER E 279 30.81 11.62 2.80
N LEU E 280 30.84 12.67 3.63
CA LEU E 280 30.16 13.92 3.32
C LEU E 280 31.10 14.99 2.77
N ILE E 281 32.36 14.65 2.55
CA ILE E 281 33.36 15.60 2.09
C ILE E 281 33.82 15.18 0.70
N THR E 282 33.68 16.09 -0.27
CA THR E 282 34.08 15.78 -1.64
C THR E 282 35.59 15.79 -1.78
N LEU E 283 36.24 16.88 -1.38
CA LEU E 283 37.69 17.01 -1.48
C LEU E 283 38.20 17.91 -0.36
N LEU E 284 39.47 17.73 -0.02
CA LEU E 284 40.17 18.59 0.91
C LEU E 284 41.29 19.32 0.18
N PHE E 285 41.46 20.60 0.50
CA PHE E 285 42.47 21.46 -0.11
C PHE E 285 43.45 21.85 0.97
N THR E 286 44.67 21.32 0.91
CA THR E 286 45.67 21.53 1.94
C THR E 286 47.01 21.87 1.28
N ASP E 287 47.99 22.20 2.12
CA ASP E 287 49.30 22.62 1.61
C ASP E 287 50.09 21.45 1.05
N LEU E 288 49.60 20.22 1.24
CA LEU E 288 50.16 19.03 0.63
C LEU E 288 49.43 18.61 -0.65
N GLY E 289 48.49 19.43 -1.12
CA GLY E 289 47.77 19.17 -2.35
C GLY E 289 46.35 18.71 -2.10
N VAL E 290 45.59 18.63 -3.19
CA VAL E 290 44.20 18.18 -3.11
C VAL E 290 44.16 16.73 -2.65
N LEU E 291 43.20 16.41 -1.79
CA LEU E 291 43.09 15.08 -1.23
C LEU E 291 41.64 14.64 -1.17
N THR E 292 41.41 13.36 -1.37
CA THR E 292 40.14 12.78 -0.95
C THR E 292 40.20 12.46 0.53
N PRO E 293 39.05 12.43 1.20
CA PRO E 293 39.06 12.07 2.64
C PRO E 293 39.78 10.77 2.92
N SER E 294 39.65 9.78 2.03
CA SER E 294 40.22 8.46 2.27
C SER E 294 41.74 8.48 2.31
N ALA E 295 42.36 9.48 1.70
CA ALA E 295 43.82 9.54 1.60
C ALA E 295 44.48 10.33 2.73
N VAL E 296 43.71 10.93 3.63
CA VAL E 296 44.30 11.77 4.65
C VAL E 296 45.24 10.96 5.54
N SER E 297 44.81 9.77 5.97
CA SER E 297 45.59 9.02 6.94
C SER E 297 46.95 8.62 6.37
N ASP E 298 47.07 8.47 5.05
CA ASP E 298 48.36 8.19 4.46
C ASP E 298 49.24 9.44 4.45
N GLU E 299 48.66 10.60 4.12
CA GLU E 299 49.41 11.84 4.21
C GLU E 299 49.81 12.13 5.66
N LEU E 300 48.97 11.72 6.62
CA LEU E 300 49.32 11.87 8.03
C LEU E 300 50.60 11.11 8.36
N ILE E 301 50.66 9.84 7.95
CA ILE E 301 51.90 9.07 8.10
C ILE E 301 53.05 9.78 7.41
N LYS E 302 52.86 10.13 6.13
CA LYS E 302 53.93 10.78 5.37
C LYS E 302 54.40 12.04 6.08
N LEU E 303 53.45 12.86 6.54
CA LEU E 303 53.78 14.12 7.19
C LEU E 303 54.50 13.88 8.51
N TYR E 304 54.14 12.81 9.24
CA TYR E 304 54.85 12.42 10.46
C TYR E 304 56.15 11.66 10.12
N LEU E 305 57.01 12.27 9.32
CA LEU E 305 58.26 11.59 8.99
C LEU E 305 59.38 12.56 8.72
N MET F 1 14.77 30.35 -35.19
CA MET F 1 14.18 30.47 -36.56
C MET F 1 13.05 31.49 -36.54
N ASP F 2 12.57 31.87 -37.72
CA ASP F 2 11.47 32.81 -37.83
C ASP F 2 10.22 32.22 -37.19
N ASP F 3 9.45 33.10 -36.52
CA ASP F 3 8.22 32.65 -35.88
C ASP F 3 7.27 32.01 -36.88
N LYS F 4 7.16 32.59 -38.07
CA LYS F 4 6.26 32.04 -39.08
C LYS F 4 6.62 30.59 -39.40
N GLU F 5 7.89 30.34 -39.72
CA GLU F 5 8.31 28.97 -40.03
C GLU F 5 8.08 28.04 -38.85
N LEU F 6 8.17 28.57 -37.63
CA LEU F 6 7.98 27.74 -36.44
C LEU F 6 6.62 27.06 -36.45
N ILE F 7 5.56 27.81 -36.74
CA ILE F 7 4.22 27.24 -36.77
C ILE F 7 4.12 26.17 -37.85
N GLU F 8 4.68 26.44 -39.03
CA GLU F 8 4.56 25.49 -40.14
C GLU F 8 5.40 24.24 -39.89
N TYR F 9 6.63 24.42 -39.39
CA TYR F 9 7.43 23.26 -39.02
C TYR F 9 6.67 22.36 -38.07
N PHE F 10 6.18 22.94 -36.97
CA PHE F 10 5.34 22.19 -36.04
C PHE F 10 4.15 21.57 -36.77
N LYS F 11 3.41 22.38 -37.52
CA LYS F 11 2.18 21.89 -38.14
C LYS F 11 2.48 20.78 -39.15
N SER F 12 3.44 21.01 -40.05
CA SER F 12 3.77 19.98 -41.03
C SER F 12 4.38 18.76 -40.37
N GLN F 13 5.12 18.94 -39.27
CA GLN F 13 5.58 17.81 -38.49
C GLN F 13 4.42 16.88 -38.15
N MET F 14 3.25 17.45 -37.86
CA MET F 14 2.05 16.68 -37.56
C MET F 14 1.31 16.27 -38.83
N LYS F 15 1.11 17.22 -39.76
CA LYS F 15 0.45 16.88 -41.02
C LYS F 15 1.18 15.74 -41.72
N GLU F 16 2.51 15.77 -41.69
CA GLU F 16 3.28 14.68 -42.28
C GLU F 16 2.93 13.34 -41.66
N ASP F 17 2.95 13.28 -40.33
CA ASP F 17 2.65 12.06 -39.59
C ASP F 17 1.46 12.31 -38.68
N PRO F 18 0.28 11.75 -38.96
CA PRO F 18 -0.89 12.06 -38.13
C PRO F 18 -0.93 11.30 -36.82
N ASP F 19 -0.15 10.23 -36.66
CA ASP F 19 -0.14 9.44 -35.44
C ASP F 19 0.93 9.89 -34.46
N MET F 20 1.60 11.00 -34.73
CA MET F 20 2.58 11.56 -33.81
C MET F 20 1.87 12.50 -32.84
N ALA F 21 2.27 12.47 -31.58
CA ALA F 21 1.65 13.32 -30.58
C ALA F 21 2.04 14.77 -30.76
N SER F 22 1.11 15.68 -30.48
CA SER F 22 1.37 17.10 -30.70
C SER F 22 2.52 17.59 -29.83
N ALA F 23 2.62 17.11 -28.59
CA ALA F 23 3.70 17.52 -27.72
C ALA F 23 5.05 17.10 -28.27
N VAL F 24 5.15 15.86 -28.76
CA VAL F 24 6.38 15.39 -29.37
C VAL F 24 6.75 16.25 -30.56
N ALA F 25 5.75 16.64 -31.37
CA ALA F 25 6.01 17.54 -32.48
C ALA F 25 6.47 18.90 -31.99
N ALA F 26 5.96 19.36 -30.85
CA ALA F 26 6.42 20.62 -30.28
C ALA F 26 7.86 20.49 -29.80
N ILE F 27 8.16 19.43 -29.04
CA ILE F 27 9.52 19.21 -28.58
C ILE F 27 10.48 19.22 -29.78
N ARG F 28 10.15 18.46 -30.82
CA ARG F 28 11.01 18.43 -32.00
C ARG F 28 11.10 19.81 -32.65
N THR F 29 9.97 20.53 -32.71
CA THR F 29 10.01 21.91 -33.18
C THR F 29 10.92 22.76 -32.30
N LEU F 30 10.80 22.60 -30.98
CA LEU F 30 11.68 23.32 -30.07
C LEU F 30 13.13 22.90 -30.25
N LEU F 31 13.37 21.67 -30.69
CA LEU F 31 14.75 21.23 -30.91
C LEU F 31 15.32 21.81 -32.20
N GLU F 32 14.52 21.86 -33.26
CA GLU F 32 14.98 22.51 -34.49
C GLU F 32 15.09 24.02 -34.29
N PHE F 33 14.18 24.62 -33.51
CA PHE F 33 14.36 26.02 -33.15
C PHE F 33 15.68 26.22 -32.41
N LEU F 34 15.93 25.41 -31.39
CA LEU F 34 17.18 25.51 -30.66
C LEU F 34 18.38 25.37 -31.59
N LYS F 35 18.31 24.41 -32.51
CA LYS F 35 19.42 24.17 -33.42
C LYS F 35 19.66 25.39 -34.32
N ARG F 36 18.67 25.74 -35.15
CA ARG F 36 18.82 26.80 -36.14
C ARG F 36 18.59 28.19 -35.56
N ASP F 37 19.12 28.47 -34.37
CA ASP F 37 19.03 29.80 -33.77
C ASP F 37 20.45 30.34 -33.62
N LYS F 38 20.79 31.35 -34.42
CA LYS F 38 22.12 31.93 -34.41
C LYS F 38 22.16 33.04 -33.36
N GLY F 39 23.12 32.92 -32.45
CA GLY F 39 23.33 33.94 -31.43
C GLY F 39 24.63 33.66 -30.70
N GLU F 40 24.91 34.50 -29.70
CA GLU F 40 26.08 34.29 -28.85
C GLU F 40 25.75 34.49 -27.38
N THR F 41 24.47 34.67 -27.03
CA THR F 41 24.05 34.96 -25.67
C THR F 41 23.12 33.87 -25.16
N ILE F 42 23.35 33.42 -23.93
CA ILE F 42 22.36 32.61 -23.23
C ILE F 42 21.12 33.43 -22.95
N GLN F 43 21.26 34.75 -22.97
CA GLN F 43 20.18 35.67 -22.66
C GLN F 43 19.07 35.57 -23.70
N GLY F 44 19.38 35.87 -24.96
CA GLY F 44 18.40 35.75 -26.02
C GLY F 44 17.90 34.33 -26.23
N LEU F 45 18.76 33.34 -26.04
CA LEU F 45 18.31 31.95 -26.09
C LEU F 45 17.18 31.73 -25.11
N ARG F 46 17.36 32.19 -23.87
CA ARG F 46 16.29 32.09 -22.87
C ARG F 46 14.99 32.66 -23.40
N ALA F 47 15.02 33.91 -23.87
CA ALA F 47 13.81 34.57 -24.33
C ALA F 47 13.26 33.93 -25.59
N ASN F 48 14.09 33.84 -26.64
CA ASN F 48 13.66 33.22 -27.88
C ASN F 48 13.04 31.85 -27.62
N LEU F 49 13.67 31.05 -26.76
CA LEU F 49 13.17 29.70 -26.50
C LEU F 49 11.83 29.74 -25.78
N THR F 50 11.75 30.44 -24.66
CA THR F 50 10.49 30.55 -23.92
C THR F 50 9.38 31.08 -24.83
N SER F 51 9.67 32.10 -25.64
CA SER F 51 8.66 32.65 -26.53
C SER F 51 8.21 31.61 -27.54
N ALA F 52 9.13 30.76 -28.00
CA ALA F 52 8.75 29.73 -28.97
C ALA F 52 7.76 28.75 -28.35
N ILE F 53 7.94 28.39 -27.08
CA ILE F 53 7.00 27.48 -26.43
C ILE F 53 5.62 28.15 -26.34
N GLU F 54 5.59 29.41 -25.92
CA GLU F 54 4.33 30.14 -25.89
C GLU F 54 3.72 30.26 -27.29
N THR F 55 4.57 30.47 -28.30
CA THR F 55 4.07 30.53 -29.66
C THR F 55 3.36 29.23 -30.04
N LEU F 56 3.92 28.09 -29.61
CA LEU F 56 3.32 26.81 -29.96
C LEU F 56 2.03 26.57 -29.19
N CYS F 57 1.96 27.01 -27.92
CA CYS F 57 0.73 26.83 -27.16
C CYS F 57 -0.40 27.71 -27.69
N GLY F 58 -0.07 28.79 -28.42
CA GLY F 58 -1.11 29.57 -29.07
C GLY F 58 -1.73 28.85 -30.25
N VAL F 59 -0.97 27.99 -30.91
CA VAL F 59 -1.47 27.22 -32.04
C VAL F 59 -2.12 25.92 -31.58
N ASP F 60 -1.62 25.32 -30.50
CA ASP F 60 -2.12 24.05 -29.98
C ASP F 60 -2.32 24.19 -28.47
N SER F 61 -3.55 24.47 -28.06
CA SER F 61 -3.84 24.78 -26.67
C SER F 61 -4.06 23.53 -25.81
N SER F 62 -3.73 22.35 -26.29
CA SER F 62 -3.82 21.17 -25.44
C SER F 62 -2.78 21.25 -24.32
N VAL F 63 -3.13 20.69 -23.16
CA VAL F 63 -2.25 20.79 -21.99
C VAL F 63 -0.95 20.03 -22.21
N ALA F 64 -0.94 19.06 -23.11
CA ALA F 64 0.28 18.27 -23.31
C ALA F 64 1.39 19.12 -23.90
N VAL F 65 1.05 20.05 -24.79
CA VAL F 65 2.08 20.93 -25.36
C VAL F 65 2.59 21.89 -24.31
N SER F 66 1.70 22.38 -23.45
CA SER F 66 2.14 23.26 -22.37
C SER F 66 3.07 22.53 -21.40
N SER F 67 2.70 21.30 -21.02
CA SER F 67 3.50 20.56 -20.06
C SER F 67 4.74 19.98 -20.71
N GLY F 68 4.63 19.51 -21.95
CA GLY F 68 5.79 18.97 -22.64
C GLY F 68 6.89 20.00 -22.82
N GLY F 69 6.53 21.19 -23.29
CA GLY F 69 7.51 22.24 -23.44
C GLY F 69 8.13 22.64 -22.13
N GLU F 70 7.31 22.79 -21.08
CA GLU F 70 7.85 23.10 -19.76
C GLU F 70 8.86 22.05 -19.32
N LEU F 71 8.54 20.77 -19.53
CA LEU F 71 9.46 19.71 -19.15
C LEU F 71 10.70 19.69 -20.03
N PHE F 72 10.52 19.88 -21.34
CA PHE F 72 11.66 19.91 -22.26
C PHE F 72 12.61 21.06 -21.91
N LEU F 73 12.06 22.26 -21.71
CA LEU F 73 12.90 23.39 -21.32
C LEU F 73 13.52 23.18 -19.95
N ARG F 74 12.78 22.55 -19.04
CA ARG F 74 13.30 22.32 -17.70
C ARG F 74 14.46 21.34 -17.71
N PHE F 75 14.36 20.30 -18.56
CA PHE F 75 15.38 19.25 -18.60
C PHE F 75 16.66 19.67 -19.29
N ILE F 76 16.66 20.79 -20.03
CA ILE F 76 17.89 21.38 -20.53
C ILE F 76 18.27 22.48 -19.56
N SER F 77 19.18 22.17 -18.64
CA SER F 77 19.57 23.09 -17.58
C SER F 77 19.99 24.44 -18.15
N SER F 84 28.95 29.74 -19.08
CA SER F 84 30.23 29.15 -19.45
C SER F 84 30.68 29.64 -20.83
N ASP F 85 30.25 28.93 -21.86
CA ASP F 85 30.66 29.21 -23.24
C ASP F 85 29.43 29.00 -24.11
N TYR F 86 28.89 30.09 -24.67
CA TYR F 86 27.61 30.02 -25.34
C TYR F 86 27.54 28.81 -26.29
N SER F 87 28.48 28.73 -27.23
CA SER F 87 28.44 27.66 -28.23
C SER F 87 28.78 26.30 -27.63
N LYS F 88 29.54 26.28 -26.53
CA LYS F 88 29.65 25.06 -25.74
C LYS F 88 28.27 24.82 -25.12
N CYS F 89 27.86 25.69 -24.20
CA CYS F 89 26.60 25.53 -23.49
C CYS F 89 25.47 25.08 -24.42
N LYS F 90 25.35 25.71 -25.59
CA LYS F 90 24.30 25.34 -26.53
C LYS F 90 24.47 23.90 -27.00
N LYS F 91 25.70 23.49 -27.31
CA LYS F 91 25.91 22.13 -27.78
C LYS F 91 25.51 21.09 -26.74
N ILE F 92 25.65 21.41 -25.46
CA ILE F 92 25.20 20.48 -24.42
C ILE F 92 23.68 20.51 -24.31
N MET F 93 23.08 21.70 -24.38
CA MET F 93 21.62 21.79 -24.36
C MET F 93 21.02 21.01 -25.53
N ILE F 94 21.70 21.02 -26.68
CA ILE F 94 21.25 20.21 -27.81
C ILE F 94 21.31 18.73 -27.45
N GLU F 95 22.44 18.31 -26.88
CA GLU F 95 22.60 16.90 -26.51
C GLU F 95 21.49 16.46 -25.57
N ARG F 96 21.11 17.31 -24.62
CA ARG F 96 20.04 16.94 -23.70
C ARG F 96 18.69 16.90 -24.41
N GLY F 97 18.42 17.90 -25.24
CA GLY F 97 17.16 17.92 -25.97
C GLY F 97 16.97 16.71 -26.87
N GLU F 98 18.07 16.17 -27.40
CA GLU F 98 17.97 15.00 -28.27
C GLU F 98 17.75 13.72 -27.47
N LEU F 99 18.23 13.67 -26.22
CA LEU F 99 17.96 12.50 -25.39
C LEU F 99 16.58 12.58 -24.73
N PHE F 100 16.18 13.77 -24.28
CA PHE F 100 14.78 13.96 -23.88
C PHE F 100 13.84 13.52 -25.00
N LEU F 101 14.07 14.04 -26.21
CA LEU F 101 13.27 13.61 -27.36
C LEU F 101 13.37 12.11 -27.58
N ARG F 102 14.57 11.54 -27.42
CA ARG F 102 14.73 10.12 -27.63
C ARG F 102 13.91 9.30 -26.63
N ARG F 103 13.75 9.80 -25.41
CA ARG F 103 13.09 9.01 -24.37
C ARG F 103 11.58 9.10 -24.49
N ILE F 104 11.02 10.31 -24.58
CA ILE F 104 9.57 10.42 -24.73
C ILE F 104 9.12 9.76 -26.03
N SER F 105 10.02 9.60 -27.01
CA SER F 105 9.68 8.88 -28.23
C SER F 105 9.47 7.39 -27.96
N LEU F 106 9.99 6.87 -26.85
CA LEU F 106 9.84 5.46 -26.49
C LEU F 106 8.69 5.23 -25.52
N SER F 107 8.04 6.29 -25.04
CA SER F 107 7.05 6.14 -23.98
C SER F 107 5.87 5.29 -24.42
N ARG F 108 5.37 5.55 -25.63
CA ARG F 108 4.18 4.85 -26.11
C ARG F 108 4.36 3.34 -26.05
N ASN F 109 5.46 2.83 -26.60
CA ASN F 109 5.64 1.38 -26.66
C ASN F 109 5.94 0.80 -25.28
N LYS F 110 6.50 1.59 -24.38
CA LYS F 110 6.67 1.11 -23.00
C LYS F 110 5.33 0.93 -22.32
N ILE F 111 4.38 1.85 -22.56
CA ILE F 111 3.05 1.72 -21.97
C ILE F 111 2.31 0.53 -22.57
N ALA F 112 2.44 0.34 -23.88
CA ALA F 112 1.81 -0.81 -24.53
C ALA F 112 2.44 -2.12 -24.07
N ASP F 113 3.76 -2.23 -24.23
CA ASP F 113 4.47 -3.41 -23.75
C ASP F 113 4.20 -3.67 -22.27
N LEU F 114 3.93 -2.61 -21.49
CA LEU F 114 3.73 -2.76 -20.06
C LEU F 114 2.29 -2.91 -19.64
N CYS F 115 1.33 -2.75 -20.56
CA CYS F 115 -0.09 -2.83 -20.22
C CYS F 115 -0.78 -4.02 -20.86
N HIS F 116 -0.11 -4.77 -21.72
CA HIS F 116 -0.78 -5.73 -22.57
C HIS F 116 -1.12 -7.03 -21.87
N THR F 117 -0.32 -7.46 -20.89
CA THR F 117 -0.60 -8.73 -20.23
C THR F 117 -1.57 -8.59 -19.06
N PHE F 118 -2.20 -7.42 -18.90
CA PHE F 118 -3.21 -7.18 -17.89
C PHE F 118 -4.63 -7.19 -18.47
N ILE F 119 -4.76 -7.64 -19.70
CA ILE F 119 -6.05 -7.82 -20.37
C ILE F 119 -6.32 -9.32 -20.42
N LYS F 120 -7.37 -9.77 -19.73
CA LYS F 120 -7.64 -11.20 -19.69
C LYS F 120 -8.18 -11.68 -21.04
N ASP F 121 -7.99 -12.97 -21.29
CA ASP F 121 -8.50 -13.57 -22.53
C ASP F 121 -10.02 -13.57 -22.52
N GLY F 122 -10.60 -13.30 -23.69
CA GLY F 122 -12.04 -13.23 -23.80
C GLY F 122 -12.66 -12.04 -23.12
N ALA F 123 -11.90 -10.97 -22.92
CA ALA F 123 -12.41 -9.78 -22.24
C ALA F 123 -12.96 -8.78 -23.24
N THR F 124 -13.98 -8.05 -22.82
CA THR F 124 -14.58 -6.98 -23.61
C THR F 124 -14.20 -5.65 -22.99
N ILE F 125 -13.59 -4.77 -23.78
CA ILE F 125 -13.08 -3.49 -23.28
C ILE F 125 -13.97 -2.35 -23.78
N LEU F 126 -14.09 -1.33 -22.94
CA LEU F 126 -14.79 -0.10 -23.28
C LEU F 126 -13.80 1.06 -23.29
N THR F 127 -13.84 1.86 -24.36
CA THR F 127 -12.99 3.03 -24.51
C THR F 127 -13.85 4.21 -24.94
N HIS F 128 -13.24 5.40 -24.92
CA HIS F 128 -13.92 6.66 -25.25
C HIS F 128 -13.09 7.36 -26.31
N ALA F 129 -13.72 7.67 -27.45
CA ALA F 129 -13.08 8.41 -28.56
C ALA F 129 -11.83 7.71 -29.11
N TYR F 130 -10.84 8.46 -29.58
CA TYR F 130 -9.69 7.83 -30.28
C TYR F 130 -8.36 8.12 -29.60
N SER F 131 -7.85 7.23 -28.76
CA SER F 131 -6.52 7.52 -28.16
C SER F 131 -5.46 6.73 -28.90
N ARG F 132 -4.35 7.35 -29.29
CA ARG F 132 -3.31 6.60 -30.01
C ARG F 132 -2.60 5.66 -29.04
N VAL F 133 -2.49 6.06 -27.78
CA VAL F 133 -1.81 5.17 -26.80
C VAL F 133 -2.70 3.94 -26.60
N VAL F 134 -4.00 4.14 -26.48
CA VAL F 134 -4.92 3.03 -26.33
C VAL F 134 -4.79 2.10 -27.54
N LEU F 135 -4.79 2.67 -28.75
CA LEU F 135 -4.71 1.85 -29.95
C LEU F 135 -3.40 1.06 -30.01
N ARG F 136 -2.32 1.60 -29.43
CA ARG F 136 -1.07 0.85 -29.38
C ARG F 136 -1.12 -0.23 -28.31
N VAL F 137 -1.78 0.05 -27.18
CA VAL F 137 -1.92 -0.97 -26.15
C VAL F 137 -2.64 -2.19 -26.68
N LEU F 138 -3.73 -1.97 -27.44
CA LEU F 138 -4.48 -3.09 -27.96
C LEU F 138 -3.72 -3.79 -29.08
N GLU F 139 -3.00 -3.04 -29.91
CA GLU F 139 -2.21 -3.68 -30.96
C GLU F 139 -1.16 -4.61 -30.36
N ALA F 140 -0.62 -4.27 -29.20
CA ALA F 140 0.30 -5.16 -28.50
C ALA F 140 -0.41 -6.42 -28.03
N ALA F 141 -1.58 -6.25 -27.40
CA ALA F 141 -2.32 -7.40 -26.88
C ALA F 141 -2.74 -8.35 -28.00
N VAL F 142 -2.96 -7.81 -29.21
CA VAL F 142 -3.30 -8.69 -30.33
C VAL F 142 -2.09 -9.47 -30.77
N ALA F 143 -0.93 -8.81 -30.89
CA ALA F 143 0.29 -9.50 -31.29
C ALA F 143 0.66 -10.61 -30.33
N ALA F 144 0.24 -10.49 -29.05
CA ALA F 144 0.45 -11.54 -28.06
C ALA F 144 -0.61 -12.65 -28.13
N LYS F 145 -1.35 -12.72 -29.23
CA LYS F 145 -2.32 -13.80 -29.47
C LYS F 145 -3.37 -13.84 -28.36
N LYS F 146 -3.78 -12.67 -27.90
CA LYS F 146 -4.85 -12.55 -26.92
C LYS F 146 -6.13 -12.11 -27.59
N ARG F 147 -7.25 -12.65 -27.11
CA ARG F 147 -8.56 -12.46 -27.73
C ARG F 147 -9.42 -11.58 -26.84
N PHE F 148 -10.03 -10.56 -27.45
CA PHE F 148 -10.84 -9.61 -26.69
C PHE F 148 -11.79 -8.90 -27.65
N SER F 149 -12.72 -8.15 -27.06
CA SER F 149 -13.70 -7.35 -27.80
C SER F 149 -13.66 -5.93 -27.26
N VAL F 150 -14.19 -5.00 -28.04
CA VAL F 150 -14.10 -3.59 -27.72
C VAL F 150 -15.42 -2.90 -28.00
N TYR F 151 -15.88 -2.09 -27.05
CA TYR F 151 -16.92 -1.08 -27.25
C TYR F 151 -16.25 0.29 -27.21
N VAL F 152 -16.72 1.20 -28.06
CA VAL F 152 -16.18 2.57 -28.09
C VAL F 152 -17.30 3.54 -28.37
N THR F 153 -17.33 4.64 -27.61
CA THR F 153 -18.30 5.69 -27.86
C THR F 153 -17.92 6.46 -29.12
N GLU F 154 -18.93 6.89 -29.87
CA GLU F 154 -18.65 7.68 -31.06
C GLU F 154 -18.01 9.01 -30.71
N SER F 155 -18.29 9.53 -29.52
CA SER F 155 -17.70 10.76 -29.02
C SER F 155 -17.97 11.98 -29.88
N GLN F 156 -19.13 12.60 -29.69
CA GLN F 156 -19.40 13.90 -30.28
C GLN F 156 -18.37 14.93 -29.80
N PRO F 157 -18.16 16.01 -30.55
CA PRO F 157 -18.78 16.45 -31.82
C PRO F 157 -18.08 15.99 -33.08
N ASP F 158 -16.82 15.56 -32.96
CA ASP F 158 -16.04 15.18 -34.13
C ASP F 158 -16.12 13.70 -34.43
N LEU F 159 -16.71 12.90 -33.53
CA LEU F 159 -16.92 11.47 -33.77
C LEU F 159 -15.61 10.72 -33.91
N SER F 160 -14.61 11.11 -33.12
CA SER F 160 -13.31 10.47 -33.21
C SER F 160 -13.35 9.00 -32.82
N GLY F 161 -14.37 8.57 -32.07
CA GLY F 161 -14.50 7.16 -31.78
C GLY F 161 -14.80 6.32 -33.00
N LYS F 162 -15.42 6.91 -34.03
CA LYS F 162 -15.67 6.17 -35.26
C LYS F 162 -14.36 5.91 -36.01
N LYS F 163 -13.42 6.86 -35.97
CA LYS F 163 -12.10 6.60 -36.51
C LYS F 163 -11.29 5.64 -35.64
N MET F 164 -11.61 5.56 -34.35
CA MET F 164 -10.99 4.53 -33.50
C MET F 164 -11.46 3.14 -33.91
N ALA F 165 -12.76 2.99 -34.19
CA ALA F 165 -13.28 1.68 -34.57
C ALA F 165 -12.69 1.22 -35.90
N LYS F 166 -12.55 2.15 -36.87
CA LYS F 166 -11.98 1.77 -38.16
C LYS F 166 -10.54 1.28 -38.00
N ALA F 167 -9.77 1.94 -37.14
CA ALA F 167 -8.40 1.48 -36.89
C ALA F 167 -8.40 0.06 -36.33
N LEU F 168 -9.26 -0.22 -35.35
CA LEU F 168 -9.33 -1.57 -34.80
C LEU F 168 -9.91 -2.55 -35.81
N CYS F 169 -10.78 -2.06 -36.70
CA CYS F 169 -11.26 -2.90 -37.80
C CYS F 169 -10.10 -3.36 -38.68
N HIS F 170 -9.17 -2.45 -38.99
CA HIS F 170 -8.02 -2.78 -39.83
C HIS F 170 -7.11 -3.82 -39.18
N LEU F 171 -7.13 -3.92 -37.85
CA LEU F 171 -6.39 -4.93 -37.12
C LEU F 171 -7.26 -6.11 -36.70
N ASN F 172 -8.47 -6.19 -37.25
CA ASN F 172 -9.36 -7.34 -37.03
C ASN F 172 -9.61 -7.56 -35.54
N VAL F 173 -10.04 -6.51 -34.87
CA VAL F 173 -10.53 -6.56 -33.49
C VAL F 173 -12.03 -6.35 -33.51
N PRO F 174 -12.83 -7.24 -32.93
CA PRO F 174 -14.29 -7.00 -32.89
C PRO F 174 -14.59 -5.72 -32.13
N VAL F 175 -15.20 -4.76 -32.83
CA VAL F 175 -15.46 -3.44 -32.28
C VAL F 175 -16.90 -3.04 -32.60
N THR F 176 -17.59 -2.51 -31.59
CA THR F 176 -18.92 -1.92 -31.76
C THR F 176 -18.90 -0.47 -31.30
N VAL F 177 -19.56 0.40 -32.06
CA VAL F 177 -19.66 1.81 -31.73
C VAL F 177 -21.01 2.06 -31.08
N VAL F 178 -21.01 2.87 -30.02
CA VAL F 178 -22.22 3.22 -29.31
C VAL F 178 -22.29 4.74 -29.17
N LEU F 179 -23.49 5.24 -28.91
CA LEU F 179 -23.67 6.65 -28.61
C LEU F 179 -23.00 7.01 -27.30
N ASP F 180 -22.56 8.27 -27.18
CA ASP F 180 -22.12 8.76 -25.88
C ASP F 180 -23.19 8.53 -24.82
N ALA F 181 -24.46 8.69 -25.21
CA ALA F 181 -25.56 8.47 -24.29
C ALA F 181 -25.70 7.01 -23.87
N ALA F 182 -25.05 6.09 -24.56
CA ALA F 182 -25.23 4.67 -24.31
C ALA F 182 -24.20 4.07 -23.37
N VAL F 183 -23.32 4.89 -22.78
CA VAL F 183 -22.27 4.35 -21.94
C VAL F 183 -22.86 3.67 -20.70
N GLY F 184 -23.68 4.39 -19.96
CA GLY F 184 -24.31 3.79 -18.79
C GLY F 184 -25.05 2.51 -19.12
N TYR F 185 -25.62 2.43 -20.33
CA TYR F 185 -26.39 1.25 -20.73
C TYR F 185 -25.47 0.07 -20.99
N ILE F 186 -24.32 0.32 -21.62
CA ILE F 186 -23.45 -0.76 -22.08
C ILE F 186 -22.45 -1.23 -21.04
N MET F 187 -22.29 -0.49 -19.94
CA MET F 187 -21.21 -0.79 -19.01
C MET F 187 -21.33 -2.19 -18.42
N GLU F 188 -22.53 -2.73 -18.32
CA GLU F 188 -22.69 -4.07 -17.77
C GLU F 188 -22.14 -5.15 -18.71
N LYS F 189 -21.94 -4.82 -19.98
CA LYS F 189 -21.36 -5.75 -20.94
C LYS F 189 -19.85 -5.67 -21.00
N ALA F 190 -19.23 -4.82 -20.18
CA ALA F 190 -17.80 -4.55 -20.26
C ALA F 190 -17.10 -5.08 -19.02
N ASP F 191 -15.86 -5.53 -19.21
CA ASP F 191 -15.05 -6.04 -18.11
C ASP F 191 -14.11 -4.99 -17.53
N LEU F 192 -13.66 -4.05 -18.34
CA LEU F 192 -12.77 -3.01 -17.87
C LEU F 192 -12.87 -1.83 -18.81
N VAL F 193 -12.34 -0.69 -18.36
CA VAL F 193 -12.35 0.56 -19.11
C VAL F 193 -10.91 1.01 -19.28
N ILE F 194 -10.50 1.15 -20.54
CA ILE F 194 -9.15 1.67 -20.88
C ILE F 194 -9.35 2.97 -21.64
N VAL F 195 -8.79 4.05 -21.13
CA VAL F 195 -8.95 5.38 -21.74
C VAL F 195 -7.61 6.10 -21.77
N GLY F 196 -7.49 7.12 -22.61
CA GLY F 196 -6.24 7.90 -22.68
C GLY F 196 -6.35 9.13 -21.82
N ALA F 197 -5.41 10.03 -21.95
CA ALA F 197 -5.41 11.28 -21.19
C ALA F 197 -4.73 12.38 -21.99
N GLU F 198 -5.35 13.56 -22.03
CA GLU F 198 -4.64 14.74 -22.52
C GLU F 198 -3.66 15.27 -21.50
N GLY F 199 -4.00 15.15 -20.21
CA GLY F 199 -3.14 15.63 -19.14
C GLY F 199 -3.41 14.90 -17.85
N VAL F 200 -2.34 14.61 -17.10
CA VAL F 200 -2.42 14.00 -15.77
C VAL F 200 -2.07 15.06 -14.74
N VAL F 201 -2.97 15.27 -13.78
CA VAL F 201 -2.83 16.35 -12.83
C VAL F 201 -2.21 15.83 -11.54
N GLU F 202 -1.90 16.74 -10.63
CA GLU F 202 -1.03 16.40 -9.50
C GLU F 202 -1.71 15.45 -8.53
N ASN F 203 -3.03 15.53 -8.37
CA ASN F 203 -3.72 14.69 -7.42
C ASN F 203 -3.97 13.28 -7.92
N GLY F 204 -3.63 13.00 -9.18
CA GLY F 204 -3.86 11.69 -9.77
C GLY F 204 -4.97 11.64 -10.79
N GLY F 205 -5.73 12.72 -10.94
CA GLY F 205 -6.80 12.75 -11.91
C GLY F 205 -6.28 13.02 -13.31
N ILE F 206 -7.22 13.12 -14.24
CA ILE F 206 -6.87 13.31 -15.64
C ILE F 206 -7.84 14.29 -16.29
N ILE F 207 -7.30 15.09 -17.20
CA ILE F 207 -8.09 15.89 -18.14
C ILE F 207 -8.12 15.12 -19.45
N ASN F 208 -9.33 14.82 -19.94
CA ASN F 208 -9.46 14.06 -21.17
C ASN F 208 -10.71 14.52 -21.92
N LYS F 209 -10.86 14.01 -23.14
CA LYS F 209 -11.98 14.38 -24.00
C LYS F 209 -13.29 14.33 -23.24
N ILE F 210 -14.16 15.30 -23.53
CA ILE F 210 -15.48 15.36 -22.89
C ILE F 210 -16.16 14.01 -23.04
N GLY F 211 -16.73 13.54 -21.94
CA GLY F 211 -17.33 12.22 -21.86
C GLY F 211 -16.61 11.26 -20.93
N THR F 212 -15.34 11.52 -20.61
CA THR F 212 -14.56 10.57 -19.82
C THR F 212 -15.07 10.51 -18.38
N ASN F 213 -15.42 11.66 -17.80
CA ASN F 213 -15.82 11.69 -16.41
C ASN F 213 -17.02 10.77 -16.15
N GLN F 214 -18.11 10.97 -16.91
CA GLN F 214 -19.30 10.15 -16.68
C GLN F 214 -19.02 8.68 -16.93
N MET F 215 -18.13 8.37 -17.89
CA MET F 215 -17.74 6.98 -18.09
C MET F 215 -17.12 6.42 -16.82
N ALA F 216 -16.22 7.18 -16.20
CA ALA F 216 -15.56 6.72 -14.99
C ALA F 216 -16.55 6.62 -13.83
N VAL F 217 -17.55 7.49 -13.81
CA VAL F 217 -18.56 7.41 -12.76
C VAL F 217 -19.41 6.16 -12.94
N CYS F 218 -19.73 5.84 -14.20
CA CYS F 218 -20.55 4.66 -14.47
C CYS F 218 -19.78 3.37 -14.21
N ALA F 219 -18.49 3.34 -14.58
CA ALA F 219 -17.66 2.18 -14.27
C ALA F 219 -17.57 1.95 -12.75
N LYS F 220 -17.42 3.03 -12.00
CA LYS F 220 -17.27 2.92 -10.54
C LYS F 220 -18.55 2.41 -9.90
N ALA F 221 -19.70 2.70 -10.50
CA ALA F 221 -20.99 2.27 -9.92
C ALA F 221 -21.26 0.78 -10.18
N GLN F 222 -20.55 0.19 -11.14
CA GLN F 222 -20.72 -1.24 -11.47
C GLN F 222 -19.43 -1.98 -11.16
N ASN F 223 -18.55 -1.35 -10.40
CA ASN F 223 -17.27 -1.98 -10.00
C ASN F 223 -16.53 -2.51 -11.23
N LYS F 224 -16.22 -1.62 -12.15
CA LYS F 224 -15.40 -1.94 -13.31
C LYS F 224 -14.09 -1.18 -13.19
N PRO F 225 -12.94 -1.85 -13.20
CA PRO F 225 -11.67 -1.11 -13.14
C PRO F 225 -11.62 -0.10 -14.27
N PHE F 226 -11.02 1.05 -13.98
CA PHE F 226 -10.89 2.16 -14.91
C PHE F 226 -9.40 2.43 -15.08
N TYR F 227 -8.86 2.10 -16.26
CA TYR F 227 -7.43 2.18 -16.50
C TYR F 227 -7.10 3.33 -17.43
N VAL F 228 -6.06 4.08 -17.06
CA VAL F 228 -5.56 5.20 -17.85
C VAL F 228 -4.21 4.81 -18.42
N VAL F 229 -3.99 5.12 -19.70
CA VAL F 229 -2.73 4.89 -20.37
C VAL F 229 -2.25 6.24 -20.93
N ALA F 230 -1.19 6.79 -20.33
CA ALA F 230 -0.76 8.14 -20.66
C ALA F 230 0.74 8.29 -20.49
N GLU F 231 1.35 9.06 -21.39
CA GLU F 231 2.78 9.33 -21.35
C GLU F 231 3.10 10.32 -20.25
N SER F 232 4.36 10.28 -19.79
CA SER F 232 4.78 11.09 -18.66
C SER F 232 5.00 12.56 -19.02
N PHE F 233 5.16 12.90 -20.29
CA PHE F 233 5.27 14.31 -20.64
C PHE F 233 3.94 15.04 -20.48
N LYS F 234 2.87 14.31 -20.16
CA LYS F 234 1.55 14.89 -19.95
C LYS F 234 1.31 15.30 -18.51
N PHE F 235 2.20 14.97 -17.59
CA PHE F 235 2.05 15.39 -16.20
C PHE F 235 2.08 16.91 -16.14
N VAL F 236 0.97 17.51 -15.70
CA VAL F 236 0.82 18.95 -15.66
C VAL F 236 0.63 19.41 -14.22
N ARG F 237 1.11 20.61 -13.93
CA ARG F 237 1.11 21.14 -12.57
C ARG F 237 -0.19 21.89 -12.32
N LEU F 238 -1.25 21.09 -12.13
CA LEU F 238 -2.56 21.60 -11.75
C LEU F 238 -3.17 20.68 -10.70
N PHE F 239 -3.90 21.26 -9.74
CA PHE F 239 -4.61 20.52 -8.71
C PHE F 239 -6.07 20.93 -8.74
N PRO F 240 -6.85 20.41 -9.68
CA PRO F 240 -8.27 20.76 -9.73
C PRO F 240 -9.10 19.93 -8.76
N LEU F 241 -10.12 20.57 -8.20
CA LEU F 241 -11.08 19.90 -7.34
C LEU F 241 -12.39 19.59 -8.05
N ASN F 242 -12.83 20.46 -8.96
CA ASN F 242 -14.01 20.21 -9.77
C ASN F 242 -13.75 20.74 -11.18
N GLN F 243 -14.81 20.80 -11.99
CA GLN F 243 -14.63 21.07 -13.41
C GLN F 243 -14.17 22.50 -13.68
N GLN F 244 -14.60 23.47 -12.87
CA GLN F 244 -14.27 24.85 -13.13
C GLN F 244 -12.81 25.17 -12.83
N ASP F 245 -12.10 24.27 -12.15
CA ASP F 245 -10.68 24.47 -11.86
C ASP F 245 -9.79 24.15 -13.05
N VAL F 246 -10.32 23.49 -14.07
CA VAL F 246 -9.59 23.29 -15.33
C VAL F 246 -9.47 24.62 -16.06
N PRO F 247 -8.27 25.07 -16.39
CA PRO F 247 -8.13 26.35 -17.11
C PRO F 247 -8.83 26.31 -18.45
N ASP F 248 -9.54 27.41 -18.76
CA ASP F 248 -10.28 27.50 -20.01
C ASP F 248 -9.40 27.27 -21.23
N LYS F 249 -8.09 27.50 -21.12
CA LYS F 249 -7.20 27.33 -22.26
C LYS F 249 -7.22 25.90 -22.74
N PHE F 250 -7.26 24.96 -21.80
CA PHE F 250 -7.23 23.54 -22.09
C PHE F 250 -8.59 23.00 -22.49
N LYS F 251 -9.66 23.74 -22.25
CA LYS F 251 -10.92 23.49 -22.93
C LYS F 251 -10.93 24.24 -24.26
N TYR F 252 -11.96 24.00 -25.06
CA TYR F 252 -12.08 24.69 -26.34
C TYR F 252 -10.77 24.67 -27.12
N LEU F 266 -31.19 30.63 -26.13
CA LEU F 266 -30.73 29.22 -26.21
C LEU F 266 -29.20 29.22 -26.27
N LYS F 267 -28.55 29.06 -25.12
CA LYS F 267 -27.08 29.05 -25.04
C LYS F 267 -26.56 27.64 -25.31
N GLU F 268 -25.24 27.49 -25.42
CA GLU F 268 -24.63 26.17 -25.62
C GLU F 268 -23.27 26.18 -24.91
N GLU F 269 -23.03 25.18 -24.07
CA GLU F 269 -21.76 24.99 -23.39
C GLU F 269 -21.12 23.74 -23.97
N HIS F 270 -20.11 23.91 -24.82
CA HIS F 270 -19.47 22.81 -25.53
C HIS F 270 -17.99 22.72 -25.11
N PRO F 271 -17.72 22.25 -23.91
CA PRO F 271 -16.33 22.01 -23.51
C PRO F 271 -15.75 20.85 -24.29
N TRP F 272 -14.44 20.91 -24.52
CA TRP F 272 -13.79 19.85 -25.27
C TRP F 272 -13.22 18.76 -24.38
N VAL F 273 -13.01 19.03 -23.09
CA VAL F 273 -12.45 18.06 -22.17
C VAL F 273 -13.16 18.22 -20.82
N ASP F 274 -13.05 17.18 -20.00
CA ASP F 274 -13.53 17.22 -18.62
C ASP F 274 -12.44 16.69 -17.70
N TYR F 275 -12.70 16.74 -16.40
CA TYR F 275 -11.77 16.31 -15.36
C TYR F 275 -12.32 15.09 -14.65
N THR F 276 -11.47 14.09 -14.47
CA THR F 276 -11.85 12.84 -13.81
C THR F 276 -10.99 12.71 -12.56
N ALA F 277 -11.64 12.68 -11.40
CA ALA F 277 -10.91 12.79 -10.14
C ALA F 277 -10.18 11.49 -9.79
N PRO F 278 -9.24 11.56 -8.87
CA PRO F 278 -8.44 10.35 -8.55
C PRO F 278 -9.29 9.17 -8.10
N SER F 279 -10.40 9.42 -7.39
CA SER F 279 -11.17 8.30 -6.86
C SER F 279 -11.87 7.50 -7.93
N LEU F 280 -12.00 8.04 -9.15
CA LEU F 280 -12.63 7.33 -10.24
C LEU F 280 -11.61 6.61 -11.13
N ILE F 281 -10.34 6.70 -10.80
CA ILE F 281 -9.28 6.01 -11.54
C ILE F 281 -8.67 4.97 -10.60
N THR F 282 -8.54 3.74 -11.08
N THR F 282 -8.50 3.72 -11.17
CA THR F 282 -7.95 2.68 -10.29
CA THR F 282 -7.91 2.66 -10.38
C THR F 282 -6.47 2.48 -10.56
C THR F 282 -6.42 2.46 -10.64
N LEU F 283 -6.01 2.73 -11.79
CA LEU F 283 -4.60 2.69 -12.09
C LEU F 283 -4.31 3.57 -13.30
N LEU F 284 -3.09 4.09 -13.36
CA LEU F 284 -2.57 4.77 -14.55
C LEU F 284 -1.33 4.02 -15.02
N PHE F 285 -1.31 3.67 -16.31
CA PHE F 285 -0.18 2.99 -16.94
C PHE F 285 0.62 4.03 -17.69
N THR F 286 1.82 4.35 -17.17
CA THR F 286 2.69 5.35 -17.76
C THR F 286 4.07 4.75 -18.02
N ASP F 287 4.91 5.52 -18.73
CA ASP F 287 6.26 5.07 -19.04
C ASP F 287 7.15 4.98 -17.81
N LEU F 288 6.73 5.55 -16.69
CA LEU F 288 7.42 5.39 -15.42
C LEU F 288 6.94 4.18 -14.63
N GLY F 289 6.02 3.40 -15.19
CA GLY F 289 5.46 2.23 -14.53
C GLY F 289 4.02 2.46 -14.11
N VAL F 290 3.44 1.40 -13.56
CA VAL F 290 2.06 1.44 -13.09
C VAL F 290 1.98 2.29 -11.84
N LEU F 291 0.98 3.18 -11.79
CA LEU F 291 0.80 4.08 -10.67
C LEU F 291 -0.65 4.09 -10.21
N THR F 292 -0.85 4.25 -8.91
CA THR F 292 -2.14 4.67 -8.39
C THR F 292 -2.22 6.19 -8.39
N PRO F 293 -3.43 6.75 -8.32
CA PRO F 293 -3.52 8.22 -8.38
C PRO F 293 -2.77 8.90 -7.23
N SER F 294 -2.83 8.33 -6.04
CA SER F 294 -2.15 8.94 -4.91
C SER F 294 -0.64 8.94 -5.08
N ALA F 295 -0.12 8.05 -5.91
CA ALA F 295 1.32 7.91 -6.14
C ALA F 295 1.84 8.85 -7.22
N VAL F 296 0.97 9.67 -7.82
CA VAL F 296 1.40 10.52 -8.92
C VAL F 296 2.21 11.70 -8.39
N SER F 297 1.78 12.30 -7.28
CA SER F 297 2.45 13.49 -6.77
C SER F 297 3.95 13.22 -6.58
N ASP F 298 4.28 12.08 -5.97
CA ASP F 298 5.69 11.73 -5.80
C ASP F 298 6.37 11.55 -7.15
N GLU F 299 5.68 10.94 -8.12
CA GLU F 299 6.29 10.73 -9.42
C GLU F 299 6.41 12.03 -10.21
N LEU F 300 5.47 12.96 -10.00
CA LEU F 300 5.52 14.24 -10.68
C LEU F 300 6.58 15.18 -10.08
N ILE F 301 6.80 15.09 -8.77
CA ILE F 301 7.92 15.83 -8.18
C ILE F 301 9.23 15.34 -8.77
N LYS F 302 9.42 14.02 -8.80
CA LYS F 302 10.64 13.44 -9.34
C LYS F 302 10.82 13.82 -10.81
N LEU F 303 9.71 13.94 -11.52
CA LEU F 303 9.78 14.23 -12.98
C LEU F 303 10.16 15.68 -13.25
N TYR F 304 9.66 16.62 -12.46
CA TYR F 304 9.97 18.04 -12.72
C TYR F 304 11.32 18.44 -12.14
N LEU F 305 11.94 17.59 -11.33
CA LEU F 305 13.26 17.91 -10.75
C LEU F 305 14.33 17.05 -11.43
N GLY F 306 15.45 16.79 -10.75
CA GLY F 306 16.54 15.98 -11.33
C GLY F 306 16.31 14.50 -11.17
N MET G 1 -63.62 -3.61 -36.19
CA MET G 1 -62.76 -2.97 -37.23
C MET G 1 -61.95 -4.03 -37.97
N ASP G 2 -60.92 -3.60 -38.68
CA ASP G 2 -59.97 -4.49 -39.34
C ASP G 2 -58.56 -4.03 -39.01
N ASP G 3 -57.58 -4.88 -39.33
CA ASP G 3 -56.20 -4.59 -38.99
C ASP G 3 -55.73 -3.31 -39.67
N LYS G 4 -55.85 -3.29 -41.01
CA LYS G 4 -55.43 -2.11 -41.82
C LYS G 4 -56.15 -0.85 -41.36
N GLU G 5 -57.48 -0.91 -41.27
CA GLU G 5 -58.30 0.26 -40.86
C GLU G 5 -57.95 0.67 -39.42
N LEU G 6 -57.77 -0.31 -38.53
CA LEU G 6 -57.44 -0.01 -37.10
C LEU G 6 -56.09 0.70 -37.02
N ILE G 7 -55.10 0.25 -37.81
CA ILE G 7 -53.74 0.86 -37.80
C ILE G 7 -53.82 2.30 -38.29
N GLU G 8 -54.63 2.55 -39.34
CA GLU G 8 -54.77 3.90 -39.93
C GLU G 8 -55.39 4.87 -38.91
N TYR G 9 -56.39 4.41 -38.15
CA TYR G 9 -57.07 5.28 -37.16
C TYR G 9 -56.08 5.73 -36.09
N PHE G 10 -55.23 4.83 -35.61
CA PHE G 10 -54.23 5.17 -34.55
C PHE G 10 -53.23 6.19 -35.11
N LYS G 11 -52.79 5.99 -36.35
CA LYS G 11 -51.81 6.89 -37.01
C LYS G 11 -52.40 8.30 -37.18
N SER G 12 -53.67 8.34 -37.60
CA SER G 12 -54.43 9.59 -37.85
C SER G 12 -54.62 10.36 -36.55
N GLN G 13 -54.86 9.69 -35.43
CA GLN G 13 -54.98 10.46 -34.17
C GLN G 13 -53.63 11.09 -33.88
N MET G 14 -52.55 10.40 -34.21
CA MET G 14 -51.19 10.91 -33.88
C MET G 14 -50.72 11.94 -34.91
N LYS G 15 -51.17 11.80 -36.14
CA LYS G 15 -50.70 12.73 -37.20
C LYS G 15 -51.25 14.14 -36.99
N GLU G 16 -52.47 14.29 -36.50
CA GLU G 16 -53.00 15.69 -36.44
C GLU G 16 -52.88 16.31 -35.06
N ASP G 17 -52.17 15.68 -34.13
CA ASP G 17 -51.96 16.29 -32.79
C ASP G 17 -50.84 15.53 -32.10
N PRO G 18 -49.40 15.81 -32.38
CA PRO G 18 -48.12 15.23 -31.93
C PRO G 18 -47.89 15.26 -30.42
N ASP G 19 -48.41 16.28 -29.75
CA ASP G 19 -48.22 16.42 -28.28
C ASP G 19 -49.00 15.35 -27.52
N MET G 20 -49.79 14.55 -28.23
CA MET G 20 -50.61 13.53 -27.60
C MET G 20 -49.80 12.26 -27.42
N ALA G 21 -49.99 11.59 -26.28
CA ALA G 21 -49.27 10.37 -25.98
C ALA G 21 -49.72 9.22 -26.88
N SER G 22 -48.75 8.43 -27.33
CA SER G 22 -49.08 7.24 -28.10
C SER G 22 -50.06 6.36 -27.36
N ALA G 23 -49.95 6.29 -26.03
CA ALA G 23 -50.89 5.50 -25.25
C ALA G 23 -52.32 5.98 -25.44
N VAL G 24 -52.54 7.30 -25.33
CA VAL G 24 -53.87 7.84 -25.52
C VAL G 24 -54.35 7.59 -26.95
N ALA G 25 -53.47 7.80 -27.93
CA ALA G 25 -53.83 7.50 -29.31
C ALA G 25 -54.29 6.06 -29.44
N ALA G 26 -53.52 5.12 -28.90
CA ALA G 26 -53.92 3.72 -28.93
C ALA G 26 -55.27 3.51 -28.26
N ILE G 27 -55.48 4.12 -27.10
CA ILE G 27 -56.69 3.86 -26.34
C ILE G 27 -57.91 4.27 -27.14
N ARG G 28 -57.91 5.50 -27.68
CA ARG G 28 -59.02 5.92 -28.52
C ARG G 28 -59.26 4.92 -29.64
N THR G 29 -58.18 4.36 -30.21
CA THR G 29 -58.33 3.37 -31.25
C THR G 29 -59.00 2.12 -30.73
N LEU G 30 -58.71 1.74 -29.48
CA LEU G 30 -59.37 0.58 -28.89
C LEU G 30 -60.84 0.87 -28.61
N LEU G 31 -61.14 2.09 -28.16
CA LEU G 31 -62.53 2.45 -27.89
C LEU G 31 -63.35 2.44 -29.18
N GLU G 32 -62.79 2.96 -30.27
CA GLU G 32 -63.48 2.84 -31.56
C GLU G 32 -63.55 1.40 -32.02
N PHE G 33 -62.56 0.57 -31.65
CA PHE G 33 -62.64 -0.85 -31.97
C PHE G 33 -63.83 -1.49 -31.27
N LEU G 34 -64.03 -1.16 -29.99
CA LEU G 34 -65.16 -1.72 -29.25
C LEU G 34 -66.48 -1.19 -29.81
N LYS G 35 -66.56 0.12 -30.05
CA LYS G 35 -67.80 0.70 -30.57
C LYS G 35 -68.17 0.10 -31.92
N ARG G 36 -67.18 -0.15 -32.76
CA ARG G 36 -67.39 -0.66 -34.13
C ARG G 36 -67.04 -2.14 -34.24
N ASP G 37 -67.47 -2.97 -33.28
CA ASP G 37 -67.19 -4.40 -33.31
C ASP G 37 -68.51 -5.16 -33.27
N LYS G 38 -69.08 -5.45 -34.44
CA LYS G 38 -70.34 -6.17 -34.56
C LYS G 38 -70.08 -7.66 -34.37
N GLY G 39 -70.10 -8.11 -33.12
CA GLY G 39 -69.93 -9.50 -32.79
C GLY G 39 -71.09 -10.06 -31.97
N ILE G 42 -71.00 -13.12 -27.82
CA ILE G 42 -69.65 -13.59 -27.61
C ILE G 42 -68.79 -12.50 -26.97
N GLN G 43 -68.62 -12.55 -25.64
CA GLN G 43 -67.59 -11.71 -25.03
C GLN G 43 -66.20 -12.17 -25.43
N GLY G 44 -66.08 -13.39 -25.96
CA GLY G 44 -64.78 -13.88 -26.39
C GLY G 44 -64.31 -13.18 -27.64
N LEU G 45 -65.24 -12.68 -28.45
CA LEU G 45 -64.88 -11.83 -29.58
C LEU G 45 -64.62 -10.39 -29.13
N ARG G 46 -65.08 -10.00 -27.94
CA ARG G 46 -64.54 -8.81 -27.29
C ARG G 46 -63.12 -9.05 -26.78
N ALA G 47 -62.75 -10.32 -26.57
CA ALA G 47 -61.36 -10.69 -26.36
C ALA G 47 -60.57 -10.73 -27.66
N ASN G 48 -61.24 -10.50 -28.80
CA ASN G 48 -60.55 -10.09 -30.03
C ASN G 48 -60.02 -8.67 -29.92
N LEU G 49 -60.43 -7.95 -28.87
CA LEU G 49 -59.80 -6.66 -28.56
C LEU G 49 -58.34 -6.84 -28.17
N THR G 50 -57.98 -7.95 -27.51
CA THR G 50 -56.61 -8.13 -27.06
C THR G 50 -55.66 -8.33 -28.24
N SER G 51 -56.14 -8.91 -29.34
CA SER G 51 -55.30 -9.01 -30.52
C SER G 51 -55.19 -7.66 -31.23
N ALA G 52 -56.20 -6.80 -31.09
CA ALA G 52 -56.09 -5.45 -31.63
C ALA G 52 -55.02 -4.65 -30.90
N ILE G 53 -54.88 -4.85 -29.59
CA ILE G 53 -53.83 -4.16 -28.84
C ILE G 53 -52.46 -4.59 -29.36
N GLU G 54 -52.30 -5.87 -29.65
CA GLU G 54 -51.02 -6.36 -30.15
C GLU G 54 -50.74 -5.82 -31.56
N THR G 55 -51.76 -5.71 -32.40
CA THR G 55 -51.58 -5.08 -33.70
C THR G 55 -51.11 -3.64 -33.55
N LEU G 56 -51.65 -2.93 -32.55
CA LEU G 56 -51.25 -1.54 -32.32
C LEU G 56 -49.80 -1.47 -31.84
N CYS G 57 -49.42 -2.37 -30.92
CA CYS G 57 -48.03 -2.43 -30.47
C CYS G 57 -47.08 -2.76 -31.62
N GLY G 58 -47.61 -3.23 -32.75
CA GLY G 58 -46.74 -3.62 -33.86
C GLY G 58 -46.15 -2.46 -34.63
N VAL G 59 -46.87 -1.35 -34.73
CA VAL G 59 -46.37 -0.18 -35.45
C VAL G 59 -45.61 0.75 -34.51
N ASP G 60 -46.22 1.13 -33.39
CA ASP G 60 -45.54 1.88 -32.34
C ASP G 60 -45.14 0.89 -31.24
N SER G 61 -43.83 0.82 -30.97
CA SER G 61 -43.30 -0.14 -30.02
C SER G 61 -42.87 0.52 -28.72
N SER G 62 -43.56 1.59 -28.32
CA SER G 62 -43.27 2.21 -27.03
C SER G 62 -43.78 1.34 -25.89
N VAL G 63 -43.14 1.47 -24.73
CA VAL G 63 -43.64 0.83 -23.53
C VAL G 63 -45.07 1.26 -23.25
N ALA G 64 -45.37 2.54 -23.49
CA ALA G 64 -46.65 3.08 -23.05
C ALA G 64 -47.83 2.49 -23.82
N VAL G 65 -47.66 2.17 -25.10
CA VAL G 65 -48.77 1.60 -25.85
C VAL G 65 -49.18 0.26 -25.25
N SER G 66 -48.19 -0.56 -24.85
CA SER G 66 -48.50 -1.88 -24.32
C SER G 66 -49.11 -1.80 -22.92
N SER G 67 -48.52 -0.98 -22.05
CA SER G 67 -49.04 -0.85 -20.70
C SER G 67 -50.43 -0.23 -20.70
N GLY G 68 -50.63 0.80 -21.52
CA GLY G 68 -51.93 1.45 -21.56
C GLY G 68 -52.99 0.58 -22.18
N GLY G 69 -52.63 -0.19 -23.21
CA GLY G 69 -53.59 -1.10 -23.81
C GLY G 69 -54.07 -2.16 -22.83
N GLU G 70 -53.15 -2.71 -22.05
CA GLU G 70 -53.54 -3.71 -21.06
C GLU G 70 -54.35 -3.08 -19.95
N LEU G 71 -53.93 -1.90 -19.47
CA LEU G 71 -54.68 -1.23 -18.41
C LEU G 71 -56.09 -0.92 -18.87
N PHE G 72 -56.24 -0.45 -20.12
CA PHE G 72 -57.56 -0.19 -20.66
C PHE G 72 -58.39 -1.47 -20.74
N LEU G 73 -57.78 -2.56 -21.19
CA LEU G 73 -58.51 -3.81 -21.31
C LEU G 73 -58.88 -4.38 -19.95
N ARG G 74 -57.97 -4.29 -18.97
CA ARG G 74 -58.28 -4.83 -17.65
C ARG G 74 -59.36 -4.02 -16.96
N PHE G 75 -59.50 -2.74 -17.31
CA PHE G 75 -60.46 -1.88 -16.64
C PHE G 75 -61.89 -2.15 -17.11
N ILE G 76 -62.13 -2.14 -18.43
CA ILE G 76 -63.49 -2.33 -18.91
C ILE G 76 -63.93 -3.78 -18.69
N SER G 77 -62.98 -4.71 -18.63
CA SER G 77 -63.33 -6.13 -18.54
C SER G 77 -64.05 -6.48 -17.25
N LEU G 78 -63.94 -5.64 -16.21
CA LEU G 78 -64.72 -5.87 -15.00
C LEU G 78 -66.22 -5.75 -15.22
N ALA G 79 -66.63 -5.38 -16.43
CA ALA G 79 -68.05 -5.35 -16.75
C ALA G 79 -68.62 -6.76 -16.82
N SER G 80 -67.86 -7.69 -17.39
CA SER G 80 -68.31 -9.09 -17.45
C SER G 80 -68.41 -9.73 -16.06
N LEU G 81 -67.87 -9.07 -15.03
CA LEU G 81 -68.02 -9.58 -13.66
C LEU G 81 -69.48 -9.55 -13.21
N GLU G 82 -70.18 -8.45 -13.48
CA GLU G 82 -71.53 -8.24 -13.00
C GLU G 82 -72.60 -8.60 -14.03
N TYR G 83 -72.36 -8.32 -15.31
CA TYR G 83 -73.36 -8.48 -16.35
C TYR G 83 -73.04 -9.68 -17.23
N SER G 84 -74.06 -10.47 -17.54
CA SER G 84 -73.91 -11.67 -18.34
C SER G 84 -74.51 -11.53 -19.74
N ASP G 85 -75.33 -10.53 -19.99
CA ASP G 85 -75.90 -10.30 -21.32
C ASP G 85 -74.90 -9.58 -22.21
N TYR G 86 -74.85 -9.98 -23.48
CA TYR G 86 -73.92 -9.36 -24.42
C TYR G 86 -74.32 -7.91 -24.69
N SER G 87 -75.56 -7.69 -25.15
CA SER G 87 -76.04 -6.33 -25.39
C SER G 87 -75.73 -5.42 -24.21
N LYS G 88 -76.10 -5.87 -23.00
CA LYS G 88 -75.89 -5.05 -21.81
C LYS G 88 -74.40 -4.88 -21.53
N CYS G 89 -73.66 -5.99 -21.51
CA CYS G 89 -72.26 -5.93 -21.09
C CYS G 89 -71.43 -5.00 -21.99
N LYS G 90 -71.60 -5.14 -23.31
CA LYS G 90 -70.74 -4.40 -24.23
C LYS G 90 -70.84 -2.89 -23.99
N LYS G 91 -72.06 -2.38 -23.79
CA LYS G 91 -72.21 -0.94 -23.59
C LYS G 91 -71.59 -0.50 -22.27
N ILE G 92 -71.75 -1.31 -21.22
CA ILE G 92 -71.07 -1.01 -19.95
C ILE G 92 -69.57 -0.87 -20.19
N MET G 93 -69.01 -1.76 -21.03
CA MET G 93 -67.58 -1.70 -21.31
C MET G 93 -67.20 -0.38 -21.98
N ILE G 94 -68.09 0.19 -22.79
CA ILE G 94 -67.73 1.37 -23.59
C ILE G 94 -67.57 2.59 -22.69
N GLU G 95 -68.59 2.88 -21.87
CA GLU G 95 -68.50 4.09 -21.07
C GLU G 95 -67.64 3.89 -19.82
N ARG G 96 -67.44 2.63 -19.39
CA ARG G 96 -66.31 2.35 -18.51
C ARG G 96 -65.01 2.52 -19.28
N GLY G 97 -65.08 2.48 -20.61
CA GLY G 97 -63.94 2.80 -21.45
C GLY G 97 -63.83 4.30 -21.71
N GLU G 98 -64.97 4.98 -21.80
CA GLU G 98 -64.97 6.44 -21.95
C GLU G 98 -64.69 7.15 -20.63
N LEU G 99 -64.93 6.50 -19.50
CA LEU G 99 -64.47 7.05 -18.22
C LEU G 99 -62.97 6.88 -18.07
N PHE G 100 -62.44 5.73 -18.50
CA PHE G 100 -60.99 5.54 -18.50
C PHE G 100 -60.30 6.62 -19.33
N LEU G 101 -60.77 6.82 -20.57
CA LEU G 101 -60.14 7.81 -21.43
C LEU G 101 -60.22 9.21 -20.81
N ARG G 102 -61.33 9.52 -20.13
CA ARG G 102 -61.45 10.83 -19.50
C ARG G 102 -60.45 10.99 -18.36
N ARG G 103 -60.29 9.96 -17.54
CA ARG G 103 -59.36 10.07 -16.41
C ARG G 103 -57.93 10.25 -16.92
N ILE G 104 -57.47 9.38 -17.82
CA ILE G 104 -56.06 9.45 -18.21
C ILE G 104 -55.75 10.76 -18.91
N SER G 105 -56.76 11.37 -19.55
CA SER G 105 -56.53 12.61 -20.28
C SER G 105 -56.44 13.84 -19.37
N LEU G 106 -56.50 13.65 -18.06
CA LEU G 106 -56.15 14.69 -17.10
C LEU G 106 -54.93 14.31 -16.27
N SER G 107 -54.32 13.16 -16.54
CA SER G 107 -53.16 12.72 -15.76
C SER G 107 -52.02 13.73 -15.87
N ARG G 108 -51.56 13.97 -17.10
CA ARG G 108 -50.51 14.95 -17.33
C ARG G 108 -50.82 16.27 -16.66
N ASN G 109 -52.06 16.70 -16.75
CA ASN G 109 -52.48 17.96 -16.16
C ASN G 109 -52.29 17.95 -14.64
N LYS G 110 -52.64 16.83 -14.01
CA LYS G 110 -52.61 16.78 -12.55
C LYS G 110 -51.18 16.77 -12.01
N ILE G 111 -50.26 16.11 -12.74
CA ILE G 111 -48.87 16.08 -12.31
C ILE G 111 -48.31 17.49 -12.23
N ALA G 112 -48.66 18.33 -13.20
CA ALA G 112 -48.14 19.70 -13.22
C ALA G 112 -48.51 20.45 -11.95
N ASP G 113 -49.75 20.27 -11.48
CA ASP G 113 -50.18 20.96 -10.26
C ASP G 113 -49.52 20.36 -9.02
N LEU G 114 -49.18 19.07 -9.05
CA LEU G 114 -48.54 18.46 -7.90
C LEU G 114 -47.11 18.94 -7.70
N CYS G 115 -46.46 19.42 -8.76
CA CYS G 115 -45.10 19.93 -8.66
C CYS G 115 -45.02 21.45 -8.76
N HIS G 116 -46.11 22.12 -9.16
CA HIS G 116 -46.05 23.54 -9.50
C HIS G 116 -45.47 24.40 -8.37
N THR G 117 -45.39 23.87 -7.16
CA THR G 117 -44.80 24.58 -6.04
C THR G 117 -43.79 23.68 -5.31
N PHE G 118 -43.08 22.84 -6.06
CA PHE G 118 -41.99 22.03 -5.52
C PHE G 118 -40.61 22.52 -5.93
N ILE G 119 -40.48 23.06 -7.14
CA ILE G 119 -39.21 23.60 -7.61
C ILE G 119 -38.93 24.89 -6.86
N LYS G 120 -37.84 24.91 -6.09
CA LYS G 120 -37.54 26.07 -5.28
C LYS G 120 -36.96 27.20 -6.15
N ASP G 121 -37.32 28.42 -5.78
CA ASP G 121 -36.93 29.62 -6.52
C ASP G 121 -35.42 29.72 -6.67
N GLY G 122 -34.98 30.00 -7.89
CA GLY G 122 -33.58 30.18 -8.20
C GLY G 122 -32.81 28.93 -8.59
N ALA G 123 -33.49 27.79 -8.75
CA ALA G 123 -32.81 26.53 -8.94
C ALA G 123 -32.37 26.35 -10.39
N THR G 124 -31.35 25.49 -10.56
CA THR G 124 -30.84 25.10 -11.87
C THR G 124 -31.25 23.64 -12.09
N ILE G 125 -32.09 23.42 -13.10
CA ILE G 125 -32.63 22.07 -13.40
C ILE G 125 -31.89 21.41 -14.56
N LEU G 126 -31.66 20.11 -14.45
CA LEU G 126 -31.03 19.34 -15.53
C LEU G 126 -32.05 18.36 -16.06
N THR G 127 -32.13 18.25 -17.38
CA THR G 127 -33.07 17.33 -18.03
C THR G 127 -32.39 16.68 -19.23
N HIS G 128 -32.97 15.62 -19.79
CA HIS G 128 -32.33 14.92 -20.91
C HIS G 128 -33.34 14.80 -22.04
N ALA G 129 -32.94 15.06 -23.30
CA ALA G 129 -33.91 14.91 -24.41
C ALA G 129 -35.19 15.74 -24.26
N TYR G 130 -36.30 15.23 -24.77
CA TYR G 130 -37.58 15.98 -24.77
C TYR G 130 -38.66 15.19 -24.06
N SER G 131 -39.38 15.84 -23.16
CA SER G 131 -40.51 15.18 -22.46
C SER G 131 -41.65 16.17 -22.41
N ARG G 132 -42.86 15.75 -22.75
CA ARG G 132 -44.02 16.67 -22.71
C ARG G 132 -44.46 16.83 -21.26
N VAL G 133 -44.19 15.83 -20.42
CA VAL G 133 -44.62 15.91 -19.01
C VAL G 133 -43.64 16.82 -18.27
N VAL G 134 -42.38 16.85 -18.68
CA VAL G 134 -41.40 17.74 -18.01
C VAL G 134 -41.79 19.18 -18.36
N LEU G 135 -42.04 19.41 -19.65
CA LEU G 135 -42.40 20.72 -20.20
C LEU G 135 -43.67 21.25 -19.54
N ARG G 136 -44.65 20.39 -19.29
CA ARG G 136 -45.90 20.81 -18.63
C ARG G 136 -45.60 21.22 -17.18
N VAL G 137 -44.73 20.51 -16.48
CA VAL G 137 -44.42 20.83 -15.06
C VAL G 137 -43.70 22.16 -14.99
N LEU G 138 -42.77 22.41 -15.92
CA LEU G 138 -42.01 23.68 -15.92
C LEU G 138 -42.94 24.82 -16.30
N GLU G 139 -43.93 24.56 -17.16
CA GLU G 139 -44.91 25.61 -17.56
C GLU G 139 -45.73 26.01 -16.35
N ALA G 140 -46.04 25.07 -15.46
CA ALA G 140 -46.79 25.41 -14.23
C ALA G 140 -45.84 26.08 -13.24
N ALA G 141 -44.53 25.81 -13.32
CA ALA G 141 -43.58 26.50 -12.46
C ALA G 141 -43.42 27.96 -12.90
N VAL G 142 -43.32 28.20 -14.21
CA VAL G 142 -43.23 29.58 -14.69
C VAL G 142 -44.58 30.26 -14.54
N ALA G 143 -45.67 29.52 -14.66
CA ALA G 143 -46.99 30.09 -14.40
C ALA G 143 -47.15 30.51 -12.95
N ALA G 144 -46.53 29.77 -12.02
CA ALA G 144 -46.55 30.12 -10.61
C ALA G 144 -45.52 31.18 -10.25
N LYS G 145 -44.87 31.79 -11.25
CA LYS G 145 -43.96 32.91 -11.04
C LYS G 145 -42.66 32.47 -10.38
N LYS G 146 -42.20 31.27 -10.73
CA LYS G 146 -40.92 30.76 -10.23
C LYS G 146 -39.80 31.09 -11.20
N ARG G 147 -38.67 31.52 -10.64
CA ARG G 147 -37.46 31.74 -11.43
C ARG G 147 -36.60 30.49 -11.36
N PHE G 148 -36.19 29.99 -12.52
CA PHE G 148 -35.31 28.82 -12.58
C PHE G 148 -34.61 28.81 -13.93
N SER G 149 -33.59 27.96 -14.04
CA SER G 149 -32.87 27.77 -15.29
C SER G 149 -32.74 26.28 -15.55
N VAL G 150 -32.45 25.94 -16.80
CA VAL G 150 -32.45 24.55 -17.25
C VAL G 150 -31.22 24.26 -18.08
N TYR G 151 -30.58 23.12 -17.80
CA TYR G 151 -29.63 22.50 -18.70
C TYR G 151 -30.30 21.26 -19.29
N VAL G 152 -30.10 21.03 -20.59
CA VAL G 152 -30.71 19.88 -21.26
C VAL G 152 -29.72 19.30 -22.26
N THR G 153 -29.66 17.97 -22.29
CA THR G 153 -28.83 17.26 -23.25
C THR G 153 -29.49 17.23 -24.62
N GLU G 154 -28.69 17.47 -25.66
CA GLU G 154 -29.23 17.43 -27.02
C GLU G 154 -29.86 16.08 -27.31
N SER G 155 -29.34 15.02 -26.71
CA SER G 155 -29.88 13.67 -26.80
C SER G 155 -29.86 13.09 -28.21
N GLN G 156 -28.69 12.60 -28.64
CA GLN G 156 -28.61 11.89 -29.91
C GLN G 156 -29.58 10.71 -29.92
N PRO G 157 -30.00 10.25 -31.10
CA PRO G 157 -29.67 10.78 -32.43
C PRO G 157 -30.73 11.65 -33.09
N ASP G 158 -31.87 11.84 -32.44
CA ASP G 158 -32.90 12.72 -32.99
C ASP G 158 -32.70 14.17 -32.56
N LEU G 159 -31.73 14.45 -31.68
CA LEU G 159 -31.53 15.80 -31.15
C LEU G 159 -32.82 16.29 -30.50
N SER G 160 -33.52 15.35 -29.85
CA SER G 160 -34.70 15.68 -29.07
C SER G 160 -34.48 16.92 -28.21
N GLY G 161 -33.34 16.98 -27.52
CA GLY G 161 -33.11 18.06 -26.57
C GLY G 161 -33.17 19.43 -27.21
N LYS G 162 -32.53 19.60 -28.36
CA LYS G 162 -32.59 20.88 -29.06
C LYS G 162 -34.03 21.36 -29.19
N LYS G 163 -34.97 20.44 -29.33
CA LYS G 163 -36.38 20.80 -29.44
C LYS G 163 -36.97 21.15 -28.08
N MET G 164 -36.50 20.51 -27.01
CA MET G 164 -36.91 20.93 -25.68
C MET G 164 -36.37 22.33 -25.37
N ALA G 165 -35.10 22.58 -25.70
CA ALA G 165 -34.54 23.91 -25.49
C ALA G 165 -35.37 24.97 -26.21
N LYS G 166 -35.88 24.65 -27.39
CA LYS G 166 -36.66 25.63 -28.14
C LYS G 166 -38.02 25.87 -27.46
N ALA G 167 -38.64 24.80 -26.97
CA ALA G 167 -39.88 24.96 -26.22
C ALA G 167 -39.66 25.79 -24.96
N LEU G 168 -38.51 25.61 -24.30
CA LEU G 168 -38.25 26.35 -23.06
C LEU G 168 -37.97 27.82 -23.34
N CYS G 169 -37.26 28.13 -24.43
CA CYS G 169 -37.04 29.53 -24.79
C CYS G 169 -38.35 30.29 -24.88
N HIS G 170 -39.33 29.73 -25.60
CA HIS G 170 -40.60 30.42 -25.83
C HIS G 170 -41.24 30.84 -24.52
N LEU G 171 -41.10 30.02 -23.48
CA LEU G 171 -41.57 30.36 -22.15
C LEU G 171 -40.61 31.27 -21.37
N ASN G 172 -39.56 31.78 -22.03
CA ASN G 172 -38.58 32.64 -21.38
C ASN G 172 -37.96 31.97 -20.16
N VAL G 173 -37.70 30.67 -20.30
CA VAL G 173 -36.89 29.92 -19.35
C VAL G 173 -35.47 29.91 -19.88
N PRO G 174 -34.49 30.47 -19.18
CA PRO G 174 -33.10 30.37 -19.66
C PRO G 174 -32.69 28.91 -19.76
N VAL G 175 -32.26 28.50 -20.95
CA VAL G 175 -31.91 27.11 -21.23
C VAL G 175 -30.56 27.06 -21.92
N THR G 176 -29.78 26.04 -21.60
CA THR G 176 -28.49 25.80 -22.22
C THR G 176 -28.43 24.34 -22.65
N VAL G 177 -27.94 24.10 -23.87
CA VAL G 177 -27.86 22.76 -24.44
C VAL G 177 -26.43 22.29 -24.33
N VAL G 178 -26.25 21.08 -23.77
CA VAL G 178 -24.93 20.47 -23.66
C VAL G 178 -24.95 19.16 -24.41
N LEU G 179 -23.76 18.66 -24.71
CA LEU G 179 -23.61 17.35 -25.34
C LEU G 179 -24.04 16.25 -24.37
N ASP G 180 -24.49 15.13 -24.93
CA ASP G 180 -24.72 13.93 -24.14
C ASP G 180 -23.48 13.55 -23.34
N ALA G 181 -22.30 13.75 -23.93
CA ALA G 181 -21.05 13.43 -23.25
C ALA G 181 -20.76 14.37 -22.09
N ALA G 182 -21.54 15.42 -21.91
CA ALA G 182 -21.23 16.47 -20.95
C ALA G 182 -22.07 16.39 -19.68
N VAL G 183 -22.87 15.35 -19.52
CA VAL G 183 -23.73 15.26 -18.33
C VAL G 183 -22.87 15.22 -17.07
N GLY G 184 -21.83 14.39 -17.08
CA GLY G 184 -20.92 14.37 -15.94
C GLY G 184 -20.21 15.70 -15.73
N TYR G 185 -19.93 16.42 -16.82
CA TYR G 185 -19.24 17.70 -16.71
C TYR G 185 -20.11 18.75 -16.03
N ILE G 186 -21.43 18.72 -16.31
CA ILE G 186 -22.34 19.79 -15.93
C ILE G 186 -23.21 19.45 -14.73
N MET G 187 -23.16 18.20 -14.24
CA MET G 187 -23.98 17.83 -13.09
C MET G 187 -23.68 18.74 -11.90
N GLU G 188 -22.42 19.06 -11.65
CA GLU G 188 -22.09 19.84 -10.47
C GLU G 188 -22.74 21.21 -10.48
N LYS G 189 -23.19 21.68 -11.64
CA LYS G 189 -23.83 22.98 -11.75
C LYS G 189 -25.34 22.92 -11.54
N ALA G 190 -25.89 21.72 -11.32
CA ALA G 190 -27.33 21.53 -11.19
C ALA G 190 -27.73 21.25 -9.75
N ASP G 191 -28.91 21.72 -9.39
CA ASP G 191 -29.46 21.45 -8.07
C ASP G 191 -30.33 20.21 -8.04
N LEU G 192 -30.87 19.79 -9.19
CA LEU G 192 -31.73 18.63 -9.26
C LEU G 192 -31.88 18.20 -10.71
N VAL G 193 -32.28 16.96 -10.91
CA VAL G 193 -32.53 16.40 -12.22
C VAL G 193 -34.00 15.99 -12.29
N ILE G 194 -34.63 16.29 -13.44
CA ILE G 194 -36.04 15.96 -13.69
C ILE G 194 -36.13 15.37 -15.08
N VAL G 195 -36.78 14.22 -15.20
CA VAL G 195 -36.96 13.56 -16.50
C VAL G 195 -38.36 12.97 -16.58
N GLY G 196 -38.77 12.66 -17.81
CA GLY G 196 -39.95 11.86 -18.05
C GLY G 196 -39.62 10.39 -18.05
N ALA G 197 -40.59 9.59 -18.52
CA ALA G 197 -40.42 8.15 -18.56
C ALA G 197 -41.29 7.60 -19.69
N GLU G 198 -40.75 6.64 -20.42
CA GLU G 198 -41.58 5.84 -21.31
C GLU G 198 -42.36 4.79 -20.53
N GLY G 199 -41.85 4.38 -19.37
CA GLY G 199 -42.46 3.32 -18.60
C GLY G 199 -41.93 3.19 -17.19
N VAL G 200 -42.81 2.85 -16.26
CA VAL G 200 -42.49 2.65 -14.86
C VAL G 200 -42.63 1.17 -14.57
N VAL G 201 -41.52 0.52 -14.22
CA VAL G 201 -41.54 -0.93 -14.10
C VAL G 201 -41.82 -1.34 -12.65
N GLU G 202 -41.89 -2.65 -12.40
CA GLU G 202 -42.50 -3.16 -11.19
C GLU G 202 -41.66 -2.95 -9.93
N ASN G 203 -40.39 -2.56 -10.04
CA ASN G 203 -39.58 -2.26 -8.89
C ASN G 203 -39.47 -0.76 -8.61
N GLY G 204 -40.16 0.07 -9.39
CA GLY G 204 -40.02 1.51 -9.28
C GLY G 204 -39.00 2.10 -10.23
N GLY G 205 -38.21 1.28 -10.90
CA GLY G 205 -37.35 1.77 -11.95
C GLY G 205 -38.13 2.34 -13.11
N ILE G 206 -37.45 2.85 -14.12
CA ILE G 206 -38.11 3.46 -15.26
C ILE G 206 -37.36 3.11 -16.52
N ILE G 207 -38.10 3.12 -17.62
CA ILE G 207 -37.57 2.98 -18.97
C ILE G 207 -37.69 4.34 -19.63
N ASN G 208 -36.59 4.83 -20.21
CA ASN G 208 -36.60 6.16 -20.79
C ASN G 208 -35.52 6.27 -21.86
N LYS G 209 -35.58 7.38 -22.60
CA LYS G 209 -34.67 7.66 -23.70
C LYS G 209 -33.23 7.33 -23.33
N ILE G 210 -32.54 6.64 -24.24
CA ILE G 210 -31.13 6.26 -24.08
C ILE G 210 -30.35 7.44 -23.52
N GLY G 211 -29.55 7.19 -22.49
CA GLY G 211 -28.81 8.21 -21.79
C GLY G 211 -29.37 8.57 -20.43
N THR G 212 -30.63 8.23 -20.16
CA THR G 212 -31.21 8.51 -18.85
C THR G 212 -30.43 7.81 -17.74
N ASN G 213 -30.03 6.56 -17.97
CA ASN G 213 -29.35 5.80 -16.94
C ASN G 213 -28.10 6.52 -16.45
N GLN G 214 -27.24 6.94 -17.39
CA GLN G 214 -25.97 7.52 -16.98
C GLN G 214 -26.15 8.88 -16.34
N MET G 215 -27.25 9.57 -16.64
CA MET G 215 -27.56 10.82 -15.94
C MET G 215 -27.93 10.57 -14.49
N ALA G 216 -28.63 9.45 -14.23
CA ALA G 216 -29.06 9.16 -12.87
C ALA G 216 -27.89 8.67 -12.03
N VAL G 217 -26.96 7.92 -12.63
CA VAL G 217 -25.79 7.47 -11.89
C VAL G 217 -24.93 8.66 -11.51
N CYS G 218 -24.67 9.57 -12.46
CA CYS G 218 -23.95 10.80 -12.16
C CYS G 218 -24.73 11.63 -11.15
N ALA G 219 -26.06 11.69 -11.28
CA ALA G 219 -26.86 12.42 -10.30
C ALA G 219 -26.64 11.87 -8.90
N LYS G 220 -26.66 10.55 -8.76
CA LYS G 220 -26.50 9.96 -7.44
C LYS G 220 -25.06 10.14 -6.95
N ALA G 221 -24.09 10.13 -7.85
CA ALA G 221 -22.70 10.22 -7.41
C ALA G 221 -22.34 11.59 -6.86
N GLN G 222 -23.24 12.58 -7.00
CA GLN G 222 -23.04 13.88 -6.38
C GLN G 222 -24.25 14.30 -5.54
N ASN G 223 -25.08 13.35 -5.13
CA ASN G 223 -26.19 13.62 -4.23
C ASN G 223 -27.09 14.73 -4.78
N LYS G 224 -27.43 14.60 -6.05
CA LYS G 224 -28.42 15.46 -6.69
C LYS G 224 -29.73 14.72 -6.80
N PRO G 225 -30.86 15.28 -6.36
CA PRO G 225 -32.11 14.54 -6.44
C PRO G 225 -32.48 14.23 -7.89
N PHE G 226 -32.94 13.00 -8.10
CA PHE G 226 -33.43 12.51 -9.39
C PHE G 226 -34.95 12.37 -9.31
N TYR G 227 -35.67 13.16 -10.12
CA TYR G 227 -37.12 13.22 -10.07
C TYR G 227 -37.70 12.74 -11.39
N VAL G 228 -38.70 11.87 -11.33
CA VAL G 228 -39.37 11.37 -12.52
C VAL G 228 -40.81 11.85 -12.52
N VAL G 229 -41.27 12.30 -13.68
CA VAL G 229 -42.66 12.71 -13.89
C VAL G 229 -43.21 11.84 -15.02
N ALA G 230 -44.28 11.11 -14.73
CA ALA G 230 -44.82 10.20 -15.72
C ALA G 230 -46.24 9.82 -15.34
N GLU G 231 -47.06 9.59 -16.36
CA GLU G 231 -48.46 9.21 -16.14
C GLU G 231 -48.53 7.76 -15.70
N SER G 232 -49.60 7.45 -14.97
CA SER G 232 -49.76 6.10 -14.41
C SER G 232 -50.07 5.06 -15.47
N PHE G 233 -50.57 5.47 -16.65
CA PHE G 233 -50.78 4.49 -17.71
C PHE G 233 -49.46 3.97 -18.28
N LYS G 234 -48.33 4.55 -17.88
CA LYS G 234 -47.01 4.05 -18.25
C LYS G 234 -46.52 2.95 -17.33
N PHE G 235 -47.24 2.68 -16.23
CA PHE G 235 -46.94 1.57 -15.35
C PHE G 235 -47.08 0.26 -16.12
N VAL G 236 -45.97 -0.39 -16.44
CA VAL G 236 -45.97 -1.60 -17.24
C VAL G 236 -45.62 -2.78 -16.34
N ARG G 237 -46.06 -3.97 -16.75
CA ARG G 237 -45.76 -5.21 -16.04
C ARG G 237 -44.47 -5.77 -16.61
N LEU G 238 -43.35 -5.34 -16.04
CA LEU G 238 -42.02 -5.84 -16.37
C LEU G 238 -41.18 -5.73 -15.10
N PHE G 239 -40.24 -6.66 -14.95
CA PHE G 239 -39.37 -6.74 -13.78
CA PHE G 239 -39.36 -6.65 -13.78
C PHE G 239 -37.92 -6.85 -14.21
N PRO G 240 -37.39 -5.88 -14.95
CA PRO G 240 -35.96 -5.91 -15.30
C PRO G 240 -35.11 -5.58 -14.09
N LEU G 241 -33.99 -6.28 -13.96
CA LEU G 241 -32.96 -5.93 -12.99
C LEU G 241 -31.69 -5.40 -13.65
N ASN G 242 -31.65 -5.34 -14.97
CA ASN G 242 -30.47 -4.91 -15.71
C ASN G 242 -30.92 -4.55 -17.12
N GLN G 243 -29.97 -4.05 -17.92
CA GLN G 243 -30.32 -3.55 -19.25
C GLN G 243 -30.73 -4.68 -20.19
N GLN G 244 -30.15 -5.86 -20.05
CA GLN G 244 -30.48 -6.97 -20.95
C GLN G 244 -31.87 -7.52 -20.71
N ASP G 245 -32.46 -7.23 -19.55
CA ASP G 245 -33.79 -7.75 -19.23
C ASP G 245 -34.92 -6.99 -19.94
N VAL G 246 -34.68 -5.76 -20.37
CA VAL G 246 -35.68 -5.04 -21.16
C VAL G 246 -35.85 -5.77 -22.50
N PRO G 247 -37.07 -6.10 -22.91
CA PRO G 247 -37.23 -6.86 -24.15
C PRO G 247 -36.79 -6.05 -25.36
N ASP G 248 -36.36 -6.77 -26.40
CA ASP G 248 -35.94 -6.11 -27.62
C ASP G 248 -37.07 -5.36 -28.31
N LYS G 249 -38.33 -5.73 -28.05
CA LYS G 249 -39.44 -4.95 -28.60
C LYS G 249 -39.29 -3.47 -28.25
N PHE G 250 -39.20 -3.18 -26.95
CA PHE G 250 -39.17 -1.80 -26.46
C PHE G 250 -37.81 -1.14 -26.56
N LYS G 251 -36.77 -1.89 -26.93
CA LYS G 251 -35.43 -1.35 -27.04
C LYS G 251 -35.13 -0.77 -28.42
N TYR G 252 -35.83 -1.22 -29.46
CA TYR G 252 -35.55 -0.77 -30.82
C TYR G 252 -36.84 -0.40 -31.57
N LYS G 267 -19.69 -2.66 -36.33
CA LYS G 267 -20.95 -3.15 -35.77
C LYS G 267 -21.69 -2.04 -35.02
N GLU G 268 -23.01 -2.20 -34.92
CA GLU G 268 -23.88 -1.20 -34.31
C GLU G 268 -24.72 -1.83 -33.22
N GLU G 269 -24.77 -1.18 -32.05
CA GLU G 269 -25.76 -1.45 -31.01
C GLU G 269 -26.36 -0.09 -30.62
N HIS G 270 -27.51 0.24 -31.22
CA HIS G 270 -28.14 1.54 -31.06
C HIS G 270 -29.51 1.37 -30.42
N PRO G 271 -29.56 1.22 -29.10
CA PRO G 271 -30.85 1.18 -28.41
C PRO G 271 -31.43 2.56 -28.22
N TRP G 272 -32.76 2.62 -28.15
CA TRP G 272 -33.49 3.87 -28.03
C TRP G 272 -33.91 4.19 -26.59
N VAL G 273 -33.79 3.23 -25.67
CA VAL G 273 -34.14 3.45 -24.26
C VAL G 273 -33.13 2.69 -23.41
N ASP G 274 -33.06 3.07 -22.13
CA ASP G 274 -32.32 2.29 -21.15
C ASP G 274 -33.14 2.21 -19.86
N TYR G 275 -32.67 1.34 -18.96
CA TYR G 275 -33.35 1.09 -17.69
C TYR G 275 -32.58 1.79 -16.58
N THR G 276 -33.33 2.40 -15.66
CA THR G 276 -32.77 3.10 -14.51
C THR G 276 -33.33 2.50 -13.23
N ALA G 277 -32.47 1.88 -12.43
CA ALA G 277 -32.92 1.13 -11.28
C ALA G 277 -33.60 2.04 -10.25
N PRO G 278 -34.50 1.49 -9.44
CA PRO G 278 -35.18 2.32 -8.45
C PRO G 278 -34.25 2.93 -7.41
N SER G 279 -33.12 2.28 -7.12
CA SER G 279 -32.16 2.83 -6.17
C SER G 279 -31.61 4.17 -6.63
N LEU G 280 -31.79 4.52 -7.90
CA LEU G 280 -31.27 5.75 -8.47
C LEU G 280 -32.32 6.86 -8.54
N ILE G 281 -33.57 6.56 -8.19
CA ILE G 281 -34.65 7.54 -8.24
C ILE G 281 -35.00 7.91 -6.81
N THR G 282 -35.21 9.20 -6.57
CA THR G 282 -35.60 9.63 -5.23
C THR G 282 -37.11 9.69 -5.08
N LEU G 283 -37.80 10.32 -6.05
CA LEU G 283 -39.26 10.30 -6.06
C LEU G 283 -39.78 10.21 -7.50
N LEU G 284 -40.94 9.60 -7.65
CA LEU G 284 -41.72 9.62 -8.88
C LEU G 284 -42.97 10.46 -8.63
N PHE G 285 -43.26 11.39 -9.52
CA PHE G 285 -44.47 12.20 -9.45
C PHE G 285 -45.44 11.72 -10.51
N THR G 286 -46.60 11.21 -10.08
CA THR G 286 -47.61 10.66 -10.97
C THR G 286 -48.98 11.22 -10.63
N ASP G 287 -49.97 10.89 -11.47
CA ASP G 287 -51.35 11.27 -11.19
C ASP G 287 -51.91 10.53 -9.98
N LEU G 288 -51.30 9.40 -9.60
CA LEU G 288 -51.63 8.76 -8.33
C LEU G 288 -51.03 9.50 -7.14
N GLY G 289 -50.02 10.34 -7.38
CA GLY G 289 -49.39 11.12 -6.34
C GLY G 289 -47.89 10.93 -6.31
N VAL G 290 -47.27 11.57 -5.32
CA VAL G 290 -45.83 11.43 -5.13
C VAL G 290 -45.54 10.06 -4.54
N LEU G 291 -44.63 9.33 -5.16
CA LEU G 291 -44.29 7.98 -4.76
C LEU G 291 -42.78 7.81 -4.64
N THR G 292 -42.34 7.11 -3.60
CA THR G 292 -40.98 6.59 -3.63
C THR G 292 -40.96 5.34 -4.52
N PRO G 293 -39.80 5.02 -5.11
CA PRO G 293 -39.73 3.82 -5.96
C PRO G 293 -40.17 2.54 -5.24
N SER G 294 -39.95 2.44 -3.93
CA SER G 294 -40.41 1.26 -3.20
C SER G 294 -41.91 1.08 -3.32
N ALA G 295 -42.66 2.19 -3.36
CA ALA G 295 -44.11 2.15 -3.29
C ALA G 295 -44.77 1.86 -4.63
N VAL G 296 -43.99 1.75 -5.71
CA VAL G 296 -44.61 1.66 -7.02
C VAL G 296 -45.24 0.28 -7.22
N SER G 297 -44.55 -0.78 -6.83
CA SER G 297 -45.07 -2.12 -7.10
C SER G 297 -46.45 -2.31 -6.49
N ASP G 298 -46.65 -1.79 -5.29
CA ASP G 298 -47.97 -1.96 -4.64
C ASP G 298 -49.00 -1.12 -5.39
N GLU G 299 -48.68 0.12 -5.73
CA GLU G 299 -49.64 0.94 -6.50
C GLU G 299 -49.82 0.29 -7.86
N LEU G 300 -48.76 -0.20 -8.47
CA LEU G 300 -48.87 -0.86 -9.78
C LEU G 300 -49.74 -2.12 -9.66
N ILE G 301 -49.61 -2.86 -8.56
CA ILE G 301 -50.45 -4.09 -8.41
C ILE G 301 -51.90 -3.65 -8.29
N LYS G 302 -52.18 -2.68 -7.42
CA LYS G 302 -53.56 -2.20 -7.24
C LYS G 302 -54.10 -1.74 -8.59
N LEU G 303 -53.33 -0.91 -9.27
CA LEU G 303 -53.77 -0.31 -10.56
C LEU G 303 -54.07 -1.38 -11.60
N TYR G 304 -53.30 -2.46 -11.66
CA TYR G 304 -53.57 -3.50 -12.70
C TYR G 304 -54.71 -4.42 -12.28
N LEU G 305 -55.12 -4.37 -11.01
CA LEU G 305 -56.26 -5.22 -10.56
C LEU G 305 -57.48 -4.31 -10.43
N GLY G 306 -57.59 -3.29 -11.28
CA GLY G 306 -58.72 -2.35 -11.28
C GLY G 306 -59.06 -1.87 -9.89
N MET H 1 -70.50 -15.63 15.44
CA MET H 1 -69.28 -15.91 16.24
C MET H 1 -68.65 -14.62 16.75
N ASP H 2 -68.33 -14.59 18.04
CA ASP H 2 -67.70 -13.44 18.67
C ASP H 2 -66.19 -13.59 18.57
N ASP H 3 -65.46 -12.68 19.22
CA ASP H 3 -64.00 -12.76 19.31
C ASP H 3 -63.53 -13.70 20.42
N LYS H 4 -64.23 -14.81 20.61
CA LYS H 4 -63.87 -15.81 21.61
C LYS H 4 -63.79 -17.18 20.94
N GLU H 5 -64.89 -17.61 20.32
CA GLU H 5 -64.88 -18.88 19.60
C GLU H 5 -64.04 -18.79 18.34
N LEU H 6 -64.01 -17.63 17.69
CA LEU H 6 -63.06 -17.41 16.60
C LEU H 6 -61.66 -17.83 17.03
N ILE H 7 -61.24 -17.39 18.21
CA ILE H 7 -59.91 -17.73 18.71
C ILE H 7 -59.86 -19.19 19.14
N GLU H 8 -60.89 -19.64 19.88
CA GLU H 8 -60.93 -21.04 20.31
C GLU H 8 -61.08 -21.98 19.12
N TYR H 9 -61.91 -21.59 18.14
CA TYR H 9 -62.02 -22.37 16.92
C TYR H 9 -60.66 -22.46 16.23
N PHE H 10 -60.11 -21.32 15.83
CA PHE H 10 -58.80 -21.30 15.18
C PHE H 10 -57.76 -22.07 15.97
N LYS H 11 -57.70 -21.84 17.29
CA LYS H 11 -56.59 -22.36 18.07
C LYS H 11 -56.58 -23.88 18.09
N SER H 12 -57.75 -24.50 18.20
CA SER H 12 -57.84 -25.94 18.23
C SER H 12 -57.95 -26.56 16.84
N GLN H 13 -58.27 -25.78 15.80
CA GLN H 13 -58.08 -26.27 14.45
C GLN H 13 -56.62 -26.66 14.23
N MET H 14 -55.70 -25.83 14.74
CA MET H 14 -54.28 -26.15 14.70
C MET H 14 -53.92 -27.20 15.75
N LYS H 15 -54.48 -27.09 16.95
CA LYS H 15 -54.20 -28.08 17.98
C LYS H 15 -54.57 -29.49 17.53
N GLU H 16 -55.61 -29.62 16.72
CA GLU H 16 -56.03 -30.93 16.22
C GLU H 16 -55.26 -31.37 14.99
N ASP H 17 -54.56 -30.45 14.31
CA ASP H 17 -53.76 -30.78 13.14
C ASP H 17 -52.49 -29.95 13.13
N PRO H 18 -51.52 -30.28 13.99
CA PRO H 18 -50.24 -29.56 13.95
C PRO H 18 -49.60 -29.45 12.58
N ASP H 19 -49.86 -30.41 11.68
CA ASP H 19 -49.29 -30.35 10.34
C ASP H 19 -50.00 -29.35 9.44
N MET H 20 -51.10 -28.76 9.88
CA MET H 20 -51.86 -27.83 9.07
C MET H 20 -51.16 -26.46 9.04
N ALA H 21 -51.04 -25.89 7.85
CA ALA H 21 -50.53 -24.54 7.72
C ALA H 21 -51.42 -23.57 8.48
N SER H 22 -50.81 -22.78 9.37
CA SER H 22 -51.59 -21.85 10.18
C SER H 22 -52.50 -20.98 9.31
N ALA H 23 -52.08 -20.69 8.08
CA ALA H 23 -52.93 -19.94 7.17
C ALA H 23 -54.21 -20.72 6.85
N VAL H 24 -54.06 -21.98 6.45
CA VAL H 24 -55.24 -22.80 6.16
C VAL H 24 -56.18 -22.82 7.37
N ALA H 25 -55.61 -23.04 8.56
CA ALA H 25 -56.42 -23.04 9.78
C ALA H 25 -57.20 -21.74 9.92
N ALA H 26 -56.57 -20.60 9.63
CA ALA H 26 -57.26 -19.33 9.75
C ALA H 26 -58.36 -19.19 8.70
N ILE H 27 -58.09 -19.65 7.47
CA ILE H 27 -59.09 -19.55 6.41
C ILE H 27 -60.34 -20.35 6.77
N ARG H 28 -60.14 -21.57 7.26
CA ARG H 28 -61.29 -22.40 7.63
C ARG H 28 -61.95 -21.90 8.92
N THR H 29 -61.26 -21.10 9.72
CA THR H 29 -61.94 -20.43 10.83
C THR H 29 -62.79 -19.28 10.33
N LEU H 30 -62.37 -18.63 9.24
CA LEU H 30 -63.21 -17.61 8.61
C LEU H 30 -64.36 -18.22 7.83
N LEU H 31 -64.26 -19.48 7.42
CA LEU H 31 -65.32 -20.11 6.64
C LEU H 31 -66.51 -20.46 7.52
N GLU H 32 -66.28 -21.02 8.71
CA GLU H 32 -67.38 -21.26 9.64
C GLU H 32 -67.91 -19.95 10.22
N PHE H 33 -67.07 -18.91 10.29
CA PHE H 33 -67.57 -17.61 10.69
C PHE H 33 -68.54 -17.06 9.65
N LEU H 34 -68.14 -17.10 8.37
CA LEU H 34 -69.05 -16.71 7.30
C LEU H 34 -70.27 -17.62 7.25
N LYS H 35 -70.15 -18.86 7.75
CA LYS H 35 -71.33 -19.72 7.86
C LYS H 35 -72.25 -19.24 8.97
N ARG H 36 -71.69 -18.86 10.12
CA ARG H 36 -72.45 -18.36 11.26
C ARG H 36 -72.49 -16.83 11.20
N ASP H 37 -73.61 -16.27 10.77
CA ASP H 37 -73.71 -14.83 10.58
C ASP H 37 -75.17 -14.38 10.53
N GLU H 40 -76.80 -10.46 7.36
CA GLU H 40 -77.80 -9.43 7.67
C GLU H 40 -77.63 -8.26 6.72
N THR H 41 -76.38 -8.01 6.33
CA THR H 41 -75.99 -6.93 5.43
C THR H 41 -74.74 -7.40 4.71
N ILE H 42 -74.60 -7.03 3.45
CA ILE H 42 -73.45 -7.49 2.68
C ILE H 42 -72.21 -6.68 3.04
N GLN H 43 -72.30 -5.34 2.96
CA GLN H 43 -71.20 -4.51 3.46
C GLN H 43 -71.01 -4.72 4.96
N GLY H 44 -72.11 -4.90 5.70
CA GLY H 44 -71.98 -5.26 7.10
C GLY H 44 -71.27 -6.59 7.29
N LEU H 45 -71.49 -7.53 6.36
CA LEU H 45 -70.82 -8.82 6.45
C LEU H 45 -69.32 -8.68 6.26
N ARG H 46 -68.90 -8.11 5.13
CA ARG H 46 -67.47 -7.94 4.89
C ARG H 46 -66.82 -7.11 5.98
N ALA H 47 -67.56 -6.16 6.56
CA ALA H 47 -66.98 -5.28 7.58
C ALA H 47 -66.48 -6.09 8.77
N ASN H 48 -67.34 -6.91 9.37
CA ASN H 48 -66.91 -7.76 10.47
C ASN H 48 -66.19 -9.02 9.99
N LEU H 49 -66.27 -9.35 8.69
CA LEU H 49 -65.36 -10.33 8.12
C LEU H 49 -63.94 -9.77 8.06
N THR H 50 -63.81 -8.45 7.91
CA THR H 50 -62.50 -7.81 7.99
C THR H 50 -62.01 -7.71 9.43
N SER H 51 -62.91 -7.45 10.37
CA SER H 51 -62.53 -7.45 11.77
C SER H 51 -62.52 -8.85 12.38
N ALA H 52 -62.87 -9.87 11.60
CA ALA H 52 -62.64 -11.25 12.01
C ALA H 52 -61.24 -11.72 11.67
N ILE H 53 -60.71 -11.31 10.52
CA ILE H 53 -59.34 -11.66 10.15
C ILE H 53 -58.35 -10.89 11.02
N GLU H 54 -58.64 -9.62 11.31
CA GLU H 54 -57.70 -8.81 12.08
C GLU H 54 -57.60 -9.29 13.53
N THR H 55 -58.70 -9.83 14.08
CA THR H 55 -58.63 -10.45 15.41
C THR H 55 -57.93 -11.81 15.36
N LEU H 56 -57.88 -12.43 14.17
CA LEU H 56 -57.16 -13.69 14.02
C LEU H 56 -55.65 -13.45 13.93
N CYS H 57 -55.22 -12.43 13.17
CA CYS H 57 -53.82 -12.03 13.19
C CYS H 57 -53.37 -11.65 14.59
N GLY H 58 -54.31 -11.34 15.49
CA GLY H 58 -53.94 -10.96 16.84
C GLY H 58 -53.45 -12.10 17.69
N VAL H 59 -53.92 -13.32 17.41
CA VAL H 59 -53.49 -14.49 18.18
C VAL H 59 -52.23 -15.12 17.57
N ASP H 60 -52.16 -15.21 16.24
CA ASP H 60 -50.98 -15.69 15.54
C ASP H 60 -50.48 -14.58 14.62
N SER H 61 -49.26 -14.10 14.87
CA SER H 61 -48.72 -12.95 14.18
C SER H 61 -48.03 -13.30 12.87
N SER H 62 -48.03 -14.57 12.45
CA SER H 62 -47.37 -14.95 11.22
C SER H 62 -48.01 -14.23 10.03
N VAL H 63 -47.16 -13.70 9.14
CA VAL H 63 -47.68 -13.00 7.99
C VAL H 63 -48.42 -13.95 7.05
N ALA H 64 -48.10 -15.24 7.10
CA ALA H 64 -48.86 -16.21 6.32
C ALA H 64 -50.35 -16.09 6.61
N VAL H 65 -50.72 -15.94 7.88
CA VAL H 65 -52.12 -15.81 8.24
C VAL H 65 -52.71 -14.55 7.60
N SER H 66 -52.03 -13.42 7.78
CA SER H 66 -52.50 -12.18 7.16
C SER H 66 -52.56 -12.32 5.64
N SER H 67 -51.52 -12.90 5.04
CA SER H 67 -51.47 -13.05 3.59
C SER H 67 -52.59 -13.96 3.09
N GLY H 68 -52.79 -15.10 3.75
CA GLY H 68 -53.86 -15.99 3.33
C GLY H 68 -55.23 -15.39 3.50
N GLY H 69 -55.48 -14.78 4.66
CA GLY H 69 -56.79 -14.20 4.91
C GLY H 69 -57.14 -13.13 3.88
N GLU H 70 -56.19 -12.24 3.58
CA GLU H 70 -56.44 -11.21 2.58
C GLU H 70 -56.75 -11.84 1.21
N LEU H 71 -56.03 -12.90 0.85
CA LEU H 71 -56.23 -13.54 -0.44
C LEU H 71 -57.57 -14.26 -0.50
N PHE H 72 -58.05 -14.77 0.64
CA PHE H 72 -59.33 -15.45 0.70
C PHE H 72 -60.49 -14.46 0.72
N LEU H 73 -60.35 -13.37 1.47
CA LEU H 73 -61.41 -12.37 1.52
C LEU H 73 -61.56 -11.64 0.18
N ARG H 74 -60.47 -11.48 -0.56
CA ARG H 74 -60.55 -10.90 -1.89
C ARG H 74 -61.10 -11.90 -2.89
N PHE H 75 -60.93 -13.20 -2.64
CA PHE H 75 -61.40 -14.19 -3.60
C PHE H 75 -62.92 -14.42 -3.51
N ILE H 76 -63.50 -14.30 -2.31
CA ILE H 76 -64.95 -14.39 -2.20
C ILE H 76 -65.63 -13.03 -2.32
N SER H 77 -64.86 -11.95 -2.42
CA SER H 77 -65.43 -10.61 -2.56
C SER H 77 -66.07 -10.38 -3.92
N LEU H 78 -65.83 -11.28 -4.89
CA LEU H 78 -66.36 -11.10 -6.23
C LEU H 78 -67.76 -11.67 -6.38
N ALA H 79 -68.26 -12.40 -5.37
CA ALA H 79 -69.63 -12.87 -5.41
C ALA H 79 -70.61 -11.70 -5.32
N SER H 80 -70.37 -10.76 -4.40
CA SER H 80 -71.31 -9.67 -4.18
C SER H 80 -71.53 -8.83 -5.43
N LEU H 81 -70.58 -8.83 -6.36
CA LEU H 81 -70.74 -8.05 -7.58
C LEU H 81 -71.47 -8.83 -8.68
N GLU H 82 -71.47 -10.16 -8.62
CA GLU H 82 -72.24 -10.96 -9.56
C GLU H 82 -73.69 -11.13 -9.13
N TYR H 83 -73.97 -11.01 -7.83
CA TYR H 83 -75.31 -11.20 -7.30
C TYR H 83 -75.85 -9.89 -6.73
N SER H 84 -77.02 -9.99 -6.07
CA SER H 84 -77.62 -8.88 -5.34
C SER H 84 -78.21 -9.42 -4.04
N ASP H 85 -79.08 -10.43 -4.15
CA ASP H 85 -79.69 -11.05 -2.98
C ASP H 85 -78.63 -11.53 -2.00
N TYR H 86 -78.65 -11.00 -0.78
CA TYR H 86 -77.67 -11.37 0.23
C TYR H 86 -77.73 -12.87 0.52
N SER H 87 -78.88 -13.35 1.00
CA SER H 87 -78.98 -14.76 1.37
C SER H 87 -78.55 -15.68 0.23
N LYS H 88 -78.80 -15.28 -1.03
CA LYS H 88 -78.29 -16.04 -2.16
C LYS H 88 -76.82 -15.78 -2.39
N CYS H 89 -76.34 -14.56 -2.09
CA CYS H 89 -74.93 -14.24 -2.27
C CYS H 89 -74.08 -14.80 -1.13
N LYS H 90 -74.63 -14.87 0.08
CA LYS H 90 -73.86 -15.33 1.23
C LYS H 90 -73.51 -16.82 1.10
N LYS H 91 -74.29 -17.58 0.34
CA LYS H 91 -74.02 -19.01 0.14
C LYS H 91 -73.08 -19.26 -1.04
N ILE H 92 -73.04 -18.36 -2.02
CA ILE H 92 -72.16 -18.53 -3.19
C ILE H 92 -70.78 -17.97 -2.91
N MET H 93 -70.58 -17.27 -1.80
CA MET H 93 -69.24 -17.04 -1.29
C MET H 93 -68.72 -18.27 -0.56
N ILE H 94 -69.61 -19.03 0.06
CA ILE H 94 -69.19 -20.27 0.72
C ILE H 94 -68.91 -21.35 -0.30
N GLU H 95 -69.63 -21.36 -1.42
CA GLU H 95 -69.29 -22.25 -2.51
C GLU H 95 -67.86 -21.98 -2.98
N ARG H 96 -67.56 -20.73 -3.32
CA ARG H 96 -66.22 -20.35 -3.75
C ARG H 96 -65.25 -20.24 -2.59
N GLY H 97 -65.75 -20.04 -1.37
CA GLY H 97 -64.88 -20.00 -0.21
C GLY H 97 -64.32 -21.36 0.15
N GLU H 98 -65.05 -22.43 -0.16
CA GLU H 98 -64.53 -23.78 0.02
C GLU H 98 -63.78 -24.26 -1.21
N LEU H 99 -64.16 -23.81 -2.40
CA LEU H 99 -63.36 -24.05 -3.60
C LEU H 99 -61.93 -23.57 -3.37
N PHE H 100 -61.80 -22.34 -2.85
CA PHE H 100 -60.49 -21.82 -2.50
C PHE H 100 -59.76 -22.73 -1.53
N LEU H 101 -60.49 -23.27 -0.54
CA LEU H 101 -59.84 -24.09 0.48
C LEU H 101 -59.41 -25.44 -0.07
N ARG H 102 -60.16 -26.01 -1.01
CA ARG H 102 -59.74 -27.25 -1.63
C ARG H 102 -58.48 -27.04 -2.48
N ARG H 103 -58.35 -25.88 -3.11
CA ARG H 103 -57.23 -25.66 -4.03
C ARG H 103 -55.92 -25.52 -3.29
N ILE H 104 -55.93 -24.86 -2.12
CA ILE H 104 -54.67 -24.61 -1.42
C ILE H 104 -54.20 -25.81 -0.61
N SER H 105 -55.06 -26.81 -0.42
CA SER H 105 -54.65 -28.04 0.27
C SER H 105 -53.99 -29.03 -0.66
N LEU H 106 -53.82 -28.68 -1.93
CA LEU H 106 -52.95 -29.41 -2.86
C LEU H 106 -51.68 -28.64 -3.16
N SER H 107 -51.51 -27.45 -2.59
CA SER H 107 -50.32 -26.66 -2.84
C SER H 107 -49.07 -27.42 -2.40
N ARG H 108 -49.08 -27.96 -1.17
CA ARG H 108 -47.87 -28.55 -0.63
C ARG H 108 -47.44 -29.78 -1.42
N ASN H 109 -48.39 -30.60 -1.87
CA ASN H 109 -48.02 -31.80 -2.61
C ASN H 109 -47.69 -31.49 -4.06
N LYS H 110 -48.24 -30.41 -4.63
CA LYS H 110 -47.81 -30.00 -5.96
C LYS H 110 -46.36 -29.54 -5.94
N ILE H 111 -45.97 -28.82 -4.89
CA ILE H 111 -44.57 -28.42 -4.73
C ILE H 111 -43.69 -29.66 -4.57
N ALA H 112 -44.13 -30.61 -3.73
CA ALA H 112 -43.35 -31.83 -3.53
C ALA H 112 -43.17 -32.57 -4.85
N ASP H 113 -44.26 -32.78 -5.59
CA ASP H 113 -44.17 -33.53 -6.83
C ASP H 113 -43.46 -32.75 -7.94
N LEU H 114 -43.43 -31.41 -7.83
CA LEU H 114 -42.65 -30.63 -8.78
C LEU H 114 -41.17 -30.92 -8.62
N CYS H 115 -40.62 -30.84 -7.53
CA CYS H 115 -39.21 -30.97 -7.14
C CYS H 115 -38.89 -32.29 -6.45
N HIS H 116 -39.60 -33.36 -6.76
CA HIS H 116 -39.18 -34.67 -6.35
C HIS H 116 -38.06 -35.22 -7.24
N THR H 117 -37.59 -34.40 -8.18
CA THR H 117 -36.58 -34.93 -9.12
C THR H 117 -35.36 -34.01 -9.28
N PHE H 118 -35.42 -32.78 -8.76
CA PHE H 118 -34.29 -31.83 -8.92
C PHE H 118 -33.13 -32.16 -7.98
N ILE H 119 -33.40 -32.75 -6.83
CA ILE H 119 -32.34 -33.09 -5.85
C ILE H 119 -31.47 -34.20 -6.45
N LYS H 120 -30.18 -33.94 -6.63
CA LYS H 120 -29.29 -34.96 -7.23
C LYS H 120 -28.93 -36.02 -6.19
N ASP H 121 -28.48 -37.17 -6.65
CA ASP H 121 -28.11 -38.27 -5.74
C ASP H 121 -26.76 -37.95 -5.12
N GLY H 122 -26.64 -38.10 -3.80
CA GLY H 122 -25.35 -37.87 -3.12
C GLY H 122 -25.17 -36.43 -2.73
N ALA H 123 -26.25 -35.65 -2.78
CA ALA H 123 -26.17 -34.22 -2.43
C ALA H 123 -26.23 -34.06 -0.92
N THR H 124 -25.65 -32.98 -0.43
CA THR H 124 -25.70 -32.64 1.02
C THR H 124 -26.53 -31.36 1.09
N ILE H 125 -27.62 -31.38 1.84
CA ILE H 125 -28.55 -30.28 1.88
C ILE H 125 -28.46 -29.60 3.25
N LEU H 126 -28.53 -28.28 3.25
CA LEU H 126 -28.63 -27.49 4.47
C LEU H 126 -30.00 -26.83 4.53
N THR H 127 -30.68 -26.95 5.66
CA THR H 127 -31.97 -26.30 5.87
C THR H 127 -32.00 -25.69 7.25
N HIS H 128 -33.02 -24.86 7.49
CA HIS H 128 -33.12 -24.08 8.72
C HIS H 128 -34.43 -24.37 9.41
N ALA H 129 -34.36 -24.67 10.70
CA ALA H 129 -35.55 -24.87 11.51
C ALA H 129 -36.44 -25.96 10.93
N TYR H 130 -37.74 -25.91 11.24
CA TYR H 130 -38.71 -26.93 10.84
C TYR H 130 -39.68 -26.32 9.85
N SER H 131 -39.68 -26.85 8.63
CA SER H 131 -40.63 -26.45 7.60
C SER H 131 -41.39 -27.69 7.15
N ARG H 132 -42.72 -27.59 7.12
CA ARG H 132 -43.53 -28.71 6.67
C ARG H 132 -43.43 -28.88 5.17
N VAL H 133 -43.15 -27.80 4.43
CA VAL H 133 -42.98 -27.89 2.98
C VAL H 133 -41.62 -28.48 2.64
N VAL H 134 -40.58 -28.10 3.41
CA VAL H 134 -39.28 -28.73 3.21
C VAL H 134 -39.39 -30.23 3.45
N LEU H 135 -40.08 -30.63 4.51
CA LEU H 135 -40.12 -32.04 4.88
C LEU H 135 -40.81 -32.87 3.80
N ARG H 136 -42.01 -32.45 3.38
CA ARG H 136 -42.73 -33.25 2.39
C ARG H 136 -42.05 -33.21 1.03
N VAL H 137 -41.23 -32.21 0.77
CA VAL H 137 -40.38 -32.24 -0.42
C VAL H 137 -39.30 -33.29 -0.26
N LEU H 138 -38.57 -33.24 0.85
CA LEU H 138 -37.56 -34.26 1.14
C LEU H 138 -38.19 -35.64 1.19
N GLU H 139 -39.40 -35.75 1.76
CA GLU H 139 -40.12 -37.02 1.74
C GLU H 139 -40.27 -37.52 0.31
N ALA H 140 -40.76 -36.64 -0.59
CA ALA H 140 -41.00 -37.07 -1.96
C ALA H 140 -39.71 -37.50 -2.64
N ALA H 141 -38.59 -36.90 -2.27
CA ALA H 141 -37.32 -37.30 -2.85
C ALA H 141 -36.95 -38.72 -2.41
N VAL H 142 -37.17 -39.05 -1.14
CA VAL H 142 -36.85 -40.38 -0.66
C VAL H 142 -37.75 -41.42 -1.30
N ALA H 143 -39.04 -41.11 -1.43
CA ALA H 143 -39.95 -41.99 -2.14
C ALA H 143 -39.53 -42.19 -3.59
N ALA H 144 -38.78 -41.24 -4.15
CA ALA H 144 -38.21 -41.37 -5.48
C ALA H 144 -36.81 -41.98 -5.46
N LYS H 145 -36.40 -42.57 -4.33
CA LYS H 145 -35.14 -43.31 -4.23
C LYS H 145 -33.92 -42.42 -4.47
N LYS H 146 -33.97 -41.19 -3.97
CA LYS H 146 -32.88 -40.24 -4.10
C LYS H 146 -32.11 -40.16 -2.79
N ARG H 147 -30.81 -40.39 -2.85
CA ARG H 147 -29.96 -40.55 -1.67
C ARG H 147 -29.28 -39.22 -1.37
N PHE H 148 -29.52 -38.70 -0.16
CA PHE H 148 -28.97 -37.40 0.20
C PHE H 148 -28.89 -37.29 1.71
N SER H 149 -28.11 -36.31 2.17
CA SER H 149 -27.90 -36.05 3.58
C SER H 149 -28.35 -34.63 3.92
N VAL H 150 -28.41 -34.31 5.22
CA VAL H 150 -28.99 -33.04 5.65
C VAL H 150 -28.26 -32.55 6.91
N TYR H 151 -27.83 -31.30 6.82
CA TYR H 151 -27.33 -30.55 8.00
C TYR H 151 -28.48 -29.60 8.35
N VAL H 152 -28.95 -29.60 9.58
CA VAL H 152 -30.05 -28.66 9.90
C VAL H 152 -29.68 -27.89 11.15
N THR H 153 -29.99 -26.61 11.19
CA THR H 153 -29.71 -25.80 12.39
C THR H 153 -30.72 -26.17 13.46
N GLU H 154 -30.35 -26.07 14.73
CA GLU H 154 -31.28 -26.42 15.83
C GLU H 154 -32.40 -25.39 15.91
N SER H 155 -32.09 -24.14 15.56
CA SER H 155 -33.03 -23.00 15.49
C SER H 155 -33.56 -22.59 16.86
N GLN H 156 -32.82 -21.69 17.50
CA GLN H 156 -33.20 -21.11 18.79
C GLN H 156 -34.30 -20.08 18.50
N PRO H 157 -35.24 -19.81 19.42
CA PRO H 157 -35.19 -20.34 20.76
C PRO H 157 -36.05 -21.58 21.02
N ASP H 158 -36.78 -22.06 20.03
CA ASP H 158 -37.72 -23.20 20.27
C ASP H 158 -37.11 -24.54 19.89
N LEU H 159 -35.89 -24.56 19.38
CA LEU H 159 -35.22 -25.82 18.96
C LEU H 159 -36.10 -26.64 18.01
N SER H 160 -36.69 -25.99 17.02
CA SER H 160 -37.58 -26.64 16.02
C SER H 160 -36.77 -27.41 14.97
N GLY H 161 -35.48 -27.15 14.88
CA GLY H 161 -34.62 -27.89 13.95
C GLY H 161 -34.39 -29.30 14.44
N LYS H 162 -34.40 -29.49 15.76
CA LYS H 162 -34.27 -30.83 16.33
C LYS H 162 -35.49 -31.64 15.87
N LYS H 163 -36.66 -31.03 15.92
CA LYS H 163 -37.88 -31.69 15.46
C LYS H 163 -37.79 -32.08 13.99
N MET H 164 -37.09 -31.27 13.18
CA MET H 164 -36.88 -31.62 11.77
C MET H 164 -35.99 -32.85 11.65
N ALA H 165 -34.90 -32.88 12.43
CA ALA H 165 -33.99 -34.03 12.41
C ALA H 165 -34.72 -35.33 12.74
N LYS H 166 -35.56 -35.31 13.78
CA LYS H 166 -36.28 -36.52 14.17
C LYS H 166 -37.07 -37.07 13.00
N ALA H 167 -37.87 -36.21 12.34
CA ALA H 167 -38.68 -36.68 11.22
C ALA H 167 -37.82 -37.17 10.06
N LEU H 168 -36.64 -36.60 9.88
CA LEU H 168 -35.74 -37.08 8.84
C LEU H 168 -35.10 -38.42 9.21
N CYS H 169 -35.03 -38.75 10.51
CA CYS H 169 -34.46 -40.02 10.91
C CYS H 169 -35.42 -41.16 10.63
N HIS H 170 -36.72 -40.95 10.84
CA HIS H 170 -37.70 -42.00 10.55
C HIS H 170 -37.67 -42.38 9.08
N LEU H 171 -37.25 -41.44 8.20
CA LEU H 171 -37.05 -41.71 6.79
C LEU H 171 -35.66 -42.24 6.48
N ASN H 172 -34.86 -42.56 7.50
CA ASN H 172 -33.49 -43.05 7.33
C ASN H 172 -32.63 -42.11 6.47
N VAL H 173 -32.90 -40.81 6.55
CA VAL H 173 -32.05 -39.80 5.91
C VAL H 173 -30.98 -39.40 6.91
N PRO H 174 -29.69 -39.54 6.58
CA PRO H 174 -28.64 -39.15 7.54
C PRO H 174 -28.69 -37.65 7.81
N VAL H 175 -28.98 -37.29 9.04
CA VAL H 175 -29.11 -35.85 9.40
C VAL H 175 -28.20 -35.53 10.59
N THR H 176 -27.55 -34.37 10.54
CA THR H 176 -26.69 -33.87 11.62
C THR H 176 -27.25 -32.53 12.06
N VAL H 177 -27.40 -32.30 13.36
CA VAL H 177 -27.92 -31.00 13.84
C VAL H 177 -26.73 -30.12 14.24
N VAL H 178 -26.77 -28.84 13.89
CA VAL H 178 -25.70 -27.92 14.26
C VAL H 178 -26.29 -26.69 14.95
N LEU H 179 -25.44 -26.00 15.70
CA LEU H 179 -25.83 -24.75 16.33
C LEU H 179 -26.11 -23.70 15.28
N ASP H 180 -27.02 -22.77 15.61
CA ASP H 180 -27.21 -21.60 14.76
C ASP H 180 -25.89 -20.91 14.45
N ALA H 181 -24.92 -20.98 15.37
CA ALA H 181 -23.65 -20.29 15.21
C ALA H 181 -22.74 -20.96 14.19
N ALA H 182 -23.06 -22.17 13.76
CA ALA H 182 -22.15 -22.97 12.93
C ALA H 182 -22.53 -22.95 11.45
N VAL H 183 -23.45 -22.08 11.04
CA VAL H 183 -23.85 -22.07 9.63
C VAL H 183 -22.66 -21.67 8.77
N GLY H 184 -21.97 -20.60 9.15
CA GLY H 184 -20.74 -20.26 8.45
C GLY H 184 -19.76 -21.43 8.39
N TYR H 185 -19.60 -22.15 9.51
CA TYR H 185 -18.66 -23.26 9.59
C TYR H 185 -19.03 -24.40 8.66
N ILE H 186 -20.30 -24.75 8.60
CA ILE H 186 -20.72 -25.98 7.95
C ILE H 186 -21.10 -25.82 6.50
N MET H 187 -21.20 -24.58 6.00
CA MET H 187 -21.71 -24.36 4.64
C MET H 187 -20.80 -25.02 3.61
N GLU H 188 -19.49 -24.88 3.74
CA GLU H 188 -18.58 -25.46 2.77
C GLU H 188 -18.75 -26.96 2.61
N LYS H 189 -19.46 -27.61 3.53
CA LYS H 189 -19.72 -29.05 3.42
C LYS H 189 -21.05 -29.34 2.75
N ALA H 190 -21.80 -28.32 2.38
CA ALA H 190 -23.13 -28.46 1.81
C ALA H 190 -23.11 -28.16 0.31
N ASP H 191 -24.12 -28.67 -0.38
CA ASP H 191 -24.23 -28.52 -1.85
C ASP H 191 -25.29 -27.48 -2.20
N LEU H 192 -26.34 -27.40 -1.41
CA LEU H 192 -27.41 -26.43 -1.67
C LEU H 192 -28.18 -26.20 -0.37
N VAL H 193 -28.99 -25.15 -0.37
CA VAL H 193 -29.81 -24.80 0.79
C VAL H 193 -31.27 -24.83 0.39
N ILE H 194 -32.12 -25.37 1.26
CA ILE H 194 -33.56 -25.41 1.05
C ILE H 194 -34.24 -24.95 2.33
N VAL H 195 -35.06 -23.90 2.23
CA VAL H 195 -35.80 -23.37 3.36
C VAL H 195 -37.23 -23.08 2.94
N GLY H 196 -38.11 -22.95 3.93
CA GLY H 196 -39.45 -22.49 3.71
C GLY H 196 -39.57 -20.97 3.88
N ALA H 197 -40.82 -20.52 4.02
CA ALA H 197 -41.10 -19.11 4.16
C ALA H 197 -42.44 -18.92 4.85
N GLU H 198 -42.48 -18.00 5.82
CA GLU H 198 -43.76 -17.54 6.34
C GLU H 198 -44.45 -16.64 5.34
N GLY H 199 -43.68 -15.89 4.55
CA GLY H 199 -44.25 -15.01 3.55
C GLY H 199 -43.29 -14.69 2.42
N VAL H 200 -43.82 -14.57 1.21
CA VAL H 200 -43.06 -14.14 0.05
C VAL H 200 -43.50 -12.72 -0.28
N VAL H 201 -42.56 -11.77 -0.24
CA VAL H 201 -42.87 -10.37 -0.41
C VAL H 201 -42.74 -10.01 -1.88
N GLU H 202 -43.06 -8.78 -2.24
CA GLU H 202 -43.33 -8.45 -3.63
C GLU H 202 -42.08 -8.48 -4.50
N ASN H 203 -40.92 -8.20 -3.95
CA ASN H 203 -39.69 -8.24 -4.74
C ASN H 203 -39.13 -9.65 -4.91
N GLY H 204 -39.84 -10.66 -4.41
CA GLY H 204 -39.34 -12.01 -4.42
C GLY H 204 -38.58 -12.42 -3.17
N GLY H 205 -38.40 -11.50 -2.22
CA GLY H 205 -37.82 -11.84 -0.95
C GLY H 205 -38.78 -12.61 -0.07
N ILE H 206 -38.29 -13.01 1.09
CA ILE H 206 -39.06 -13.87 1.98
C ILE H 206 -38.90 -13.43 3.42
N ILE H 207 -39.97 -13.56 4.19
CA ILE H 207 -39.96 -13.46 5.64
C ILE H 207 -39.98 -14.87 6.17
N ASN H 208 -39.02 -15.20 7.04
CA ASN H 208 -38.85 -16.56 7.52
C ASN H 208 -38.19 -16.54 8.89
N LYS H 209 -38.24 -17.69 9.56
CA LYS H 209 -37.71 -17.82 10.91
C LYS H 209 -36.34 -17.17 11.03
N ILE H 210 -36.14 -16.47 12.15
CA ILE H 210 -34.89 -15.74 12.38
C ILE H 210 -33.73 -16.69 12.18
N GLY H 211 -32.74 -16.24 11.42
CA GLY H 211 -31.61 -17.06 11.02
C GLY H 211 -31.56 -17.35 9.54
N THR H 212 -32.66 -17.14 8.81
CA THR H 212 -32.65 -17.40 7.38
C THR H 212 -31.75 -16.41 6.65
N ASN H 213 -31.83 -15.13 7.02
CA ASN H 213 -31.03 -14.14 6.31
C ASN H 213 -29.55 -14.52 6.30
N GLN H 214 -28.99 -14.79 7.47
CA GLN H 214 -27.55 -15.04 7.51
C GLN H 214 -27.18 -16.33 6.78
N MET H 215 -28.04 -17.35 6.83
CA MET H 215 -27.81 -18.53 6.02
C MET H 215 -27.72 -18.16 4.54
N ALA H 216 -28.62 -17.31 4.05
CA ALA H 216 -28.60 -16.92 2.65
C ALA H 216 -27.31 -16.17 2.32
N VAL H 217 -26.91 -15.23 3.19
CA VAL H 217 -25.70 -14.45 2.93
C VAL H 217 -24.48 -15.37 2.91
N CYS H 218 -24.48 -16.39 3.77
CA CYS H 218 -23.36 -17.34 3.79
C CYS H 218 -23.39 -18.25 2.57
N ALA H 219 -24.57 -18.67 2.12
CA ALA H 219 -24.65 -19.46 0.90
C ALA H 219 -24.22 -18.65 -0.32
N LYS H 220 -24.63 -17.39 -0.41
CA LYS H 220 -24.20 -16.57 -1.53
C LYS H 220 -22.68 -16.41 -1.55
N ALA H 221 -22.07 -16.27 -0.38
CA ALA H 221 -20.63 -16.03 -0.34
C ALA H 221 -19.84 -17.25 -0.80
N GLN H 222 -20.47 -18.42 -0.86
CA GLN H 222 -19.79 -19.63 -1.31
C GLN H 222 -20.40 -20.23 -2.58
N ASN H 223 -21.31 -19.53 -3.25
CA ASN H 223 -21.95 -20.02 -4.47
C ASN H 223 -22.70 -21.32 -4.21
N LYS H 224 -23.32 -21.43 -3.05
CA LYS H 224 -24.26 -22.50 -2.79
C LYS H 224 -25.65 -22.03 -3.21
N PRO H 225 -26.34 -22.75 -4.09
CA PRO H 225 -27.70 -22.32 -4.46
C PRO H 225 -28.60 -22.26 -3.24
N PHE H 226 -29.51 -21.28 -3.23
CA PHE H 226 -30.44 -21.04 -2.14
C PHE H 226 -31.84 -21.17 -2.71
N TYR H 227 -32.56 -22.22 -2.29
CA TYR H 227 -33.87 -22.54 -2.82
C TYR H 227 -34.94 -22.38 -1.74
N VAL H 228 -36.06 -21.79 -2.12
CA VAL H 228 -37.19 -21.58 -1.23
C VAL H 228 -38.34 -22.45 -1.72
N VAL H 229 -39.13 -22.96 -0.77
CA VAL H 229 -40.35 -23.72 -1.08
C VAL H 229 -41.48 -23.17 -0.23
N ALA H 230 -42.51 -22.62 -0.88
CA ALA H 230 -43.58 -21.95 -0.16
C ALA H 230 -44.86 -21.97 -0.98
N GLU H 231 -45.99 -22.01 -0.29
CA GLU H 231 -47.29 -22.04 -0.96
C GLU H 231 -47.71 -20.65 -1.46
N SER H 232 -48.47 -20.66 -2.55
CA SER H 232 -48.86 -19.39 -3.17
C SER H 232 -49.62 -18.49 -2.20
N PHE H 233 -50.37 -19.06 -1.25
CA PHE H 233 -51.14 -18.22 -0.34
C PHE H 233 -50.25 -17.40 0.58
N LYS H 234 -48.95 -17.61 0.55
CA LYS H 234 -48.00 -16.86 1.37
C LYS H 234 -47.47 -15.63 0.65
N PHE H 235 -47.89 -15.40 -0.60
CA PHE H 235 -47.56 -14.17 -1.32
C PHE H 235 -48.25 -12.99 -0.62
N VAL H 236 -47.48 -12.10 -0.02
CA VAL H 236 -48.02 -11.03 0.79
C VAL H 236 -47.77 -9.70 0.10
N ARG H 237 -48.71 -8.77 0.26
CA ARG H 237 -48.62 -7.44 -0.36
C ARG H 237 -47.76 -6.54 0.53
N LEU H 238 -46.47 -6.86 0.56
CA LEU H 238 -45.44 -6.12 1.28
C LEU H 238 -44.27 -5.90 0.35
N PHE H 239 -43.54 -4.79 0.55
CA PHE H 239 -42.33 -4.52 -0.22
C PHE H 239 -41.26 -3.94 0.68
N PRO H 240 -40.64 -4.78 1.51
CA PRO H 240 -39.51 -4.33 2.32
C PRO H 240 -38.19 -4.47 1.58
N LEU H 241 -37.25 -3.61 1.94
CA LEU H 241 -35.89 -3.68 1.40
C LEU H 241 -34.82 -3.78 2.48
N ASN H 242 -35.21 -4.02 3.73
CA ASN H 242 -34.28 -4.15 4.85
C ASN H 242 -35.10 -4.61 6.05
N GLN H 243 -34.38 -5.01 7.12
CA GLN H 243 -35.07 -5.57 8.28
C GLN H 243 -36.03 -4.56 8.88
N GLN H 244 -35.66 -3.27 8.89
CA GLN H 244 -36.52 -2.25 9.45
C GLN H 244 -37.92 -2.28 8.83
N ASP H 245 -38.00 -2.58 7.54
CA ASP H 245 -39.26 -2.43 6.81
C ASP H 245 -40.23 -3.57 7.04
N VAL H 246 -39.81 -4.65 7.71
CA VAL H 246 -40.74 -5.73 8.07
C VAL H 246 -41.55 -5.22 9.26
N PRO H 247 -42.87 -5.07 9.13
CA PRO H 247 -43.64 -4.49 10.23
C PRO H 247 -43.51 -5.30 11.51
N ASP H 248 -43.63 -4.59 12.64
CA ASP H 248 -43.44 -5.24 13.93
C ASP H 248 -44.51 -6.28 14.22
N LYS H 249 -45.69 -6.14 13.63
CA LYS H 249 -46.77 -7.07 13.92
C LYS H 249 -46.53 -8.46 13.35
N PHE H 250 -45.70 -8.60 12.32
CA PHE H 250 -45.34 -9.91 11.78
C PHE H 250 -44.05 -10.47 12.37
N LYS H 251 -43.30 -9.64 13.10
CA LYS H 251 -41.95 -9.97 13.56
C LYS H 251 -41.91 -10.49 14.99
N TYR H 252 -42.88 -10.14 15.81
CA TYR H 252 -42.95 -10.56 17.20
C TYR H 252 -44.29 -11.25 17.45
N LYS H 253 -44.30 -12.15 18.44
CA LYS H 253 -45.53 -12.83 18.84
C LYS H 253 -46.22 -12.09 19.97
N ALA H 254 -47.55 -12.14 19.96
CA ALA H 254 -48.35 -11.42 20.96
C ALA H 254 -48.81 -12.36 22.06
N HIS H 270 -36.66 -9.76 20.92
CA HIS H 270 -36.08 -10.83 20.08
C HIS H 270 -37.01 -11.13 18.91
N PRO H 271 -36.60 -10.81 17.68
CA PRO H 271 -37.46 -11.09 16.53
C PRO H 271 -37.54 -12.56 16.21
N TRP H 272 -38.69 -12.96 15.66
CA TRP H 272 -38.93 -14.36 15.29
C TRP H 272 -38.71 -14.62 13.81
N VAL H 273 -38.72 -13.59 12.97
CA VAL H 273 -38.50 -13.74 11.54
C VAL H 273 -37.56 -12.62 11.10
N ASP H 274 -36.77 -12.91 10.07
CA ASP H 274 -35.98 -11.89 9.38
C ASP H 274 -36.36 -11.87 7.89
N TYR H 275 -35.80 -10.91 7.18
CA TYR H 275 -36.06 -10.71 5.76
C TYR H 275 -34.83 -11.12 4.96
N THR H 276 -35.04 -11.86 3.89
CA THR H 276 -33.99 -12.30 2.99
C THR H 276 -34.22 -11.67 1.64
N ALA H 277 -33.28 -10.83 1.20
CA ALA H 277 -33.45 -10.10 -0.06
C ALA H 277 -33.50 -11.07 -1.24
N PRO H 278 -34.13 -10.67 -2.34
CA PRO H 278 -34.22 -11.57 -3.50
C PRO H 278 -32.87 -11.81 -4.20
N SER H 279 -31.89 -10.93 -4.02
CA SER H 279 -30.58 -11.19 -4.60
C SER H 279 -29.89 -12.40 -3.97
N LEU H 280 -30.40 -12.89 -2.85
CA LEU H 280 -29.83 -14.04 -2.15
C LEU H 280 -30.62 -15.30 -2.39
N ILE H 281 -31.65 -15.26 -3.22
CA ILE H 281 -32.52 -16.40 -3.50
C ILE H 281 -32.34 -16.80 -4.96
N THR H 282 -32.04 -18.08 -5.18
CA THR H 282 -31.82 -18.58 -6.54
C THR H 282 -33.15 -18.84 -7.25
N LEU H 283 -34.02 -19.63 -6.65
CA LEU H 283 -35.34 -19.88 -7.21
C LEU H 283 -36.35 -20.14 -6.10
N LEU H 284 -37.61 -19.84 -6.40
CA LEU H 284 -38.75 -20.20 -5.55
C LEU H 284 -39.49 -21.32 -6.24
N PHE H 285 -39.83 -22.37 -5.49
CA PHE H 285 -40.62 -23.49 -5.99
C PHE H 285 -41.99 -23.40 -5.34
N THR H 286 -42.97 -22.99 -6.13
CA THR H 286 -44.33 -22.75 -5.67
C THR H 286 -45.29 -23.76 -6.29
N ASP H 287 -46.55 -23.70 -5.84
CA ASP H 287 -47.62 -24.45 -6.50
C ASP H 287 -48.02 -23.82 -7.82
N LEU H 288 -47.41 -22.71 -8.20
CA LEU H 288 -47.58 -22.14 -9.53
C LEU H 288 -46.37 -22.42 -10.42
N GLY H 289 -45.43 -23.23 -9.97
CA GLY H 289 -44.25 -23.57 -10.73
C GLY H 289 -42.99 -22.94 -10.14
N VAL H 290 -41.90 -23.11 -10.87
CA VAL H 290 -40.61 -22.57 -10.45
C VAL H 290 -40.52 -21.11 -10.88
N LEU H 291 -40.07 -20.25 -9.95
CA LEU H 291 -40.03 -18.82 -10.17
C LEU H 291 -38.66 -18.26 -9.79
N THR H 292 -38.18 -17.31 -10.62
CA THR H 292 -37.13 -16.42 -10.13
C THR H 292 -37.75 -15.37 -9.21
N PRO H 293 -36.99 -14.85 -8.26
CA PRO H 293 -37.56 -13.83 -7.36
C PRO H 293 -38.14 -12.64 -8.09
N SER H 294 -37.50 -12.20 -9.18
CA SER H 294 -37.97 -11.01 -9.88
C SER H 294 -39.31 -11.23 -10.59
N ALA H 295 -39.69 -12.48 -10.83
CA ALA H 295 -40.94 -12.82 -11.49
C ALA H 295 -42.10 -12.95 -10.51
N VAL H 296 -41.89 -12.64 -9.23
CA VAL H 296 -42.93 -12.89 -8.24
C VAL H 296 -43.98 -11.79 -8.27
N SER H 297 -43.58 -10.53 -8.43
CA SER H 297 -44.58 -9.46 -8.48
C SER H 297 -45.59 -9.72 -9.59
N ASP H 298 -45.12 -10.23 -10.73
CA ASP H 298 -46.03 -10.55 -11.82
C ASP H 298 -46.93 -11.71 -11.45
N GLU H 299 -46.37 -12.77 -10.86
CA GLU H 299 -47.20 -13.86 -10.36
C GLU H 299 -48.17 -13.36 -9.29
N LEU H 300 -47.68 -12.52 -8.38
CA LEU H 300 -48.55 -11.92 -7.37
C LEU H 300 -49.71 -11.20 -8.04
N ILE H 301 -49.41 -10.31 -8.98
CA ILE H 301 -50.48 -9.77 -9.83
C ILE H 301 -51.31 -10.90 -10.39
N LYS H 302 -50.67 -11.89 -11.00
CA LYS H 302 -51.41 -12.93 -11.75
C LYS H 302 -52.30 -13.73 -10.80
N LEU H 303 -52.06 -13.63 -9.50
CA LEU H 303 -52.94 -14.42 -8.61
C LEU H 303 -54.25 -13.66 -8.46
N TYR H 304 -54.17 -12.38 -8.07
CA TYR H 304 -55.37 -11.56 -7.80
C TYR H 304 -56.36 -11.52 -8.97
N LEU H 305 -55.91 -11.52 -10.22
CA LEU H 305 -56.88 -11.47 -11.35
C LEU H 305 -57.14 -12.89 -11.89
N GLY H 306 -57.30 -13.87 -11.01
CA GLY H 306 -57.54 -15.25 -11.48
C GLY H 306 -58.92 -15.75 -11.08
#